data_4C2K
#
_entry.id   4C2K
#
_cell.length_a   54.730
_cell.length_b   196.770
_cell.length_c   79.650
_cell.angle_alpha   90.00
_cell.angle_beta   103.78
_cell.angle_gamma   90.00
#
_symmetry.space_group_name_H-M   'P 1 21 1'
#
loop_
_entity.id
_entity.type
_entity.pdbx_description
1 polymer '3-KETOACYL-COA THIOLASE, MITOCHONDRIAL'
2 non-polymer 1,2-ETHANEDIOL
3 non-polymer 2,3-DIHYDROXY-1,4-DITHIOBUTANE
4 non-polymer '2-(N-MORPHOLINO)-ETHANESULFONIC ACID'
5 water water
#
_entity_poly.entity_id   1
_entity_poly.type   'polypeptide(L)'
_entity_poly.pdbx_seq_one_letter_code
;MGSSHHHHHHSSGLVPRGSHMALLRGVFVVAAKRTPFGAYGGLLKDFTATDLSEFAAKAALSAGKVSPETVDSVIMGNVL
QSSSDAIYLARHVGLRVGIPKETPALTINRLCGSGFQSIVNGCQEICVKEAEVVLCGGTESMSQAPYCVRNVRFGTKLGS
DIKLEDSLWVSLTDQHVQLPMAMTAENLAVKHKISREECDKYALQSQQRWKAANDAGYFNDEMAPIEVKTKKGKQTMQVD
EHARPQTTLEQLQKLPPVFKKDGTVTAGNASGVADGAGAVIIASEDAVKKHNFTPLARIVGYFVSGCDPSIMGIGPVPAI
SGALKKAGLSLKDMDLVEVNEAFAPQYLAVERSLDLDISKTNVNGGAIALGHPLGGSGSRITAHLVHELRRRGGKYAVGS
ACIGGGQGIAVIIQSTA
;
_entity_poly.pdbx_strand_id   A,B,C,D
#
loop_
_chem_comp.id
_chem_comp.type
_chem_comp.name
_chem_comp.formula
DTT non-polymer 2,3-DIHYDROXY-1,4-DITHIOBUTANE 'C4 H10 O2 S2'
EDO non-polymer 1,2-ETHANEDIOL 'C2 H6 O2'
MES non-polymer '2-(N-MORPHOLINO)-ETHANESULFONIC ACID' 'C6 H13 N O4 S'
#
# COMPACT_ATOMS: atom_id res chain seq x y z
N ALA A 22 10.58 -19.11 46.23
CA ALA A 22 11.26 -18.26 47.27
C ALA A 22 12.30 -17.30 46.66
N LEU A 23 11.97 -16.00 46.53
CA LEU A 23 12.89 -15.07 45.87
C LEU A 23 14.16 -14.93 46.66
N LEU A 24 15.31 -15.00 45.99
CA LEU A 24 16.64 -14.89 46.63
C LEU A 24 16.88 -13.61 47.40
N ARG A 25 16.27 -12.50 47.00
CA ARG A 25 16.29 -11.28 47.79
C ARG A 25 14.89 -10.80 47.84
N GLY A 26 14.58 -10.00 48.84
CA GLY A 26 13.30 -9.37 48.91
C GLY A 26 13.16 -8.39 47.73
N VAL A 27 12.00 -8.42 47.08
CA VAL A 27 11.69 -7.47 45.99
C VAL A 27 10.39 -6.79 46.30
N PHE A 28 10.42 -5.45 46.32
CA PHE A 28 9.25 -4.65 46.74
C PHE A 28 8.76 -3.75 45.61
N VAL A 29 7.44 -3.67 45.47
CA VAL A 29 6.80 -2.68 44.64
C VAL A 29 6.77 -1.36 45.40
N VAL A 30 7.33 -0.33 44.81
CA VAL A 30 7.46 1.01 45.40
C VAL A 30 6.64 2.06 44.66
N ALA A 31 6.02 1.64 43.55
CA ALA A 31 5.12 2.46 42.76
C ALA A 31 4.43 1.58 41.72
N ALA A 32 3.18 1.91 41.47
CA ALA A 32 2.40 1.22 40.46
C ALA A 32 1.33 2.13 39.91
N LYS A 33 1.43 2.41 38.61
CA LYS A 33 0.48 3.23 37.89
C LYS A 33 0.12 2.65 36.54
N ARG A 34 -1.00 3.12 35.99
CA ARG A 34 -1.43 2.70 34.68
C ARG A 34 -2.30 3.76 34.08
N THR A 35 -2.21 3.89 32.74
CA THR A 35 -3.00 4.89 32.02
C THR A 35 -4.48 4.48 31.95
N PRO A 36 -5.40 5.44 31.77
CA PRO A 36 -6.66 5.02 31.25
C PRO A 36 -6.50 4.23 29.97
N PHE A 37 -7.40 3.30 29.71
CA PHE A 37 -7.33 2.49 28.50
C PHE A 37 -8.25 3.11 27.47
N GLY A 38 -7.70 3.35 26.28
CA GLY A 38 -8.45 3.88 25.16
C GLY A 38 -9.07 2.86 24.25
N ALA A 39 -10.22 3.21 23.66
CA ALA A 39 -10.89 2.34 22.73
C ALA A 39 -10.07 2.35 21.42
N TYR A 40 -10.29 1.33 20.61
CA TYR A 40 -9.72 1.19 19.26
C TYR A 40 -10.18 2.37 18.38
N GLY A 41 -9.21 3.12 17.87
CA GLY A 41 -9.56 4.35 17.13
C GLY A 41 -10.09 5.48 18.02
N GLY A 42 -9.88 5.37 19.34
CA GLY A 42 -10.49 6.31 20.31
C GLY A 42 -9.52 7.37 20.77
N LEU A 43 -9.67 7.76 22.02
CA LEU A 43 -9.01 8.97 22.53
C LEU A 43 -7.51 8.92 22.58
N LEU A 44 -6.91 7.74 22.59
CA LEU A 44 -5.45 7.64 22.70
C LEU A 44 -4.79 7.23 21.37
N LYS A 45 -5.56 7.18 20.28
CA LYS A 45 -5.11 6.57 19.02
C LYS A 45 -3.85 7.21 18.46
N ASP A 46 -3.63 8.49 18.70
CA ASP A 46 -2.47 9.19 18.17
C ASP A 46 -1.21 9.08 19.02
N PHE A 47 -1.31 8.46 20.19
CA PHE A 47 -0.14 8.27 21.03
C PHE A 47 0.43 6.92 20.71
N THR A 48 1.74 6.87 20.51
CA THR A 48 2.40 5.59 20.29
C THR A 48 2.48 4.76 21.58
N ALA A 49 2.80 3.46 21.46
CA ALA A 49 3.07 2.65 22.61
C ALA A 49 4.20 3.22 23.47
N THR A 50 5.22 3.77 22.82
CA THR A 50 6.29 4.52 23.55
C THR A 50 5.74 5.68 24.39
N ASP A 51 4.91 6.52 23.79
CA ASP A 51 4.26 7.63 24.48
C ASP A 51 3.44 7.13 25.72
N LEU A 52 2.64 6.09 25.55
CA LEU A 52 1.80 5.63 26.61
C LEU A 52 2.62 5.10 27.74
N SER A 53 3.68 4.41 27.41
CA SER A 53 4.58 3.88 28.42
C SER A 53 5.30 5.02 29.18
N GLU A 54 5.70 6.06 28.45
CA GLU A 54 6.30 7.25 29.05
C GLU A 54 5.32 7.84 30.10
N PHE A 55 4.05 7.97 29.72
CA PHE A 55 3.09 8.56 30.60
C PHE A 55 2.89 7.78 31.87
N ALA A 56 2.76 6.45 31.76
CA ALA A 56 2.69 5.61 32.94
C ALA A 56 3.92 5.67 33.81
N ALA A 57 5.09 5.52 33.20
CA ALA A 57 6.35 5.56 33.92
C ALA A 57 6.59 6.88 34.66
N LYS A 58 6.30 8.01 34.00
CA LYS A 58 6.43 9.35 34.64
C LYS A 58 5.52 9.43 35.85
N ALA A 59 4.30 8.95 35.70
CA ALA A 59 3.33 8.94 36.81
C ALA A 59 3.82 8.05 37.96
N ALA A 60 4.43 6.92 37.68
CA ALA A 60 4.96 6.02 38.69
C ALA A 60 6.12 6.61 39.45
N LEU A 61 7.05 7.14 38.74
CA LEU A 61 8.17 7.88 39.35
C LEU A 61 7.63 8.92 40.31
N SER A 62 6.67 9.70 39.86
CA SER A 62 6.09 10.80 40.68
C SER A 62 5.32 10.28 41.89
N ALA A 63 4.44 9.32 41.67
CA ALA A 63 3.63 8.76 42.74
C ALA A 63 4.50 8.07 43.81
N GLY A 64 5.59 7.39 43.43
CA GLY A 64 6.43 6.72 44.40
C GLY A 64 7.55 7.60 44.97
N LYS A 65 7.60 8.84 44.51
CA LYS A 65 8.69 9.76 44.80
C LYS A 65 10.01 9.06 44.58
N VAL A 66 10.08 8.32 43.46
CA VAL A 66 11.29 7.62 43.04
C VAL A 66 12.05 8.52 42.12
N SER A 67 13.28 8.87 42.49
CA SER A 67 14.12 9.63 41.61
C SER A 67 14.53 8.75 40.41
N PRO A 68 14.42 9.27 39.20
CA PRO A 68 14.87 8.51 37.99
C PRO A 68 16.29 8.05 38.07
N GLU A 69 17.12 8.83 38.79
CA GLU A 69 18.48 8.55 38.93
C GLU A 69 18.73 7.22 39.63
N THR A 70 17.78 6.75 40.43
CA THR A 70 17.96 5.49 41.16
C THR A 70 17.66 4.25 40.29
N VAL A 71 17.04 4.42 39.14
CA VAL A 71 16.66 3.29 38.29
C VAL A 71 17.89 2.73 37.55
N ASP A 72 18.17 1.43 37.79
CA ASP A 72 19.28 0.67 37.21
C ASP A 72 18.97 -0.15 35.97
N SER A 73 17.69 -0.36 35.68
CA SER A 73 17.26 -1.16 34.53
C SER A 73 15.85 -0.79 34.15
N VAL A 74 15.60 -0.73 32.84
CA VAL A 74 14.26 -0.49 32.29
C VAL A 74 13.89 -1.73 31.47
N ILE A 75 12.73 -2.27 31.77
CA ILE A 75 12.21 -3.47 31.07
C ILE A 75 10.77 -3.20 30.73
N MET A 76 10.46 -3.21 29.46
CA MET A 76 9.12 -2.94 28.98
C MET A 76 8.54 -4.15 28.21
N GLY A 77 7.31 -4.51 28.55
CA GLY A 77 6.52 -5.43 27.71
C GLY A 77 5.77 -4.72 26.59
N ASN A 78 5.91 -5.24 25.37
CA ASN A 78 5.23 -4.71 24.21
C ASN A 78 5.14 -5.84 23.19
N VAL A 79 3.96 -6.08 22.63
CA VAL A 79 3.75 -7.28 21.77
C VAL A 79 3.91 -6.98 20.26
N LEU A 80 3.10 -6.06 19.77
CA LEU A 80 2.97 -5.79 18.35
C LEU A 80 3.60 -4.43 18.08
N GLN A 81 4.72 -4.43 17.39
CA GLN A 81 5.46 -3.20 17.07
C GLN A 81 4.57 -2.32 16.19
N SER A 82 4.17 -1.16 16.64
CA SER A 82 3.13 -0.40 15.94
C SER A 82 3.49 1.07 15.68
N SER A 83 4.76 1.41 15.76
CA SER A 83 5.22 2.74 15.38
C SER A 83 6.59 2.64 14.73
N SER A 84 6.97 3.68 14.03
CA SER A 84 8.28 3.67 13.31
C SER A 84 9.48 3.61 14.29
N ASP A 85 9.24 4.03 15.56
CA ASP A 85 10.29 4.00 16.57
C ASP A 85 10.20 2.78 17.53
N ALA A 86 9.34 1.82 17.21
CA ALA A 86 9.05 0.72 18.10
C ALA A 86 10.22 -0.07 18.64
N ILE A 87 11.25 -0.34 17.82
CA ILE A 87 12.27 -1.23 18.27
C ILE A 87 13.13 -0.61 19.37
N TYR A 88 13.02 0.71 19.53
CA TYR A 88 13.78 1.47 20.52
C TYR A 88 12.91 1.72 21.81
N LEU A 89 11.70 1.16 21.85
CA LEU A 89 10.69 1.53 22.92
C LEU A 89 11.18 1.69 24.35
N ALA A 90 11.75 0.63 24.94
CA ALA A 90 12.20 0.75 26.30
C ALA A 90 13.29 1.82 26.51
N ARG A 91 14.28 1.90 25.62
CA ARG A 91 15.33 2.90 25.70
C ARG A 91 14.78 4.34 25.63
N HIS A 92 13.86 4.60 24.72
CA HIS A 92 13.30 5.91 24.59
C HIS A 92 12.47 6.27 25.83
N VAL A 93 11.71 5.31 26.36
CA VAL A 93 10.93 5.59 27.59
C VAL A 93 11.87 5.98 28.74
N GLY A 94 12.93 5.22 28.95
CA GLY A 94 13.88 5.48 29.98
C GLY A 94 14.44 6.88 29.83
N LEU A 95 14.95 7.23 28.63
CA LEU A 95 15.54 8.53 28.44
C LEU A 95 14.54 9.67 28.63
N ARG A 96 13.35 9.52 28.09
CA ARG A 96 12.34 10.57 28.17
C ARG A 96 11.92 10.89 29.58
N VAL A 97 12.02 9.90 30.48
CA VAL A 97 11.57 10.14 31.86
C VAL A 97 12.72 10.51 32.80
N GLY A 98 13.90 10.69 32.26
CA GLY A 98 15.05 11.25 32.97
C GLY A 98 15.92 10.21 33.64
N ILE A 99 15.71 8.93 33.33
CA ILE A 99 16.59 7.91 33.85
C ILE A 99 17.93 8.07 33.11
N PRO A 100 19.08 7.94 33.82
CA PRO A 100 20.39 8.22 33.22
C PRO A 100 20.65 7.40 32.03
N LYS A 101 21.48 7.91 31.14
CA LYS A 101 21.79 7.23 29.90
C LYS A 101 22.58 5.93 30.11
N GLU A 102 23.26 5.82 31.24
CA GLU A 102 24.00 4.60 31.56
C GLU A 102 23.08 3.39 31.87
N THR A 103 21.83 3.67 32.24
CA THR A 103 20.88 2.62 32.55
C THR A 103 20.41 1.90 31.30
N PRO A 104 20.62 0.58 31.24
CA PRO A 104 20.17 -0.13 30.03
C PRO A 104 18.65 -0.36 29.92
N ALA A 105 18.19 -0.75 28.75
CA ALA A 105 16.76 -0.82 28.48
C ALA A 105 16.43 -2.00 27.55
N LEU A 106 15.45 -2.79 27.95
CA LEU A 106 15.08 -4.05 27.29
C LEU A 106 13.60 -4.11 26.99
N THR A 107 13.22 -4.56 25.79
CA THR A 107 11.82 -4.78 25.45
C THR A 107 11.61 -6.29 25.41
N ILE A 108 10.52 -6.79 26.03
CA ILE A 108 10.23 -8.20 25.99
C ILE A 108 8.87 -8.46 25.40
N ASN A 109 8.65 -9.70 24.95
CA ASN A 109 7.38 -10.10 24.37
C ASN A 109 7.01 -11.51 24.82
N ARG A 110 6.08 -11.60 25.78
CA ARG A 110 5.42 -12.87 26.06
C ARG A 110 3.92 -12.67 25.83
N LEU A 111 3.62 -12.04 24.68
CA LEU A 111 2.29 -11.74 24.20
C LEU A 111 1.45 -11.16 25.32
N CYS A 112 0.25 -11.67 25.53
CA CYS A 112 -0.71 -11.13 26.60
C CYS A 112 -0.14 -11.04 28.03
N GLY A 113 0.90 -11.81 28.31
CA GLY A 113 1.51 -11.87 29.61
C GLY A 113 2.63 -10.90 29.78
N SER A 114 2.93 -10.13 28.74
CA SER A 114 4.13 -9.26 28.74
C SER A 114 4.21 -8.26 29.90
N GLY A 115 3.08 -7.68 30.26
CA GLY A 115 3.00 -6.75 31.40
C GLY A 115 3.39 -7.37 32.73
N PHE A 116 3.06 -8.65 32.92
CA PHE A 116 3.57 -9.42 34.08
C PHE A 116 5.01 -9.87 33.91
N GLN A 117 5.38 -10.26 32.68
CA GLN A 117 6.73 -10.72 32.42
C GLN A 117 7.81 -9.68 32.70
N SER A 118 7.55 -8.43 32.38
CA SER A 118 8.57 -7.38 32.64
C SER A 118 8.95 -7.38 34.11
N ILE A 119 7.97 -7.59 34.97
CA ILE A 119 8.17 -7.62 36.38
C ILE A 119 8.96 -8.85 36.75
N VAL A 120 8.61 -10.01 36.18
CA VAL A 120 9.38 -11.22 36.40
C VAL A 120 10.88 -11.06 36.03
N ASN A 121 11.16 -10.46 34.87
CA ASN A 121 12.56 -10.19 34.48
C ASN A 121 13.25 -9.22 35.46
N GLY A 122 12.53 -8.21 35.92
CA GLY A 122 13.05 -7.26 36.93
C GLY A 122 13.41 -7.97 38.23
N CYS A 123 12.55 -8.89 38.63
CA CYS A 123 12.79 -9.70 39.84
C CYS A 123 14.00 -10.54 39.75
N GLN A 124 14.17 -11.18 38.61
CA GLN A 124 15.37 -11.96 38.35
C GLN A 124 16.65 -11.12 38.39
N GLU A 125 16.63 -9.98 37.70
CA GLU A 125 17.81 -9.07 37.75
C GLU A 125 18.18 -8.64 39.16
N ILE A 126 17.17 -8.31 40.00
CA ILE A 126 17.44 -7.86 41.36
C ILE A 126 18.05 -9.04 42.13
N CYS A 127 17.45 -10.22 41.95
CA CYS A 127 17.82 -11.41 42.68
C CYS A 127 19.18 -11.89 42.36
N VAL A 128 19.68 -11.69 41.14
CA VAL A 128 21.07 -12.05 40.87
C VAL A 128 22.02 -10.80 41.04
N LYS A 129 21.50 -9.73 41.62
CA LYS A 129 22.25 -8.47 41.94
C LYS A 129 22.84 -7.76 40.70
N GLU A 130 22.14 -7.83 39.59
CA GLU A 130 22.48 -7.02 38.43
C GLU A 130 21.70 -5.71 38.39
N ALA A 131 20.75 -5.54 39.32
CA ALA A 131 20.00 -4.32 39.44
C ALA A 131 19.48 -4.18 40.87
N GLU A 132 19.17 -2.95 41.25
CA GLU A 132 18.62 -2.67 42.55
C GLU A 132 17.23 -2.16 42.42
N VAL A 133 16.95 -1.44 41.33
CA VAL A 133 15.71 -0.73 41.13
C VAL A 133 15.38 -0.86 39.63
N VAL A 134 14.27 -1.45 39.30
CA VAL A 134 13.89 -1.70 37.91
C VAL A 134 12.56 -1.06 37.60
N LEU A 135 12.51 -0.33 36.50
CA LEU A 135 11.24 0.17 36.00
C LEU A 135 10.71 -0.92 35.07
N CYS A 136 9.58 -1.52 35.49
CA CYS A 136 8.94 -2.64 34.72
C CYS A 136 7.60 -2.23 34.19
N GLY A 137 7.47 -2.08 32.90
CA GLY A 137 6.21 -1.60 32.33
C GLY A 137 5.65 -2.54 31.30
N GLY A 138 4.50 -2.16 30.81
CA GLY A 138 3.76 -2.91 29.80
C GLY A 138 3.01 -1.87 29.00
N THR A 139 3.01 -2.02 27.69
CA THR A 139 2.31 -1.07 26.84
C THR A 139 1.86 -1.63 25.52
N GLU A 140 0.77 -1.07 24.99
CA GLU A 140 0.31 -1.45 23.65
C GLU A 140 -0.50 -0.36 23.04
N SER A 141 -0.26 -0.05 21.76
CA SER A 141 -1.14 0.76 20.97
C SER A 141 -1.64 -0.12 19.84
N MET A 142 -2.85 -0.58 19.99
CA MET A 142 -3.45 -1.43 18.97
C MET A 142 -4.04 -0.61 17.84
N SER A 143 -4.46 0.61 18.15
CA SER A 143 -4.92 1.56 17.17
C SER A 143 -3.87 1.85 16.09
N GLN A 144 -2.60 1.78 16.48
CA GLN A 144 -1.50 2.07 15.57
C GLN A 144 -0.95 0.89 14.82
N ALA A 145 -1.51 -0.29 15.04
CA ALA A 145 -1.01 -1.45 14.35
C ALA A 145 -1.07 -1.18 12.84
N PRO A 146 0.04 -1.38 12.14
CA PRO A 146 0.06 -0.98 10.74
C PRO A 146 -0.55 -2.04 9.81
N TYR A 147 -0.74 -1.65 8.55
CA TYR A 147 -0.95 -2.59 7.47
C TYR A 147 0.44 -2.85 6.89
N CYS A 148 0.72 -4.10 6.61
CA CYS A 148 2.04 -4.48 6.09
C CYS A 148 1.95 -5.00 4.66
N VAL A 149 2.85 -4.50 3.82
CA VAL A 149 2.99 -5.02 2.47
C VAL A 149 4.25 -5.87 2.38
N ARG A 150 4.03 -7.12 2.10
CA ARG A 150 5.09 -8.13 2.20
C ARG A 150 5.45 -8.59 0.79
N ASN A 151 6.66 -9.13 0.67
CA ASN A 151 7.15 -9.73 -0.59
C ASN A 151 7.25 -8.83 -1.83
N VAL A 152 7.51 -7.53 -1.68
CA VAL A 152 7.62 -6.67 -2.84
C VAL A 152 8.98 -5.96 -2.97
N ARG A 153 9.94 -6.25 -2.09
CA ARG A 153 11.23 -5.59 -2.19
C ARG A 153 12.02 -5.97 -3.45
N PHE A 154 11.83 -7.18 -3.92
CA PHE A 154 12.71 -7.80 -4.89
C PHE A 154 11.98 -8.17 -6.20
N GLY A 155 10.88 -7.48 -6.49
CA GLY A 155 10.12 -7.75 -7.72
C GLY A 155 8.85 -8.57 -7.40
N THR A 156 7.88 -8.49 -8.31
CA THR A 156 6.62 -9.20 -8.18
C THR A 156 6.33 -9.93 -9.46
N LYS A 157 5.40 -10.87 -9.43
CA LYS A 157 4.98 -11.58 -10.63
C LYS A 157 3.67 -10.97 -11.04
N LEU A 158 3.55 -10.65 -12.33
CA LEU A 158 2.26 -10.20 -12.87
C LEU A 158 1.20 -11.21 -12.51
N GLY A 159 0.13 -10.75 -11.88
CA GLY A 159 -0.96 -11.63 -11.56
C GLY A 159 -0.91 -12.21 -10.16
N SER A 160 0.01 -11.72 -9.32
CA SER A 160 0.05 -12.22 -7.94
C SER A 160 -0.94 -11.46 -7.06
N ASP A 161 -1.27 -12.05 -5.93
CA ASP A 161 -2.29 -11.50 -5.04
C ASP A 161 -1.70 -10.87 -3.76
N ILE A 162 -1.11 -9.68 -3.91
CA ILE A 162 -0.48 -8.98 -2.79
C ILE A 162 -1.52 -8.33 -1.84
N LYS A 163 -1.37 -8.55 -0.55
CA LYS A 163 -2.31 -7.96 0.45
C LYS A 163 -1.72 -6.73 1.13
N LEU A 164 -2.60 -5.80 1.50
CA LEU A 164 -2.32 -4.85 2.58
C LEU A 164 -2.73 -5.63 3.81
N GLU A 165 -1.79 -6.38 4.37
CA GLU A 165 -2.14 -7.22 5.53
C GLU A 165 -2.38 -6.40 6.82
N ASP A 166 -3.49 -6.65 7.50
CA ASP A 166 -3.78 -6.03 8.79
C ASP A 166 -2.96 -6.77 9.87
N SER A 167 -1.88 -6.16 10.32
CA SER A 167 -0.97 -6.81 11.23
C SER A 167 -1.62 -7.21 12.52
N LEU A 168 -2.58 -6.41 12.98
CA LEU A 168 -3.31 -6.78 14.20
C LEU A 168 -4.15 -8.03 13.98
N TRP A 169 -4.99 -8.01 12.95
CA TRP A 169 -5.91 -9.12 12.71
C TRP A 169 -5.17 -10.44 12.54
N VAL A 170 -4.10 -10.45 11.71
CA VAL A 170 -3.35 -11.68 11.53
C VAL A 170 -2.65 -12.11 12.81
N SER A 171 -2.20 -11.20 13.64
CA SER A 171 -1.60 -11.58 14.90
C SER A 171 -2.56 -12.22 15.94
N LEU A 172 -3.85 -12.04 15.75
CA LEU A 172 -4.85 -12.63 16.62
C LEU A 172 -5.25 -14.03 16.18
N THR A 173 -4.50 -14.60 15.23
CA THR A 173 -4.60 -16.02 14.89
C THR A 173 -3.25 -16.64 15.21
N ASP A 174 -3.26 -17.78 15.90
CA ASP A 174 -2.05 -18.55 16.15
C ASP A 174 -1.92 -19.49 14.97
N GLN A 175 -0.96 -19.17 14.09
CA GLN A 175 -0.79 -19.93 12.87
C GLN A 175 -0.24 -21.32 13.09
N HIS A 176 0.36 -21.61 14.24
CA HIS A 176 0.75 -23.00 14.53
C HIS A 176 -0.46 -23.96 14.60
N VAL A 177 -1.58 -23.54 15.19
CA VAL A 177 -2.78 -24.38 15.21
C VAL A 177 -3.90 -23.87 14.26
N GLN A 178 -3.64 -22.76 13.59
CA GLN A 178 -4.57 -22.06 12.69
C GLN A 178 -5.90 -21.75 13.38
N LEU A 179 -5.83 -21.18 14.57
CA LEU A 179 -7.05 -20.77 15.27
C LEU A 179 -7.00 -19.29 15.64
N PRO A 180 -8.06 -18.53 15.29
CA PRO A 180 -8.24 -17.26 16.00
C PRO A 180 -8.31 -17.47 17.52
N MET A 181 -7.84 -16.49 18.28
CA MET A 181 -7.88 -16.55 19.71
C MET A 181 -9.30 -16.83 20.23
N ALA A 182 -10.30 -16.16 19.66
CA ALA A 182 -11.71 -16.40 20.02
C ALA A 182 -12.07 -17.88 19.83
N MET A 183 -11.49 -18.56 18.84
CA MET A 183 -11.86 -19.98 18.60
C MET A 183 -11.23 -20.89 19.66
N THR A 184 -10.09 -20.46 20.23
CA THR A 184 -9.49 -21.21 21.34
C THR A 184 -10.40 -21.04 22.56
N ALA A 185 -11.04 -19.89 22.67
CA ALA A 185 -12.04 -19.71 23.75
C ALA A 185 -13.29 -20.57 23.53
N GLU A 186 -13.79 -20.65 22.30
CA GLU A 186 -14.91 -21.54 22.00
C GLU A 186 -14.59 -22.99 22.34
N ASN A 187 -13.36 -23.44 22.03
CA ASN A 187 -12.90 -24.75 22.48
C ASN A 187 -13.09 -24.94 23.98
N LEU A 188 -12.79 -23.90 24.76
CA LEU A 188 -12.92 -24.03 26.22
C LEU A 188 -14.38 -24.02 26.66
N ALA A 189 -15.20 -23.26 25.98
CA ALA A 189 -16.62 -23.26 26.18
C ALA A 189 -17.18 -24.67 26.02
N VAL A 190 -16.75 -25.34 24.98
CA VAL A 190 -17.22 -26.75 24.67
C VAL A 190 -16.67 -27.72 25.70
N LYS A 191 -15.35 -27.68 25.94
CA LYS A 191 -14.71 -28.52 26.95
C LYS A 191 -15.29 -28.39 28.38
N HIS A 192 -15.55 -27.16 28.81
CA HIS A 192 -16.02 -26.93 30.20
C HIS A 192 -17.49 -26.67 30.32
N LYS A 193 -18.25 -26.91 29.26
CA LYS A 193 -19.68 -26.82 29.26
C LYS A 193 -20.17 -25.44 29.65
N ILE A 194 -19.59 -24.42 29.05
CA ILE A 194 -19.99 -23.05 29.36
C ILE A 194 -20.97 -22.58 28.31
N SER A 195 -22.18 -22.16 28.73
CA SER A 195 -23.18 -21.68 27.79
C SER A 195 -23.02 -20.21 27.45
N ARG A 196 -23.65 -19.84 26.35
CA ARG A 196 -23.75 -18.49 25.88
C ARG A 196 -24.35 -17.57 26.93
N GLU A 197 -25.42 -18.05 27.60
CA GLU A 197 -26.06 -17.29 28.66
C GLU A 197 -25.10 -17.00 29.83
N GLU A 198 -24.36 -18.01 30.27
CA GLU A 198 -23.39 -17.82 31.35
C GLU A 198 -22.29 -16.78 30.93
N CYS A 199 -21.87 -16.80 29.67
CA CYS A 199 -20.89 -15.87 29.19
C CYS A 199 -21.41 -14.42 29.26
N ASP A 200 -22.64 -14.21 28.82
CA ASP A 200 -23.25 -12.88 28.83
C ASP A 200 -23.45 -12.36 30.25
N LYS A 201 -23.81 -13.25 31.17
CA LYS A 201 -23.94 -12.84 32.56
C LYS A 201 -22.60 -12.45 33.16
N TYR A 202 -21.52 -13.16 32.79
CA TYR A 202 -20.22 -12.79 33.28
C TYR A 202 -19.89 -11.39 32.71
N ALA A 203 -20.15 -11.17 31.42
CA ALA A 203 -19.84 -9.90 30.77
C ALA A 203 -20.57 -8.73 31.46
N LEU A 204 -21.85 -8.91 31.72
CA LEU A 204 -22.62 -7.90 32.48
C LEU A 204 -22.00 -7.59 33.83
N GLN A 205 -21.66 -8.63 34.58
CA GLN A 205 -21.02 -8.43 35.86
C GLN A 205 -19.69 -7.64 35.76
N SER A 206 -18.86 -7.91 34.75
CA SER A 206 -17.64 -7.16 34.55
C SER A 206 -17.98 -5.68 34.35
N GLN A 207 -18.97 -5.37 33.53
CA GLN A 207 -19.37 -3.96 33.31
C GLN A 207 -19.82 -3.30 34.58
N GLN A 208 -20.66 -4.02 35.35
CA GLN A 208 -21.19 -3.51 36.63
C GLN A 208 -20.07 -3.29 37.62
N ARG A 209 -19.16 -4.27 37.73
CA ARG A 209 -18.09 -4.12 38.68
C ARG A 209 -17.15 -2.95 38.31
N TRP A 210 -16.85 -2.82 37.00
CA TRP A 210 -15.98 -1.73 36.55
C TRP A 210 -16.63 -0.40 36.97
N LYS A 211 -17.91 -0.28 36.68
CA LYS A 211 -18.66 0.95 36.96
C LYS A 211 -18.67 1.31 38.44
N ALA A 212 -19.02 0.34 39.29
CA ALA A 212 -19.01 0.54 40.75
C ALA A 212 -17.67 0.97 41.27
N ALA A 213 -16.61 0.29 40.81
CA ALA A 213 -15.26 0.61 41.26
C ALA A 213 -14.83 2.00 40.80
N ASN A 214 -15.10 2.32 39.54
CA ASN A 214 -14.66 3.59 38.99
C ASN A 214 -15.30 4.74 39.83
N ASP A 215 -16.60 4.67 39.96
CA ASP A 215 -17.36 5.66 40.71
C ASP A 215 -17.02 5.71 42.20
N ALA A 216 -16.57 4.59 42.78
CA ALA A 216 -16.15 4.58 44.16
C ALA A 216 -14.75 5.11 44.40
N GLY A 217 -13.98 5.35 43.33
CA GLY A 217 -12.61 5.80 43.46
C GLY A 217 -11.55 4.70 43.53
N TYR A 218 -11.91 3.47 43.22
CA TYR A 218 -11.00 2.34 43.44
C TYR A 218 -9.89 2.31 42.36
N PHE A 219 -10.01 3.15 41.33
CA PHE A 219 -8.98 3.29 40.29
C PHE A 219 -8.16 4.57 40.48
N ASN A 220 -8.46 5.36 41.52
CA ASN A 220 -7.81 6.67 41.69
C ASN A 220 -6.33 6.61 41.96
N ASP A 221 -5.89 5.74 42.87
CA ASP A 221 -4.51 5.66 43.22
C ASP A 221 -3.67 5.15 42.01
N GLU A 222 -4.22 4.23 41.24
CA GLU A 222 -3.45 3.64 40.10
C GLU A 222 -3.42 4.51 38.80
N MET A 223 -4.38 5.40 38.63
CA MET A 223 -4.64 6.09 37.37
C MET A 223 -3.63 7.20 37.07
N ALA A 224 -3.15 7.17 35.82
CA ALA A 224 -2.15 8.11 35.32
C ALA A 224 -2.87 8.86 34.22
N PRO A 225 -3.53 9.97 34.59
CA PRO A 225 -4.30 10.71 33.57
C PRO A 225 -3.49 11.28 32.41
N ILE A 226 -4.13 11.39 31.25
CA ILE A 226 -3.49 11.82 30.04
C ILE A 226 -4.34 12.93 29.42
N GLU A 227 -3.69 14.00 29.06
CA GLU A 227 -4.30 15.10 28.29
C GLU A 227 -4.56 14.68 26.83
N VAL A 228 -5.78 14.81 26.37
CA VAL A 228 -6.18 14.35 25.05
C VAL A 228 -6.93 15.46 24.28
N LYS A 229 -7.11 15.25 22.97
CA LYS A 229 -7.83 16.18 22.10
C LYS A 229 -9.22 15.69 21.88
N THR A 230 -10.15 16.63 21.86
CA THR A 230 -11.54 16.34 21.60
C THR A 230 -12.03 17.45 20.69
N LYS A 231 -13.22 17.30 20.13
CA LYS A 231 -13.79 18.37 19.31
C LYS A 231 -14.07 19.57 20.22
N LYS A 232 -14.14 19.31 21.53
CA LYS A 232 -14.26 20.33 22.56
C LYS A 232 -12.94 20.92 23.05
N GLY A 233 -11.82 20.57 22.41
CA GLY A 233 -10.51 21.07 22.83
C GLY A 233 -9.82 20.09 23.80
N LYS A 234 -8.74 20.52 24.42
CA LYS A 234 -7.95 19.70 25.32
C LYS A 234 -8.78 19.27 26.52
N GLN A 235 -8.70 18.00 26.89
CA GLN A 235 -9.33 17.51 28.11
C GLN A 235 -8.45 16.44 28.77
N THR A 236 -8.66 16.25 30.06
CA THR A 236 -7.93 15.25 30.83
C THR A 236 -8.71 13.94 30.76
N MET A 237 -8.07 12.87 30.24
CA MET A 237 -8.68 11.56 30.22
C MET A 237 -8.23 10.81 31.47
N GLN A 238 -9.20 10.39 32.28
CA GLN A 238 -8.91 9.63 33.47
C GLN A 238 -9.91 8.50 33.70
N VAL A 239 -10.73 8.21 32.70
CA VAL A 239 -11.69 7.13 32.77
C VAL A 239 -11.51 6.21 31.57
N ASP A 240 -11.61 4.91 31.80
CA ASP A 240 -11.49 3.92 30.73
C ASP A 240 -12.56 4.06 29.66
N GLU A 241 -12.15 4.17 28.40
CA GLU A 241 -13.09 4.53 27.32
C GLU A 241 -13.92 3.37 26.82
N HIS A 242 -13.42 2.16 26.94
CA HIS A 242 -14.11 1.02 26.32
C HIS A 242 -15.34 0.55 27.13
N ALA A 243 -15.43 0.96 28.37
CA ALA A 243 -16.46 0.48 29.25
C ALA A 243 -17.84 0.91 28.74
N ARG A 244 -18.83 0.05 28.96
CA ARG A 244 -20.20 0.25 28.48
C ARG A 244 -21.18 0.13 29.67
N PRO A 245 -21.21 1.17 30.53
CA PRO A 245 -21.96 1.13 31.79
C PRO A 245 -23.50 1.14 31.70
N GLN A 246 -24.04 1.25 30.49
CA GLN A 246 -25.50 1.08 30.31
C GLN A 246 -25.83 -0.30 29.74
N THR A 247 -24.86 -1.21 29.78
CA THR A 247 -25.09 -2.55 29.28
C THR A 247 -26.22 -3.25 30.06
N THR A 248 -27.05 -3.98 29.33
CA THR A 248 -28.03 -4.88 29.96
C THR A 248 -27.85 -6.27 29.41
N LEU A 249 -28.29 -7.26 30.17
CA LEU A 249 -28.32 -8.63 29.70
C LEU A 249 -29.10 -8.79 28.41
N GLU A 250 -30.21 -8.05 28.28
CA GLU A 250 -31.03 -8.08 27.06
C GLU A 250 -30.27 -7.64 25.82
N GLN A 251 -29.50 -6.57 25.94
CA GLN A 251 -28.66 -6.15 24.84
C GLN A 251 -27.64 -7.20 24.45
N LEU A 252 -27.01 -7.81 25.45
CA LEU A 252 -25.96 -8.83 25.22
C LEU A 252 -26.58 -10.06 24.54
N GLN A 253 -27.77 -10.43 25.00
CA GLN A 253 -28.49 -11.59 24.43
C GLN A 253 -28.78 -11.43 22.94
N LYS A 254 -28.92 -10.19 22.47
CA LYS A 254 -29.23 -9.92 21.08
C LYS A 254 -28.03 -9.94 20.14
N LEU A 255 -26.81 -9.91 20.69
CA LEU A 255 -25.61 -9.88 19.82
C LEU A 255 -25.38 -11.23 19.17
N PRO A 256 -24.94 -11.25 17.91
CA PRO A 256 -24.65 -12.49 17.25
C PRO A 256 -23.26 -13.05 17.58
N PRO A 257 -23.10 -14.38 17.57
CA PRO A 257 -21.76 -14.89 17.78
C PRO A 257 -20.92 -14.48 16.60
N VAL A 258 -19.66 -14.14 16.84
CA VAL A 258 -18.81 -13.55 15.81
C VAL A 258 -18.02 -14.58 15.01
N PHE A 259 -17.56 -15.64 15.65
CA PHE A 259 -16.61 -16.56 15.03
C PHE A 259 -17.21 -17.92 14.73
N LYS A 260 -18.29 -18.28 15.43
CA LYS A 260 -18.81 -19.64 15.36
C LYS A 260 -20.34 -19.65 15.42
N LYS A 261 -20.96 -20.40 14.52
CA LYS A 261 -22.41 -20.52 14.53
C LYS A 261 -22.85 -21.07 15.87
N ASP A 262 -23.81 -20.42 16.48
CA ASP A 262 -24.27 -20.76 17.82
C ASP A 262 -23.14 -20.78 18.85
N GLY A 263 -22.10 -19.98 18.62
CA GLY A 263 -20.96 -19.94 19.53
C GLY A 263 -21.27 -19.10 20.74
N THR A 264 -20.34 -19.10 21.68
CA THR A 264 -20.50 -18.29 22.86
C THR A 264 -19.94 -16.88 22.70
N VAL A 265 -18.94 -16.69 21.81
CA VAL A 265 -18.20 -15.38 21.78
C VAL A 265 -18.84 -14.36 20.90
N THR A 266 -19.16 -13.21 21.46
CA THR A 266 -19.74 -12.07 20.73
C THR A 266 -18.85 -10.85 20.91
N ALA A 267 -19.23 -9.75 20.28
CA ALA A 267 -18.56 -8.48 20.52
C ALA A 267 -18.81 -7.95 21.92
N GLY A 268 -19.85 -8.45 22.58
CA GLY A 268 -20.22 -7.97 23.89
C GLY A 268 -19.53 -8.71 25.03
N ASN A 269 -18.99 -9.91 24.79
CA ASN A 269 -18.45 -10.71 25.89
C ASN A 269 -17.03 -11.16 25.69
N ALA A 270 -16.37 -10.59 24.67
CA ALA A 270 -14.95 -10.68 24.51
C ALA A 270 -14.31 -9.34 24.95
N SER A 271 -13.03 -9.38 25.31
CA SER A 271 -12.31 -8.14 25.59
C SER A 271 -12.20 -7.33 24.31
N GLY A 272 -12.14 -6.01 24.43
CA GLY A 272 -11.99 -5.16 23.26
C GLY A 272 -10.51 -4.93 22.98
N VAL A 273 -10.19 -4.70 21.71
CA VAL A 273 -8.91 -4.19 21.25
C VAL A 273 -8.77 -2.80 21.85
N ALA A 274 -7.62 -2.46 22.40
CA ALA A 274 -7.50 -1.23 23.15
C ALA A 274 -6.07 -0.70 23.21
N ASP A 275 -5.93 0.55 23.66
CA ASP A 275 -4.64 1.19 23.81
C ASP A 275 -4.41 1.50 25.32
N GLY A 276 -3.21 1.26 25.80
CA GLY A 276 -2.89 1.53 27.22
C GLY A 276 -1.57 1.00 27.70
N ALA A 277 -1.14 1.49 28.87
CA ALA A 277 0.12 1.09 29.46
C ALA A 277 0.09 1.14 30.97
N GLY A 278 1.03 0.44 31.56
CA GLY A 278 1.30 0.59 33.00
C GLY A 278 2.78 0.59 33.30
N ALA A 279 3.09 0.93 34.54
CA ALA A 279 4.44 0.94 35.03
C ALA A 279 4.48 0.56 36.50
N VAL A 280 5.33 -0.41 36.79
CA VAL A 280 5.55 -0.89 38.15
C VAL A 280 7.02 -0.75 38.44
N ILE A 281 7.34 -0.03 39.50
CA ILE A 281 8.73 0.11 39.89
C ILE A 281 8.99 -0.81 41.06
N ILE A 282 10.00 -1.63 40.93
CA ILE A 282 10.38 -2.56 41.97
C ILE A 282 11.78 -2.29 42.44
N ALA A 283 12.04 -2.67 43.69
CA ALA A 283 13.32 -2.37 44.34
C ALA A 283 13.74 -3.48 45.34
N SER A 284 15.05 -3.69 45.47
CA SER A 284 15.61 -4.51 46.57
C SER A 284 15.38 -3.87 47.93
N GLU A 285 15.51 -4.64 49.00
CA GLU A 285 15.42 -4.07 50.36
C GLU A 285 16.44 -3.00 50.58
N ASP A 286 17.66 -3.24 50.08
CA ASP A 286 18.76 -2.32 50.23
C ASP A 286 18.39 -0.99 49.61
N ALA A 287 17.76 -1.03 48.44
CA ALA A 287 17.38 0.20 47.76
C ALA A 287 16.25 0.94 48.49
N VAL A 288 15.28 0.19 48.99
CA VAL A 288 14.18 0.80 49.73
C VAL A 288 14.74 1.63 50.90
N LYS A 289 15.73 1.06 51.59
CA LYS A 289 16.32 1.71 52.75
C LYS A 289 17.21 2.86 52.38
N LYS A 290 18.06 2.62 51.40
CA LYS A 290 18.96 3.64 50.95
C LYS A 290 18.23 4.87 50.43
N HIS A 291 17.12 4.66 49.70
CA HIS A 291 16.44 5.78 49.09
C HIS A 291 15.19 6.23 49.82
N ASN A 292 14.88 5.61 50.95
CA ASN A 292 13.66 5.92 51.68
C ASN A 292 12.41 5.78 50.79
N PHE A 293 12.36 4.73 49.94
CA PHE A 293 11.15 4.39 49.20
C PHE A 293 10.06 3.91 50.16
N THR A 294 8.82 4.02 49.71
CA THR A 294 7.68 3.50 50.39
C THR A 294 7.23 2.18 49.72
N PRO A 295 7.58 1.02 50.30
CA PRO A 295 7.05 -0.23 49.75
C PRO A 295 5.58 -0.43 49.91
N LEU A 296 4.93 -0.83 48.81
CA LEU A 296 3.51 -1.03 48.78
C LEU A 296 3.11 -2.51 48.81
N ALA A 297 4.01 -3.36 48.34
CA ALA A 297 3.83 -4.78 48.31
C ALA A 297 5.17 -5.43 48.10
N ARG A 298 5.25 -6.72 48.44
CA ARG A 298 6.40 -7.49 48.19
C ARG A 298 6.00 -8.51 47.14
N ILE A 299 6.89 -8.79 46.20
CA ILE A 299 6.66 -9.87 45.25
C ILE A 299 7.08 -11.17 45.96
N VAL A 300 6.14 -12.09 46.08
CA VAL A 300 6.30 -13.34 46.81
C VAL A 300 6.68 -14.46 45.90
N GLY A 301 6.13 -14.45 44.70
CA GLY A 301 6.38 -15.53 43.76
C GLY A 301 5.77 -15.28 42.41
N TYR A 302 6.14 -16.12 41.45
CA TYR A 302 5.57 -16.05 40.09
C TYR A 302 5.84 -17.36 39.40
N PHE A 303 5.18 -17.57 38.27
CA PHE A 303 5.39 -18.78 37.50
C PHE A 303 4.87 -18.59 36.10
N VAL A 304 5.61 -19.15 35.14
CA VAL A 304 5.19 -19.16 33.78
C VAL A 304 5.04 -20.62 33.37
N SER A 305 3.93 -20.95 32.73
CA SER A 305 3.77 -22.28 32.17
C SER A 305 3.32 -22.28 30.72
N GLY A 306 3.69 -23.30 29.97
CA GLY A 306 3.15 -23.51 28.62
C GLY A 306 1.91 -24.37 28.78
N CYS A 307 1.04 -24.35 27.78
CA CYS A 307 -0.15 -25.24 27.73
C CYS A 307 -0.51 -25.46 26.28
N ASP A 308 -1.56 -26.23 26.02
CA ASP A 308 -2.03 -26.51 24.68
C ASP A 308 -2.48 -25.25 23.97
N PRO A 309 -1.85 -24.91 22.82
CA PRO A 309 -2.17 -23.67 22.09
C PRO A 309 -3.64 -23.61 21.66
N SER A 310 -4.25 -24.79 21.40
CA SER A 310 -5.68 -24.83 21.00
C SER A 310 -6.64 -24.40 22.11
N ILE A 311 -6.17 -24.43 23.34
CA ILE A 311 -6.95 -23.94 24.52
C ILE A 311 -6.07 -23.01 25.38
N MET A 312 -5.43 -22.05 24.72
CA MET A 312 -4.43 -21.18 25.37
C MET A 312 -4.98 -20.43 26.59
N GLY A 313 -6.27 -20.13 26.54
CA GLY A 313 -6.97 -19.45 27.61
C GLY A 313 -6.91 -20.10 28.97
N ILE A 314 -6.60 -21.40 29.03
CA ILE A 314 -6.43 -22.13 30.28
C ILE A 314 -5.08 -21.86 30.98
N GLY A 315 -4.18 -21.12 30.32
CA GLY A 315 -2.84 -20.81 30.89
C GLY A 315 -2.77 -20.44 32.36
N PRO A 316 -3.73 -19.63 32.87
CA PRO A 316 -3.71 -19.28 34.27
C PRO A 316 -3.84 -20.45 35.27
N VAL A 317 -4.41 -21.59 34.84
CA VAL A 317 -4.54 -22.72 35.73
C VAL A 317 -3.20 -23.28 36.18
N PRO A 318 -2.33 -23.72 35.24
CA PRO A 318 -1.05 -24.21 35.79
C PRO A 318 -0.17 -23.07 36.32
N ALA A 319 -0.35 -21.85 35.78
CA ALA A 319 0.51 -20.71 36.20
C ALA A 319 0.22 -20.31 37.62
N ILE A 320 -1.06 -20.13 37.95
CA ILE A 320 -1.46 -19.88 39.36
C ILE A 320 -1.06 -21.02 40.30
N SER A 321 -1.40 -22.27 39.93
CA SER A 321 -1.05 -23.45 40.77
C SER A 321 0.45 -23.55 41.05
N GLY A 322 1.26 -23.40 39.99
CA GLY A 322 2.70 -23.47 40.14
C GLY A 322 3.25 -22.34 41.02
N ALA A 323 2.75 -21.12 40.83
CA ALA A 323 3.18 -20.00 41.66
C ALA A 323 2.86 -20.22 43.13
N LEU A 324 1.62 -20.64 43.41
CA LEU A 324 1.20 -20.92 44.77
C LEU A 324 2.11 -22.00 45.40
N LYS A 325 2.33 -23.07 44.67
CA LYS A 325 3.21 -24.15 45.10
C LYS A 325 4.58 -23.66 45.50
N LYS A 326 5.21 -22.87 44.63
CA LYS A 326 6.54 -22.31 44.92
C LYS A 326 6.56 -21.40 46.14
N ALA A 327 5.51 -20.61 46.31
CA ALA A 327 5.41 -19.69 47.44
C ALA A 327 5.00 -20.40 48.74
N GLY A 328 4.57 -21.66 48.66
CA GLY A 328 4.10 -22.39 49.85
C GLY A 328 2.73 -21.92 50.32
N LEU A 329 1.89 -21.47 49.39
CA LEU A 329 0.58 -20.92 49.68
C LEU A 329 -0.49 -21.69 48.95
N SER A 330 -1.76 -21.50 49.36
CA SER A 330 -2.88 -22.13 48.68
C SER A 330 -3.81 -21.04 48.19
N LEU A 331 -4.73 -21.41 47.30
CA LEU A 331 -5.70 -20.48 46.74
C LEU A 331 -6.50 -19.82 47.87
N LYS A 332 -6.76 -20.58 48.93
CA LYS A 332 -7.49 -20.07 50.11
C LYS A 332 -6.75 -18.93 50.79
N ASP A 333 -5.45 -18.86 50.63
CA ASP A 333 -4.69 -17.75 51.20
C ASP A 333 -4.85 -16.45 50.39
N MET A 334 -5.38 -16.52 49.19
CA MET A 334 -5.41 -15.32 48.32
C MET A 334 -6.65 -14.48 48.68
N ASP A 335 -6.43 -13.22 49.05
CA ASP A 335 -7.53 -12.30 49.30
C ASP A 335 -8.17 -11.83 47.97
N LEU A 336 -7.35 -11.83 46.91
CA LEU A 336 -7.78 -11.38 45.61
C LEU A 336 -7.13 -12.21 44.54
N VAL A 337 -7.89 -12.51 43.50
CA VAL A 337 -7.36 -13.14 42.31
C VAL A 337 -7.79 -12.30 41.12
N GLU A 338 -6.90 -12.21 40.15
CA GLU A 338 -7.23 -11.56 38.87
C GLU A 338 -6.83 -12.54 37.79
N VAL A 339 -7.76 -12.78 36.88
CA VAL A 339 -7.57 -13.57 35.73
C VAL A 339 -8.03 -12.68 34.59
N ASN A 340 -7.11 -12.35 33.70
CA ASN A 340 -7.39 -11.39 32.64
C ASN A 340 -8.59 -11.89 31.81
N GLU A 341 -9.56 -11.00 31.57
CA GLU A 341 -10.79 -11.36 30.88
C GLU A 341 -10.66 -11.35 29.37
N ALA A 342 -9.85 -12.21 28.78
CA ALA A 342 -9.69 -12.18 27.34
C ALA A 342 -11.02 -12.43 26.64
N PHE A 343 -11.70 -13.49 27.09
CA PHE A 343 -13.05 -13.85 26.58
C PHE A 343 -13.83 -14.41 27.78
N ALA A 344 -15.10 -14.10 27.89
CA ALA A 344 -15.89 -14.61 29.02
C ALA A 344 -15.78 -16.13 29.19
N PRO A 345 -16.01 -16.91 28.12
CA PRO A 345 -15.87 -18.37 28.27
C PRO A 345 -14.45 -18.82 28.68
N GLN A 346 -13.43 -18.07 28.27
CA GLN A 346 -12.06 -18.39 28.67
C GLN A 346 -11.91 -18.18 30.16
N TYR A 347 -12.24 -16.98 30.62
CA TYR A 347 -12.22 -16.72 32.06
C TYR A 347 -13.05 -17.79 32.85
N LEU A 348 -14.25 -18.07 32.42
CA LEU A 348 -15.11 -19.03 33.15
C LEU A 348 -14.50 -20.42 33.26
N ALA A 349 -13.78 -20.82 32.21
CA ALA A 349 -13.08 -22.09 32.26
C ALA A 349 -12.08 -22.13 33.34
N VAL A 350 -11.35 -21.00 33.53
CA VAL A 350 -10.35 -20.92 34.55
C VAL A 350 -11.04 -20.94 35.90
N GLU A 351 -12.08 -20.16 36.04
CA GLU A 351 -12.88 -20.13 37.31
C GLU A 351 -13.31 -21.56 37.74
N ARG A 352 -13.86 -22.32 36.80
CA ARG A 352 -14.29 -23.69 37.06
C ARG A 352 -13.14 -24.66 37.33
N SER A 353 -12.02 -24.54 36.62
CA SER A 353 -10.93 -25.46 36.84
C SER A 353 -10.31 -25.28 38.18
N LEU A 354 -10.19 -24.02 38.64
CA LEU A 354 -9.53 -23.74 39.92
C LEU A 354 -10.55 -23.56 41.09
N ASP A 355 -11.84 -23.62 40.78
CA ASP A 355 -12.92 -23.38 41.76
C ASP A 355 -12.71 -22.02 42.46
N LEU A 356 -12.53 -20.95 41.66
CA LEU A 356 -12.27 -19.61 42.20
C LEU A 356 -13.56 -19.07 42.79
N ASP A 357 -13.40 -18.29 43.86
CA ASP A 357 -14.50 -17.62 44.53
C ASP A 357 -14.72 -16.27 43.84
N ILE A 358 -15.87 -16.15 43.17
CA ILE A 358 -16.14 -14.99 42.34
C ILE A 358 -16.15 -13.68 43.14
N SER A 359 -16.39 -13.78 44.46
CA SER A 359 -16.44 -12.60 45.29
C SER A 359 -15.06 -12.03 45.56
N LYS A 360 -14.01 -12.80 45.27
CA LYS A 360 -12.64 -12.35 45.42
C LYS A 360 -11.86 -12.35 44.08
N THR A 361 -12.55 -12.57 42.97
CA THR A 361 -11.90 -12.71 41.62
C THR A 361 -12.44 -11.66 40.65
N ASN A 362 -11.50 -10.95 39.98
CA ASN A 362 -11.84 -9.84 39.10
C ASN A 362 -12.87 -8.90 39.72
N VAL A 363 -12.59 -8.50 40.96
CA VAL A 363 -13.59 -7.82 41.80
C VAL A 363 -14.02 -6.48 41.24
N ASN A 364 -13.14 -5.84 40.49
CA ASN A 364 -13.43 -4.50 39.97
C ASN A 364 -13.54 -4.45 38.46
N GLY A 365 -13.98 -5.55 37.88
CA GLY A 365 -14.13 -5.65 36.43
C GLY A 365 -12.84 -6.08 35.79
N GLY A 366 -12.81 -6.03 34.46
CA GLY A 366 -11.65 -6.47 33.67
C GLY A 366 -11.76 -6.08 32.24
N ALA A 367 -10.96 -6.76 31.43
CA ALA A 367 -10.79 -6.48 30.04
C ALA A 367 -12.07 -6.47 29.20
N ILE A 368 -13.10 -7.21 29.57
CA ILE A 368 -14.39 -7.07 28.90
C ILE A 368 -14.90 -5.63 29.00
N ALA A 369 -14.71 -5.02 30.15
CA ALA A 369 -15.17 -3.65 30.39
C ALA A 369 -14.15 -2.68 29.84
N LEU A 370 -12.89 -2.81 30.23
CA LEU A 370 -11.95 -1.74 29.92
C LEU A 370 -10.92 -2.06 28.75
N GLY A 371 -11.07 -3.22 28.14
CA GLY A 371 -10.24 -3.62 27.03
C GLY A 371 -8.97 -4.36 27.39
N HIS A 372 -8.29 -4.90 26.37
CA HIS A 372 -7.08 -5.69 26.51
C HIS A 372 -5.99 -5.18 25.55
N PRO A 373 -5.30 -4.06 25.94
CA PRO A 373 -4.09 -3.71 25.22
C PRO A 373 -3.02 -4.73 25.58
N LEU A 374 -2.61 -5.53 24.61
CA LEU A 374 -1.89 -6.80 24.85
C LEU A 374 -0.77 -6.70 25.87
N GLY A 375 0.18 -5.81 25.64
CA GLY A 375 1.32 -5.64 26.56
C GLY A 375 1.00 -4.94 27.88
N GLY A 376 -0.06 -4.13 27.86
CA GLY A 376 -0.45 -3.31 29.02
C GLY A 376 -1.28 -3.95 30.10
N SER A 377 -2.10 -4.94 29.75
CA SER A 377 -3.03 -5.53 30.73
C SER A 377 -2.36 -6.07 31.96
N GLY A 378 -1.27 -6.80 31.82
CA GLY A 378 -0.59 -7.34 32.99
C GLY A 378 0.01 -6.29 33.92
N SER A 379 0.45 -5.16 33.38
CA SER A 379 0.91 -4.03 34.23
C SER A 379 -0.30 -3.41 34.96
N ARG A 380 -1.40 -3.19 34.24
CA ARG A 380 -2.65 -2.67 34.93
C ARG A 380 -3.12 -3.61 36.06
N ILE A 381 -3.22 -4.90 35.75
CA ILE A 381 -3.66 -5.89 36.74
C ILE A 381 -2.81 -5.88 37.99
N THR A 382 -1.51 -5.93 37.81
CA THR A 382 -0.57 -5.80 38.92
C THR A 382 -0.74 -4.51 39.69
N ALA A 383 -0.82 -3.38 38.98
CA ALA A 383 -0.99 -2.08 39.65
C ALA A 383 -2.32 -2.06 40.39
N HIS A 384 -3.36 -2.63 39.80
CA HIS A 384 -4.62 -2.63 40.48
C HIS A 384 -4.59 -3.46 41.77
N LEU A 385 -3.97 -4.63 41.72
CA LEU A 385 -3.86 -5.51 42.84
C LEU A 385 -3.10 -4.87 43.95
N VAL A 386 -2.03 -4.15 43.63
CA VAL A 386 -1.22 -3.49 44.66
C VAL A 386 -2.11 -2.52 45.47
N HIS A 387 -2.87 -1.67 44.79
CA HIS A 387 -3.64 -0.67 45.45
C HIS A 387 -4.92 -1.26 46.07
N GLU A 388 -5.59 -2.17 45.36
CA GLU A 388 -6.83 -2.72 45.85
C GLU A 388 -6.59 -3.65 47.04
N LEU A 389 -5.49 -4.39 47.02
CA LEU A 389 -5.15 -5.25 48.16
C LEU A 389 -4.96 -4.43 49.45
N ARG A 390 -4.24 -3.32 49.31
CA ARG A 390 -4.03 -2.39 50.41
C ARG A 390 -5.36 -1.75 50.89
N ARG A 391 -6.21 -1.35 49.95
CA ARG A 391 -7.47 -0.75 50.27
C ARG A 391 -8.33 -1.71 51.10
N ARG A 392 -8.27 -2.99 50.78
CA ARG A 392 -9.08 -4.00 51.47
C ARG A 392 -8.46 -4.45 52.80
N GLY A 393 -7.20 -4.10 53.05
CA GLY A 393 -6.44 -4.60 54.19
C GLY A 393 -6.10 -6.08 54.09
N GLY A 394 -5.96 -6.59 52.87
CA GLY A 394 -5.73 -7.98 52.68
C GLY A 394 -4.26 -8.28 52.71
N LYS A 395 -3.93 -9.58 52.74
CA LYS A 395 -2.53 -9.98 52.86
C LYS A 395 -1.89 -10.39 51.51
N TYR A 396 -2.60 -11.17 50.71
CA TYR A 396 -2.02 -11.76 49.47
C TYR A 396 -2.98 -11.58 48.30
N ALA A 397 -2.41 -11.44 47.10
CA ALA A 397 -3.18 -11.42 45.86
C ALA A 397 -2.33 -12.06 44.75
N VAL A 398 -3.00 -12.60 43.75
CA VAL A 398 -2.35 -13.19 42.58
C VAL A 398 -3.02 -12.69 41.32
N GLY A 399 -2.21 -12.26 40.34
CA GLY A 399 -2.70 -11.78 39.07
C GLY A 399 -2.15 -12.68 37.99
N SER A 400 -2.98 -12.94 36.96
CA SER A 400 -2.59 -13.87 35.96
C SER A 400 -3.22 -13.53 34.61
N ALA A 401 -2.66 -14.12 33.56
CA ALA A 401 -3.17 -13.95 32.22
C ALA A 401 -2.84 -15.17 31.41
N CYS A 402 -3.80 -15.55 30.58
CA CYS A 402 -3.53 -16.47 29.50
C CYS A 402 -2.74 -15.73 28.44
N ILE A 403 -2.06 -16.52 27.63
CA ILE A 403 -1.12 -15.99 26.62
C ILE A 403 -1.33 -16.72 25.27
N GLY A 404 -1.67 -15.98 24.23
CA GLY A 404 -1.80 -16.49 22.89
C GLY A 404 -0.60 -17.35 22.51
N GLY A 405 -0.89 -18.48 21.89
CA GLY A 405 0.18 -19.45 21.59
C GLY A 405 0.29 -20.53 22.64
N GLY A 406 -0.39 -20.33 23.76
CA GLY A 406 -0.48 -21.39 24.78
C GLY A 406 0.54 -21.27 25.91
N GLN A 407 0.44 -20.16 26.66
CA GLN A 407 1.18 -20.01 27.88
C GLN A 407 0.27 -19.38 28.93
N GLY A 408 0.77 -19.36 30.15
CA GLY A 408 0.13 -18.61 31.22
C GLY A 408 1.20 -18.00 32.10
N ILE A 409 0.83 -16.95 32.83
CA ILE A 409 1.69 -16.33 33.79
C ILE A 409 0.87 -15.94 35.02
N ALA A 410 1.49 -16.03 36.18
CA ALA A 410 0.96 -15.54 37.42
C ALA A 410 2.05 -14.90 38.27
N VAL A 411 1.67 -13.85 39.00
CA VAL A 411 2.52 -13.15 39.95
C VAL A 411 1.75 -13.00 41.27
N ILE A 412 2.38 -13.44 42.36
CA ILE A 412 1.79 -13.28 43.68
C ILE A 412 2.47 -12.11 44.42
N ILE A 413 1.66 -11.26 45.03
CA ILE A 413 2.13 -10.18 45.85
C ILE A 413 1.61 -10.33 47.32
N GLN A 414 2.35 -9.70 48.22
CA GLN A 414 1.99 -9.62 49.63
C GLN A 414 1.98 -8.15 50.05
N SER A 415 0.92 -7.70 50.71
CA SER A 415 0.86 -6.30 51.18
C SER A 415 1.94 -6.10 52.23
N THR A 416 2.51 -4.90 52.26
CA THR A 416 3.53 -4.57 53.25
C THR A 416 2.90 -3.89 54.49
N MET B 21 31.84 -10.71 41.38
CA MET B 21 30.43 -11.19 41.32
C MET B 21 30.28 -12.39 40.36
N ALA B 22 30.56 -13.56 40.89
CA ALA B 22 30.43 -14.79 40.12
C ALA B 22 28.95 -15.10 39.83
N LEU B 23 28.69 -15.83 38.74
CA LEU B 23 27.32 -16.36 38.52
C LEU B 23 26.98 -17.21 39.72
N LEU B 24 25.77 -17.06 40.25
CA LEU B 24 25.30 -17.85 41.39
C LEU B 24 25.38 -19.36 41.23
N ARG B 25 25.22 -19.87 40.01
CA ARG B 25 25.46 -21.28 39.76
C ARG B 25 26.31 -21.30 38.52
N GLY B 26 27.03 -22.40 38.33
CA GLY B 26 27.76 -22.58 37.10
C GLY B 26 26.78 -22.72 35.92
N VAL B 27 27.09 -22.08 34.79
CA VAL B 27 26.30 -22.16 33.60
C VAL B 27 27.22 -22.54 32.43
N PHE B 28 26.90 -23.63 31.76
CA PHE B 28 27.73 -24.17 30.71
C PHE B 28 27.05 -24.19 29.37
N VAL B 29 27.80 -23.82 28.33
CA VAL B 29 27.38 -23.99 26.96
C VAL B 29 27.61 -25.46 26.59
N VAL B 30 26.52 -26.13 26.19
CA VAL B 30 26.55 -27.51 25.77
C VAL B 30 26.29 -27.66 24.25
N ALA B 31 25.96 -26.57 23.57
CA ALA B 31 25.81 -26.56 22.12
C ALA B 31 25.78 -25.10 21.65
N ALA B 32 26.36 -24.83 20.49
CA ALA B 32 26.36 -23.53 19.90
C ALA B 32 26.47 -23.61 18.38
N LYS B 33 25.40 -23.20 17.70
CA LYS B 33 25.34 -23.26 16.25
C LYS B 33 24.78 -21.97 15.67
N ARG B 34 25.09 -21.70 14.43
CA ARG B 34 24.53 -20.54 13.74
C ARG B 34 24.43 -20.82 12.25
N THR B 35 23.43 -20.22 11.62
CA THR B 35 23.19 -20.49 10.19
C THR B 35 24.21 -19.73 9.37
N PRO B 36 24.41 -20.14 8.10
CA PRO B 36 25.06 -19.16 7.19
C PRO B 36 24.22 -17.90 7.16
N PHE B 37 24.86 -16.74 7.00
CA PHE B 37 24.20 -15.49 6.87
C PHE B 37 23.93 -15.15 5.40
N GLY B 38 22.67 -14.85 5.11
CA GLY B 38 22.23 -14.55 3.74
C GLY B 38 22.25 -13.05 3.44
N ALA B 39 22.53 -12.70 2.19
CA ALA B 39 22.49 -11.33 1.76
C ALA B 39 21.05 -10.86 1.68
N TYR B 40 20.90 -9.55 1.70
CA TYR B 40 19.60 -8.87 1.54
C TYR B 40 19.01 -9.23 0.19
N GLY B 41 17.84 -9.84 0.18
CA GLY B 41 17.26 -10.35 -1.06
C GLY B 41 17.99 -11.53 -1.66
N GLY B 42 18.81 -12.20 -0.85
CA GLY B 42 19.57 -13.34 -1.30
C GLY B 42 18.99 -14.71 -1.02
N LEU B 43 19.88 -15.65 -0.73
CA LEU B 43 19.53 -17.09 -0.68
C LEU B 43 18.54 -17.48 0.44
N LEU B 44 18.47 -16.70 1.51
CA LEU B 44 17.57 -17.05 2.63
C LEU B 44 16.33 -16.16 2.68
N LYS B 45 16.10 -15.35 1.64
CA LYS B 45 15.06 -14.31 1.71
C LYS B 45 13.66 -14.84 1.97
N ASP B 46 13.36 -16.07 1.53
CA ASP B 46 12.04 -16.64 1.74
C ASP B 46 11.81 -17.34 3.07
N PHE B 47 12.84 -17.46 3.88
CA PHE B 47 12.71 -18.02 5.20
C PHE B 47 12.42 -16.92 6.19
N THR B 48 11.42 -17.14 7.03
CA THR B 48 11.10 -16.17 8.08
C THR B 48 12.17 -16.22 9.20
N ALA B 49 12.20 -15.21 10.05
CA ALA B 49 13.05 -15.24 11.26
C ALA B 49 12.71 -16.48 12.14
N THR B 50 11.46 -16.86 12.20
CA THR B 50 11.07 -18.09 12.86
C THR B 50 11.73 -19.34 12.25
N ASP B 51 11.61 -19.49 10.94
CA ASP B 51 12.30 -20.56 10.20
C ASP B 51 13.80 -20.60 10.50
N LEU B 52 14.47 -19.46 10.47
CA LEU B 52 15.93 -19.47 10.63
C LEU B 52 16.29 -19.88 12.03
N SER B 53 15.53 -19.40 13.00
CA SER B 53 15.74 -19.79 14.38
C SER B 53 15.49 -21.27 14.63
N GLU B 54 14.42 -21.80 14.03
CA GLU B 54 14.16 -23.24 14.05
C GLU B 54 15.38 -24.03 13.54
N PHE B 55 15.94 -23.62 12.41
CA PHE B 55 17.05 -24.35 11.84
C PHE B 55 18.23 -24.35 12.80
N ALA B 56 18.58 -23.20 13.36
CA ALA B 56 19.73 -23.13 14.23
C ALA B 56 19.47 -23.98 15.48
N ALA B 57 18.24 -23.87 16.05
CA ALA B 57 17.88 -24.62 17.25
C ALA B 57 17.96 -26.13 17.07
N LYS B 58 17.43 -26.60 15.96
CA LYS B 58 17.47 -28.02 15.59
C LYS B 58 18.94 -28.51 15.48
N ALA B 59 19.80 -27.73 14.84
CA ALA B 59 21.23 -28.04 14.73
C ALA B 59 21.92 -28.07 16.10
N ALA B 60 21.56 -27.14 16.98
CA ALA B 60 22.13 -27.12 18.33
C ALA B 60 21.70 -28.32 19.19
N LEU B 61 20.40 -28.63 19.15
CA LEU B 61 19.86 -29.82 19.85
C LEU B 61 20.66 -31.07 19.44
N SER B 62 20.81 -31.24 18.14
CA SER B 62 21.55 -32.35 17.59
C SER B 62 23.02 -32.35 18.01
N ALA B 63 23.72 -31.22 17.82
CA ALA B 63 25.12 -31.09 18.14
C ALA B 63 25.39 -31.35 19.60
N GLY B 64 24.52 -30.90 20.51
CA GLY B 64 24.77 -31.10 21.89
C GLY B 64 24.21 -32.37 22.46
N LYS B 65 23.58 -33.17 21.60
CA LYS B 65 22.83 -34.39 22.02
C LYS B 65 21.90 -34.07 23.19
N VAL B 66 21.18 -32.97 23.02
CA VAL B 66 20.21 -32.52 24.00
C VAL B 66 18.82 -32.95 23.53
N SER B 67 18.13 -33.75 24.32
CA SER B 67 16.80 -34.13 23.98
C SER B 67 15.89 -32.92 24.17
N PRO B 68 14.98 -32.64 23.22
CA PRO B 68 14.08 -31.46 23.37
C PRO B 68 13.26 -31.50 24.66
N GLU B 69 13.00 -32.71 25.12
CA GLU B 69 12.26 -32.93 26.33
C GLU B 69 13.00 -32.38 27.57
N THR B 70 14.30 -32.13 27.46
CA THR B 70 15.07 -31.66 28.62
C THR B 70 15.07 -30.10 28.75
N VAL B 71 14.58 -29.42 27.74
CA VAL B 71 14.66 -27.93 27.69
C VAL B 71 13.48 -27.34 28.49
N ASP B 72 13.84 -26.54 29.49
CA ASP B 72 12.91 -25.97 30.49
C ASP B 72 12.43 -24.58 30.06
N SER B 73 13.11 -23.94 29.12
CA SER B 73 12.82 -22.54 28.74
C SER B 73 13.40 -22.26 27.38
N VAL B 74 12.64 -21.53 26.57
CA VAL B 74 13.07 -21.07 25.25
C VAL B 74 13.04 -19.53 25.26
N ILE B 75 14.19 -18.94 24.89
CA ILE B 75 14.36 -17.50 24.86
C ILE B 75 15.01 -17.17 23.52
N MET B 76 14.34 -16.32 22.74
CA MET B 76 14.82 -15.89 21.43
C MET B 76 14.93 -14.38 21.31
N GLY B 77 16.09 -13.92 20.87
CA GLY B 77 16.25 -12.53 20.43
C GLY B 77 15.74 -12.33 19.01
N ASN B 78 14.95 -11.28 18.83
CA ASN B 78 14.51 -10.85 17.51
C ASN B 78 14.16 -9.39 17.57
N VAL B 79 14.65 -8.56 16.62
CA VAL B 79 14.50 -7.09 16.72
C VAL B 79 13.32 -6.53 15.94
N LEU B 80 13.30 -6.77 14.64
CA LEU B 80 12.29 -6.17 13.77
C LEU B 80 11.33 -7.30 13.36
N GLN B 81 10.09 -7.21 13.81
CA GLN B 81 9.05 -8.22 13.50
C GLN B 81 8.84 -8.20 11.99
N SER B 82 9.13 -9.29 11.29
CA SER B 82 9.16 -9.24 9.84
C SER B 82 8.37 -10.38 9.18
N SER B 83 7.46 -11.00 9.91
CA SER B 83 6.53 -11.99 9.31
C SER B 83 5.21 -11.95 10.05
N SER B 84 4.16 -12.48 9.43
CA SER B 84 2.83 -12.39 9.98
C SER B 84 2.69 -13.17 11.29
N ASP B 85 3.56 -14.16 11.50
CA ASP B 85 3.59 -14.93 12.73
C ASP B 85 4.61 -14.42 13.77
N ALA B 86 5.26 -13.28 13.52
CA ALA B 86 6.40 -12.83 14.31
C ALA B 86 6.17 -12.78 15.82
N ILE B 87 5.01 -12.36 16.27
CA ILE B 87 4.84 -12.18 17.74
C ILE B 87 4.93 -13.50 18.52
N TYR B 88 4.72 -14.62 17.82
CA TYR B 88 4.72 -15.94 18.39
C TYR B 88 6.10 -16.63 18.25
N LEU B 89 7.10 -15.95 17.69
CA LEU B 89 8.37 -16.56 17.30
C LEU B 89 8.96 -17.63 18.26
N ALA B 90 9.30 -17.25 19.47
CA ALA B 90 9.99 -18.19 20.35
C ALA B 90 9.13 -19.42 20.60
N ARG B 91 7.82 -19.22 20.80
CA ARG B 91 6.89 -20.30 21.05
C ARG B 91 6.78 -21.29 19.89
N HIS B 92 6.65 -20.75 18.68
CA HIS B 92 6.66 -21.58 17.49
C HIS B 92 7.97 -22.34 17.30
N VAL B 93 9.10 -21.68 17.53
CA VAL B 93 10.39 -22.37 17.45
C VAL B 93 10.44 -23.56 18.40
N GLY B 94 10.08 -23.33 19.66
CA GLY B 94 10.06 -24.38 20.66
C GLY B 94 9.20 -25.54 20.22
N LEU B 95 7.98 -25.25 19.77
CA LEU B 95 7.05 -26.34 19.36
C LEU B 95 7.54 -27.07 18.10
N ARG B 96 8.05 -26.35 17.12
CA ARG B 96 8.53 -26.96 15.90
C ARG B 96 9.68 -27.93 16.12
N VAL B 97 10.54 -27.66 17.11
CA VAL B 97 11.73 -28.52 17.33
C VAL B 97 11.48 -29.61 18.33
N GLY B 98 10.25 -29.77 18.78
CA GLY B 98 9.82 -30.89 19.61
C GLY B 98 9.89 -30.67 21.11
N ILE B 99 10.13 -29.44 21.57
CA ILE B 99 10.20 -29.16 22.97
C ILE B 99 8.76 -29.25 23.50
N PRO B 100 8.53 -29.89 24.65
CA PRO B 100 7.18 -30.03 25.19
C PRO B 100 6.40 -28.71 25.31
N LYS B 101 5.10 -28.82 25.16
CA LYS B 101 4.21 -27.66 25.14
C LYS B 101 4.20 -26.96 26.53
N GLU B 102 4.57 -27.68 27.57
CA GLU B 102 4.64 -27.13 28.92
C GLU B 102 5.81 -26.14 29.12
N THR B 103 6.82 -26.21 28.24
CA THR B 103 7.96 -25.34 28.30
C THR B 103 7.60 -23.95 27.79
N PRO B 104 7.85 -22.94 28.58
CA PRO B 104 7.46 -21.62 28.12
C PRO B 104 8.45 -20.99 27.12
N ALA B 105 8.04 -19.91 26.47
CA ALA B 105 8.83 -19.31 25.39
C ALA B 105 8.72 -17.77 25.40
N LEU B 106 9.87 -17.12 25.42
CA LEU B 106 9.98 -15.66 25.51
C LEU B 106 10.75 -15.11 24.30
N THR B 107 10.24 -14.02 23.69
CA THR B 107 11.01 -13.25 22.70
C THR B 107 11.47 -11.92 23.33
N ILE B 108 12.72 -11.57 23.12
CA ILE B 108 13.31 -10.35 23.72
C ILE B 108 13.90 -9.47 22.65
N ASN B 109 14.00 -8.15 22.94
CA ASN B 109 14.57 -7.20 22.01
C ASN B 109 15.49 -6.20 22.74
N ARG B 110 16.79 -6.43 22.63
CA ARG B 110 17.76 -5.40 23.01
C ARG B 110 18.58 -5.04 21.72
N LEU B 111 17.80 -4.83 20.66
CA LEU B 111 18.29 -4.45 19.32
C LEU B 111 19.50 -5.29 18.98
N CYS B 112 20.59 -4.64 18.54
CA CYS B 112 21.83 -5.38 18.06
C CYS B 112 22.44 -6.36 19.06
N GLY B 113 22.10 -6.19 20.34
CA GLY B 113 22.64 -7.04 21.37
C GLY B 113 21.74 -8.22 21.70
N SER B 114 20.66 -8.40 20.97
CA SER B 114 19.62 -9.39 21.34
C SER B 114 20.11 -10.85 21.43
N GLY B 115 20.98 -11.24 20.49
CA GLY B 115 21.56 -12.54 20.44
C GLY B 115 22.42 -12.87 21.64
N PHE B 116 23.10 -11.86 22.23
CA PHE B 116 23.79 -12.02 23.49
C PHE B 116 22.78 -11.98 24.66
N GLN B 117 21.82 -11.10 24.55
CA GLN B 117 20.84 -10.93 25.64
C GLN B 117 20.02 -12.18 25.94
N SER B 118 19.61 -12.92 24.93
CA SER B 118 18.90 -14.20 25.16
C SER B 118 19.65 -15.14 26.10
N ILE B 119 20.96 -15.18 25.92
CA ILE B 119 21.84 -15.96 26.77
C ILE B 119 21.87 -15.39 28.21
N VAL B 120 21.95 -14.07 28.33
CA VAL B 120 21.97 -13.43 29.59
C VAL B 120 20.68 -13.73 30.38
N ASN B 121 19.54 -13.63 29.73
CA ASN B 121 18.25 -14.03 30.34
C ASN B 121 18.24 -15.51 30.76
N GLY B 122 18.85 -16.36 29.96
CA GLY B 122 18.92 -17.81 30.28
C GLY B 122 19.77 -18.05 31.52
N CYS B 123 20.88 -17.31 31.61
CA CYS B 123 21.78 -17.39 32.78
C CYS B 123 20.99 -17.00 34.01
N GLN B 124 20.23 -15.91 33.93
CA GLN B 124 19.46 -15.44 35.07
C GLN B 124 18.45 -16.46 35.56
N GLU B 125 17.72 -17.05 34.61
CA GLU B 125 16.76 -18.09 34.92
C GLU B 125 17.38 -19.31 35.58
N ILE B 126 18.54 -19.77 35.08
CA ILE B 126 19.24 -20.90 35.68
C ILE B 126 19.74 -20.53 37.10
N CYS B 127 20.31 -19.33 37.23
CA CYS B 127 20.85 -18.88 38.48
C CYS B 127 19.81 -18.68 39.58
N VAL B 128 18.57 -18.31 39.25
CA VAL B 128 17.52 -18.25 40.29
C VAL B 128 16.73 -19.57 40.34
N LYS B 129 17.24 -20.61 39.71
CA LYS B 129 16.65 -21.96 39.70
C LYS B 129 15.25 -22.06 39.13
N GLU B 130 14.93 -21.23 38.15
CA GLU B 130 13.67 -21.37 37.44
C GLU B 130 13.84 -22.19 36.17
N ALA B 131 15.08 -22.54 35.83
CA ALA B 131 15.37 -23.42 34.70
C ALA B 131 16.63 -24.19 34.98
N GLU B 132 16.79 -25.34 34.32
CA GLU B 132 18.04 -26.09 34.36
C GLU B 132 18.76 -26.12 33.00
N VAL B 133 18.00 -26.08 31.92
CA VAL B 133 18.49 -26.14 30.55
C VAL B 133 17.66 -25.13 29.71
N VAL B 134 18.33 -24.18 29.09
CA VAL B 134 17.64 -23.12 28.32
C VAL B 134 18.16 -23.10 26.88
N LEU B 135 17.22 -23.07 25.92
CA LEU B 135 17.57 -22.81 24.53
C LEU B 135 17.53 -21.27 24.32
N CYS B 136 18.69 -20.70 23.97
CA CYS B 136 18.87 -19.23 23.85
C CYS B 136 19.33 -18.91 22.42
N GLY B 137 18.46 -18.31 21.64
CA GLY B 137 18.78 -18.02 20.23
C GLY B 137 18.65 -16.56 19.90
N GLY B 138 19.02 -16.25 18.67
CA GLY B 138 18.97 -14.94 18.10
C GLY B 138 18.68 -15.09 16.65
N THR B 139 17.85 -14.22 16.12
CA THR B 139 17.45 -14.37 14.72
C THR B 139 16.98 -13.07 14.11
N GLU B 140 17.17 -12.94 12.81
CA GLU B 140 16.62 -11.83 12.06
C GLU B 140 16.46 -12.19 10.59
N SER B 141 15.31 -11.82 10.02
CA SER B 141 15.18 -11.74 8.55
C SER B 141 14.94 -10.29 8.17
N MET B 142 15.98 -9.66 7.65
CA MET B 142 15.92 -8.30 7.22
C MET B 142 15.36 -8.15 5.80
N SER B 143 15.57 -9.18 4.98
CA SER B 143 14.91 -9.32 3.69
C SER B 143 13.41 -9.26 3.76
N GLN B 144 12.82 -9.76 4.86
CA GLN B 144 11.38 -9.77 5.04
C GLN B 144 10.81 -8.56 5.75
N ALA B 145 11.65 -7.61 6.14
CA ALA B 145 11.16 -6.41 6.76
C ALA B 145 10.06 -5.80 5.86
N PRO B 146 8.86 -5.56 6.43
CA PRO B 146 7.75 -5.13 5.55
C PRO B 146 7.81 -3.65 5.27
N TYR B 147 6.99 -3.23 4.33
CA TYR B 147 6.65 -1.87 4.18
C TYR B 147 5.35 -1.67 5.00
N CYS B 148 5.28 -0.59 5.75
CA CYS B 148 4.12 -0.36 6.64
C CYS B 148 3.30 0.81 6.17
N VAL B 149 2.00 0.62 6.12
CA VAL B 149 1.08 1.73 5.86
C VAL B 149 0.41 2.13 7.17
N ARG B 150 0.64 3.39 7.56
CA ARG B 150 0.26 3.90 8.84
C ARG B 150 -0.82 4.93 8.70
N ASN B 151 -1.61 5.08 9.78
CA ASN B 151 -2.67 6.08 9.86
C ASN B 151 -3.79 5.99 8.84
N VAL B 152 -4.18 4.79 8.37
CA VAL B 152 -5.32 4.69 7.48
C VAL B 152 -6.50 3.86 8.02
N ARG B 153 -6.45 3.37 9.25
CA ARG B 153 -7.59 2.62 9.85
C ARG B 153 -8.82 3.45 10.04
N PHE B 154 -8.65 4.73 10.36
CA PHE B 154 -9.74 5.58 10.84
C PHE B 154 -9.99 6.81 9.95
N GLY B 155 -9.68 6.68 8.67
CA GLY B 155 -9.94 7.77 7.71
C GLY B 155 -8.66 8.49 7.35
N THR B 156 -8.69 9.19 6.23
CA THR B 156 -7.55 9.98 5.78
C THR B 156 -7.99 11.39 5.49
N LYS B 157 -7.04 12.31 5.40
CA LYS B 157 -7.31 13.65 4.98
C LYS B 157 -6.87 13.76 3.55
N LEU B 158 -7.76 14.25 2.68
CA LEU B 158 -7.41 14.46 1.28
C LEU B 158 -6.18 15.34 1.23
N GLY B 159 -5.15 14.89 0.52
CA GLY B 159 -3.95 15.69 0.40
C GLY B 159 -2.90 15.38 1.44
N SER B 160 -3.11 14.33 2.24
CA SER B 160 -2.06 13.88 3.13
C SER B 160 -1.10 12.99 2.34
N ASP B 161 0.11 12.89 2.86
CA ASP B 161 1.20 12.25 2.16
C ASP B 161 1.49 10.90 2.80
N ILE B 162 0.66 9.91 2.50
CA ILE B 162 0.79 8.56 3.05
C ILE B 162 1.97 7.82 2.41
N LYS B 163 2.81 7.21 3.23
CA LYS B 163 3.97 6.47 2.75
C LYS B 163 3.76 4.96 2.86
N LEU B 164 4.35 4.21 1.93
CA LEU B 164 4.68 2.82 2.15
C LEU B 164 6.02 2.90 2.88
N GLU B 165 5.97 2.98 4.21
CA GLU B 165 7.18 3.19 4.99
C GLU B 165 8.04 1.94 5.03
N ASP B 166 9.31 2.10 4.68
CA ASP B 166 10.24 0.99 4.73
C ASP B 166 10.66 0.77 6.19
N SER B 167 10.11 -0.27 6.81
CA SER B 167 10.27 -0.46 8.27
C SER B 167 11.69 -0.66 8.64
N LEU B 168 12.46 -1.24 7.73
CA LEU B 168 13.87 -1.42 8.02
C LEU B 168 14.61 -0.09 8.01
N TRP B 169 14.43 0.67 6.92
CA TRP B 169 15.11 1.95 6.79
C TRP B 169 14.81 2.90 7.96
N VAL B 170 13.53 3.05 8.31
CA VAL B 170 13.20 3.94 9.42
C VAL B 170 13.75 3.42 10.77
N SER B 171 13.82 2.12 10.97
CA SER B 171 14.41 1.56 12.20
C SER B 171 15.91 1.80 12.35
N LEU B 172 16.61 2.10 11.24
CA LEU B 172 18.02 2.42 11.29
C LEU B 172 18.33 3.90 11.60
N THR B 173 17.32 4.65 12.02
CA THR B 173 17.47 5.97 12.59
C THR B 173 16.95 5.93 14.02
N ASP B 174 17.72 6.51 14.95
CA ASP B 174 17.24 6.64 16.33
C ASP B 174 16.55 7.98 16.38
N GLN B 175 15.23 7.94 16.44
CA GLN B 175 14.46 9.15 16.46
C GLN B 175 14.61 9.99 17.72
N HIS B 176 15.13 9.43 18.81
CA HIS B 176 15.36 10.23 20.01
C HIS B 176 16.41 11.31 19.75
N VAL B 177 17.45 10.99 19.00
CA VAL B 177 18.49 11.98 18.69
C VAL B 177 18.45 12.40 17.21
N GLN B 178 17.49 11.83 16.48
CA GLN B 178 17.32 12.05 15.04
C GLN B 178 18.61 11.82 14.26
N LEU B 179 19.22 10.66 14.50
CA LEU B 179 20.45 10.30 13.78
C LEU B 179 20.38 8.93 13.18
N PRO B 180 20.68 8.80 11.88
CA PRO B 180 20.95 7.48 11.37
C PRO B 180 22.08 6.84 12.14
N MET B 181 22.05 5.51 12.25
CA MET B 181 23.12 4.79 12.93
C MET B 181 24.50 5.19 12.37
N ALA B 182 24.59 5.30 11.06
CA ALA B 182 25.86 5.70 10.43
C ALA B 182 26.36 7.07 10.90
N MET B 183 25.46 7.99 11.18
CA MET B 183 25.86 9.31 11.67
C MET B 183 26.42 9.25 13.09
N THR B 184 25.96 8.27 13.87
CA THR B 184 26.54 8.10 15.22
C THR B 184 27.98 7.59 15.09
N ALA B 185 28.21 6.81 14.07
CA ALA B 185 29.57 6.36 13.79
C ALA B 185 30.47 7.49 13.27
N GLU B 186 29.93 8.39 12.45
CA GLU B 186 30.68 9.61 12.06
C GLU B 186 31.06 10.44 13.23
N ASN B 187 30.13 10.58 14.21
CA ASN B 187 30.45 11.25 15.45
C ASN B 187 31.67 10.65 16.18
N LEU B 188 31.77 9.34 16.20
CA LEU B 188 32.93 8.68 16.79
C LEU B 188 34.20 8.91 15.93
N ALA B 189 34.05 8.96 14.62
CA ALA B 189 35.19 9.18 13.72
C ALA B 189 35.81 10.56 14.01
N VAL B 190 34.95 11.56 14.21
CA VAL B 190 35.37 12.93 14.54
C VAL B 190 35.99 12.98 15.93
N LYS B 191 35.27 12.44 16.92
CA LYS B 191 35.78 12.40 18.29
C LYS B 191 37.17 11.75 18.43
N HIS B 192 37.38 10.62 17.75
CA HIS B 192 38.57 9.80 17.98
C HIS B 192 39.60 9.98 16.88
N LYS B 193 39.35 10.92 15.97
CA LYS B 193 40.29 11.27 14.88
C LYS B 193 40.57 10.08 13.94
N ILE B 194 39.51 9.41 13.52
CA ILE B 194 39.64 8.23 12.68
C ILE B 194 39.43 8.69 11.27
N SER B 195 40.41 8.43 10.40
CA SER B 195 40.31 8.83 9.00
C SER B 195 39.59 7.82 8.15
N ARG B 196 39.09 8.33 7.01
CA ARG B 196 38.41 7.52 6.02
C ARG B 196 39.31 6.36 5.60
N GLU B 197 40.59 6.67 5.42
CA GLU B 197 41.57 5.66 4.98
C GLU B 197 41.67 4.53 6.00
N GLU B 198 41.77 4.89 7.28
CA GLU B 198 41.86 3.88 8.35
C GLU B 198 40.58 3.01 8.38
N CYS B 199 39.42 3.60 8.13
CA CYS B 199 38.16 2.82 8.05
C CYS B 199 38.16 1.79 6.90
N ASP B 200 38.64 2.21 5.72
CA ASP B 200 38.66 1.31 4.56
C ASP B 200 39.67 0.17 4.71
N LYS B 201 40.80 0.47 5.32
CA LYS B 201 41.77 -0.57 5.64
C LYS B 201 41.21 -1.58 6.67
N TYR B 202 40.47 -1.08 7.68
CA TYR B 202 39.82 -2.03 8.61
C TYR B 202 38.82 -2.92 7.84
N ALA B 203 38.02 -2.31 6.94
CA ALA B 203 37.06 -3.08 6.16
C ALA B 203 37.71 -4.18 5.33
N LEU B 204 38.78 -3.82 4.62
CA LEU B 204 39.52 -4.79 3.82
C LEU B 204 40.01 -5.94 4.68
N GLN B 205 40.59 -5.60 5.82
CA GLN B 205 41.04 -6.65 6.75
C GLN B 205 39.91 -7.61 7.18
N SER B 206 38.70 -7.09 7.40
CA SER B 206 37.58 -7.95 7.78
C SER B 206 37.27 -8.91 6.66
N GLN B 207 37.24 -8.42 5.42
CA GLN B 207 37.00 -9.30 4.26
C GLN B 207 38.08 -10.40 4.15
N GLN B 208 39.34 -9.99 4.28
CA GLN B 208 40.49 -10.93 4.23
C GLN B 208 40.42 -11.96 5.35
N ARG B 209 40.14 -11.53 6.58
CA ARG B 209 40.07 -12.48 7.70
C ARG B 209 38.90 -13.47 7.53
N TRP B 210 37.75 -12.98 7.08
CA TRP B 210 36.60 -13.84 6.83
C TRP B 210 36.97 -14.92 5.83
N LYS B 211 37.56 -14.46 4.72
CA LYS B 211 37.96 -15.38 3.63
C LYS B 211 38.94 -16.45 4.09
N ALA B 212 40.02 -16.02 4.75
CA ALA B 212 41.01 -17.00 5.31
C ALA B 212 40.38 -18.03 6.26
N ALA B 213 39.55 -17.56 7.20
CA ALA B 213 38.88 -18.43 8.15
C ALA B 213 37.90 -19.40 7.49
N ASN B 214 37.10 -18.87 6.56
CA ASN B 214 36.13 -19.73 5.90
C ASN B 214 36.86 -20.86 5.17
N ASP B 215 37.85 -20.49 4.36
CA ASP B 215 38.62 -21.50 3.59
C ASP B 215 39.42 -22.45 4.47
N ALA B 216 39.81 -22.01 5.67
CA ALA B 216 40.52 -22.88 6.58
C ALA B 216 39.60 -23.82 7.37
N GLY B 217 38.28 -23.65 7.30
CA GLY B 217 37.37 -24.53 8.04
C GLY B 217 37.00 -24.02 9.45
N TYR B 218 37.31 -22.76 9.76
CA TYR B 218 37.14 -22.25 11.11
C TYR B 218 35.67 -21.91 11.43
N PHE B 219 34.80 -21.95 10.42
CA PHE B 219 33.37 -21.82 10.60
C PHE B 219 32.66 -23.18 10.52
N ASN B 220 33.41 -24.26 10.28
CA ASN B 220 32.76 -25.60 10.15
C ASN B 220 31.99 -26.08 11.39
N ASP B 221 32.58 -26.02 12.56
CA ASP B 221 31.88 -26.59 13.74
C ASP B 221 30.61 -25.80 14.12
N GLU B 222 30.65 -24.49 13.93
CA GLU B 222 29.47 -23.66 14.27
C GLU B 222 28.33 -23.70 13.27
N MET B 223 28.66 -24.04 12.02
CA MET B 223 27.73 -23.84 10.92
C MET B 223 26.56 -24.84 10.94
N ALA B 224 25.38 -24.29 10.71
CA ALA B 224 24.12 -25.04 10.62
C ALA B 224 23.66 -24.82 9.19
N PRO B 225 24.12 -25.69 8.28
CA PRO B 225 23.76 -25.52 6.88
C PRO B 225 22.25 -25.57 6.62
N ILE B 226 21.84 -24.88 5.57
CA ILE B 226 20.45 -24.80 5.17
C ILE B 226 20.31 -25.17 3.69
N GLU B 227 19.32 -26.01 3.38
CA GLU B 227 18.94 -26.30 2.02
C GLU B 227 18.17 -25.13 1.36
N VAL B 228 18.64 -24.68 0.20
CA VAL B 228 18.05 -23.51 -0.45
C VAL B 228 17.71 -23.81 -1.90
N LYS B 229 16.97 -22.91 -2.53
CA LYS B 229 16.65 -22.98 -3.95
C LYS B 229 17.57 -22.11 -4.77
N THR B 230 17.94 -22.63 -5.94
CA THR B 230 18.78 -21.89 -6.88
C THR B 230 18.29 -22.23 -8.28
N GLY B 233 18.57 -25.88 -9.03
CA GLY B 233 17.76 -26.67 -8.10
C GLY B 233 18.19 -26.53 -6.65
N LYS B 234 17.79 -27.49 -5.82
CA LYS B 234 18.12 -27.50 -4.40
C LYS B 234 19.62 -27.58 -4.18
N GLN B 235 20.14 -26.78 -3.26
CA GLN B 235 21.52 -26.86 -2.86
C GLN B 235 21.67 -26.58 -1.37
N THR B 236 22.79 -27.02 -0.80
CA THR B 236 23.11 -26.80 0.59
C THR B 236 23.87 -25.49 0.73
N MET B 237 23.34 -24.57 1.51
CA MET B 237 24.07 -23.31 1.78
C MET B 237 24.84 -23.50 3.06
N GLN B 238 26.17 -23.34 2.99
CA GLN B 238 27.00 -23.39 4.16
C GLN B 238 28.10 -22.33 4.18
N VAL B 239 27.99 -21.32 3.33
CA VAL B 239 28.93 -20.25 3.28
C VAL B 239 28.19 -18.92 3.37
N ASP B 240 28.76 -17.96 4.12
CA ASP B 240 28.15 -16.63 4.24
C ASP B 240 28.06 -15.91 2.88
N GLU B 241 26.87 -15.43 2.52
CA GLU B 241 26.65 -14.86 1.21
C GLU B 241 27.08 -13.41 1.06
N HIS B 242 27.11 -12.62 2.13
CA HIS B 242 27.44 -11.17 2.00
C HIS B 242 28.91 -10.85 1.72
N ALA B 243 29.78 -11.79 2.01
CA ALA B 243 31.17 -11.54 1.97
C ALA B 243 31.58 -11.20 0.54
N ARG B 244 32.58 -10.32 0.42
CA ARG B 244 33.08 -9.84 -0.88
C ARG B 244 34.59 -10.10 -0.93
N PRO B 245 34.98 -11.38 -1.10
CA PRO B 245 36.39 -11.79 -1.01
C PRO B 245 37.33 -11.27 -2.12
N GLN B 246 36.81 -10.57 -3.13
CA GLN B 246 37.70 -9.94 -4.12
C GLN B 246 37.85 -8.44 -3.83
N THR B 247 37.45 -8.02 -2.63
CA THR B 247 37.50 -6.60 -2.28
C THR B 247 38.92 -6.09 -2.31
N THR B 248 39.11 -4.88 -2.83
CA THR B 248 40.41 -4.23 -2.75
C THR B 248 40.26 -2.89 -2.09
N LEU B 249 41.35 -2.41 -1.52
CA LEU B 249 41.38 -1.06 -0.98
C LEU B 249 40.96 0.00 -2.04
N GLU B 250 41.40 -0.17 -3.29
CA GLU B 250 41.01 0.78 -4.35
C GLU B 250 39.53 0.84 -4.57
N GLN B 251 38.87 -0.31 -4.59
CA GLN B 251 37.43 -0.33 -4.76
C GLN B 251 36.78 0.43 -3.62
N LEU B 252 37.26 0.21 -2.39
CA LEU B 252 36.72 0.87 -1.19
C LEU B 252 36.95 2.38 -1.26
N GLN B 253 38.14 2.76 -1.71
CA GLN B 253 38.49 4.18 -1.86
C GLN B 253 37.59 4.95 -2.82
N LYS B 254 37.01 4.25 -3.79
CA LYS B 254 36.12 4.88 -4.76
C LYS B 254 34.69 5.08 -4.29
N LEU B 255 34.28 4.41 -3.22
CA LEU B 255 32.90 4.52 -2.78
C LEU B 255 32.67 5.87 -2.15
N PRO B 256 31.52 6.48 -2.45
CA PRO B 256 31.21 7.75 -1.83
C PRO B 256 30.70 7.62 -0.39
N PRO B 257 30.97 8.62 0.45
CA PRO B 257 30.36 8.54 1.78
C PRO B 257 28.86 8.65 1.61
N VAL B 258 28.12 7.85 2.37
CA VAL B 258 26.69 7.71 2.16
C VAL B 258 25.85 8.75 2.93
N PHE B 259 26.32 9.16 4.09
CA PHE B 259 25.52 9.97 4.96
C PHE B 259 26.08 11.35 5.21
N LYS B 260 27.38 11.54 5.00
CA LYS B 260 28.01 12.77 5.39
C LYS B 260 29.02 13.17 4.34
N LYS B 261 28.94 14.44 3.92
CA LYS B 261 29.90 14.96 2.97
C LYS B 261 31.30 14.80 3.53
N ASP B 262 32.18 14.23 2.75
CA ASP B 262 33.55 13.92 3.20
C ASP B 262 33.62 13.02 4.44
N GLY B 263 32.59 12.21 4.65
CA GLY B 263 32.51 11.39 5.85
C GLY B 263 33.35 10.14 5.73
N THR B 264 33.43 9.38 6.80
CA THR B 264 34.12 8.10 6.79
C THR B 264 33.25 6.90 6.36
N VAL B 265 31.92 6.97 6.53
CA VAL B 265 31.08 5.76 6.30
C VAL B 265 30.59 5.58 4.90
N THR B 266 30.83 4.42 4.35
CA THR B 266 30.39 4.09 3.02
C THR B 266 29.64 2.78 3.04
N ALA B 267 29.16 2.35 1.89
CA ALA B 267 28.55 1.05 1.76
C ALA B 267 29.56 -0.06 1.93
N GLY B 268 30.83 0.28 1.77
CA GLY B 268 31.87 -0.72 1.80
C GLY B 268 32.46 -0.96 3.18
N ASN B 269 32.28 -0.01 4.09
CA ASN B 269 32.93 -0.13 5.37
C ASN B 269 31.92 -0.12 6.55
N ALA B 270 30.65 -0.24 6.22
CA ALA B 270 29.58 -0.48 7.19
C ALA B 270 29.16 -1.96 7.07
N SER B 271 28.57 -2.50 8.12
CA SER B 271 27.99 -3.85 8.03
C SER B 271 26.82 -3.86 7.06
N GLY B 272 26.57 -5.02 6.45
CA GLY B 272 25.45 -5.13 5.54
C GLY B 272 24.22 -5.62 6.26
N VAL B 273 23.08 -5.26 5.71
CA VAL B 273 21.80 -5.82 6.04
C VAL B 273 21.83 -7.30 5.67
N ALA B 274 21.31 -8.19 6.51
CA ALA B 274 21.45 -9.63 6.26
C ALA B 274 20.44 -10.47 6.99
N ASP B 275 20.37 -11.75 6.63
CA ASP B 275 19.46 -12.70 7.25
C ASP B 275 20.24 -13.82 7.94
N GLY B 276 19.84 -14.19 9.16
CA GLY B 276 20.55 -15.25 9.87
C GLY B 276 20.09 -15.47 11.31
N ALA B 277 20.53 -16.59 11.88
CA ALA B 277 20.19 -16.94 13.26
C ALA B 277 21.25 -17.77 13.89
N GLY B 278 21.19 -17.84 15.21
CA GLY B 278 22.00 -18.79 15.96
C GLY B 278 21.23 -19.35 17.15
N ALA B 279 21.79 -20.39 17.75
CA ALA B 279 21.21 -21.03 18.91
C ALA B 279 22.31 -21.52 19.84
N VAL B 280 22.21 -21.12 21.12
CA VAL B 280 23.13 -21.54 22.15
C VAL B 280 22.31 -22.23 23.22
N ILE B 281 22.69 -23.47 23.54
CA ILE B 281 22.04 -24.20 24.62
C ILE B 281 22.94 -24.15 25.83
N ILE B 282 22.39 -23.68 26.93
CA ILE B 282 23.08 -23.62 28.18
C ILE B 282 22.42 -24.49 29.25
N ALA B 283 23.23 -24.94 30.20
CA ALA B 283 22.80 -25.81 31.25
C ALA B 283 23.52 -25.57 32.58
N SER B 284 22.80 -25.80 33.67
CA SER B 284 23.39 -25.80 34.99
C SER B 284 24.39 -26.92 35.11
N GLU B 285 25.29 -26.79 36.07
CA GLU B 285 26.19 -27.87 36.42
C GLU B 285 25.45 -29.13 36.72
N ASP B 286 24.37 -29.02 37.50
CA ASP B 286 23.57 -30.16 37.86
C ASP B 286 23.02 -30.85 36.64
N ALA B 287 22.54 -30.06 35.67
CA ALA B 287 21.99 -30.62 34.43
C ALA B 287 23.08 -31.31 33.57
N VAL B 288 24.24 -30.71 33.50
CA VAL B 288 25.38 -31.30 32.77
C VAL B 288 25.68 -32.70 33.35
N LYS B 289 25.63 -32.81 34.66
CA LYS B 289 25.96 -34.07 35.34
C LYS B 289 24.84 -35.07 35.22
N LYS B 290 23.61 -34.62 35.45
CA LYS B 290 22.44 -35.46 35.32
C LYS B 290 22.26 -36.01 33.93
N HIS B 291 22.49 -35.20 32.89
CA HIS B 291 22.23 -35.63 31.51
C HIS B 291 23.47 -36.05 30.76
N ASN B 292 24.61 -36.10 31.44
CA ASN B 292 25.87 -36.47 30.83
C ASN B 292 26.18 -35.62 29.60
N PHE B 293 25.94 -34.31 29.67
CA PHE B 293 26.33 -33.39 28.63
C PHE B 293 27.88 -33.27 28.62
N THR B 294 28.47 -32.92 27.51
CA THR B 294 29.87 -32.58 27.47
C THR B 294 29.94 -31.05 27.24
N PRO B 295 30.37 -30.27 28.23
CA PRO B 295 30.35 -28.79 28.16
C PRO B 295 31.41 -28.28 27.25
N LEU B 296 31.14 -27.19 26.52
CA LEU B 296 32.10 -26.61 25.58
C LEU B 296 32.75 -25.34 26.19
N ALA B 297 32.02 -24.68 27.09
CA ALA B 297 32.47 -23.46 27.70
C ALA B 297 31.61 -23.22 28.91
N ARG B 298 32.09 -22.37 29.79
CA ARG B 298 31.33 -21.90 30.94
C ARG B 298 31.12 -20.39 30.74
N ILE B 299 29.95 -19.90 31.11
CA ILE B 299 29.70 -18.45 31.06
C ILE B 299 30.23 -17.90 32.35
N VAL B 300 31.18 -16.98 32.26
CA VAL B 300 31.93 -16.45 33.40
C VAL B 300 31.37 -15.16 33.86
N GLY B 301 30.81 -14.41 32.92
CA GLY B 301 30.27 -13.12 33.25
C GLY B 301 29.68 -12.38 32.06
N TYR B 302 28.95 -11.33 32.35
CA TYR B 302 28.36 -10.48 31.31
C TYR B 302 28.01 -9.17 31.90
N PHE B 303 27.72 -8.22 31.06
CA PHE B 303 27.34 -6.88 31.52
C PHE B 303 26.65 -6.12 30.40
N VAL B 304 25.62 -5.37 30.77
CA VAL B 304 24.92 -4.51 29.83
C VAL B 304 25.02 -3.10 30.34
N SER B 305 25.42 -2.18 29.48
CA SER B 305 25.47 -0.74 29.88
C SER B 305 24.79 0.18 28.88
N GLY B 306 24.24 1.27 29.37
CA GLY B 306 23.77 2.33 28.50
C GLY B 306 24.94 3.27 28.18
N CYS B 307 24.81 4.03 27.10
CA CYS B 307 25.75 5.09 26.78
C CYS B 307 25.02 6.15 25.98
N ASP B 308 25.73 7.21 25.61
CA ASP B 308 25.17 8.30 24.84
C ASP B 308 24.67 7.80 23.47
N PRO B 309 23.37 7.98 23.16
CA PRO B 309 22.79 7.47 21.91
C PRO B 309 23.49 8.07 20.68
N SER B 310 23.99 9.30 20.81
CA SER B 310 24.65 10.01 19.70
C SER B 310 25.96 9.37 19.32
N ILE B 311 26.49 8.54 20.21
CA ILE B 311 27.69 7.76 19.96
C ILE B 311 27.47 6.32 20.45
N MET B 312 26.34 5.74 20.05
CA MET B 312 25.92 4.41 20.52
C MET B 312 26.97 3.34 20.28
N GLY B 313 27.75 3.51 19.21
CA GLY B 313 28.79 2.57 18.85
C GLY B 313 29.88 2.34 19.86
N ILE B 314 30.01 3.23 20.85
CA ILE B 314 30.98 3.06 21.94
C ILE B 314 30.48 2.12 23.04
N GLY B 315 29.24 1.62 22.93
CA GLY B 315 28.68 0.69 23.94
C GLY B 315 29.59 -0.43 24.44
N PRO B 316 30.38 -1.05 23.55
CA PRO B 316 31.23 -2.14 24.02
C PRO B 316 32.31 -1.74 25.04
N VAL B 317 32.66 -0.44 25.11
CA VAL B 317 33.66 -0.01 26.05
C VAL B 317 33.24 -0.16 27.49
N PRO B 318 32.15 0.51 27.93
CA PRO B 318 31.76 0.19 29.29
C PRO B 318 31.26 -1.28 29.47
N ALA B 319 30.68 -1.88 28.44
CA ALA B 319 30.14 -3.26 28.60
C ALA B 319 31.24 -4.26 28.85
N ILE B 320 32.28 -4.23 28.03
CA ILE B 320 33.42 -5.11 28.26
C ILE B 320 34.14 -4.83 29.59
N SER B 321 34.41 -3.55 29.88
CA SER B 321 35.05 -3.18 31.14
C SER B 321 34.29 -3.67 32.33
N GLY B 322 32.98 -3.44 32.33
CA GLY B 322 32.15 -3.87 33.43
C GLY B 322 32.13 -5.40 33.58
N ALA B 323 32.04 -6.11 32.45
CA ALA B 323 31.99 -7.56 32.53
C ALA B 323 33.31 -8.10 33.12
N LEU B 324 34.43 -7.57 32.62
CA LEU B 324 35.78 -7.97 33.13
C LEU B 324 35.91 -7.72 34.64
N LYS B 325 35.48 -6.54 35.08
CA LYS B 325 35.42 -6.18 36.51
C LYS B 325 34.68 -7.21 37.36
N LYS B 326 33.48 -7.58 36.91
CA LYS B 326 32.63 -8.52 37.64
C LYS B 326 33.22 -9.91 37.69
N ALA B 327 33.88 -10.33 36.61
CA ALA B 327 34.54 -11.60 36.56
C ALA B 327 35.92 -11.64 37.25
N GLY B 328 36.47 -10.51 37.65
CA GLY B 328 37.78 -10.47 38.28
C GLY B 328 38.88 -10.74 37.29
N LEU B 329 38.66 -10.35 36.02
CA LEU B 329 39.64 -10.55 34.93
C LEU B 329 40.03 -9.23 34.31
N SER B 330 41.09 -9.25 33.50
CA SER B 330 41.52 -8.06 32.76
C SER B 330 41.51 -8.39 31.30
N LEU B 331 41.62 -7.36 30.45
CA LEU B 331 41.64 -7.53 29.01
C LEU B 331 42.80 -8.44 28.60
N LYS B 332 43.92 -8.33 29.31
CA LYS B 332 45.09 -9.17 29.07
C LYS B 332 44.81 -10.64 29.25
N ASP B 333 43.82 -11.00 30.05
CA ASP B 333 43.40 -12.40 30.22
C ASP B 333 42.60 -12.92 29.06
N MET B 334 42.07 -12.05 28.20
CA MET B 334 41.26 -12.51 27.11
C MET B 334 42.12 -13.04 25.97
N ASP B 335 41.88 -14.28 25.54
CA ASP B 335 42.58 -14.82 24.39
C ASP B 335 41.95 -14.29 23.05
N LEU B 336 40.65 -13.98 23.11
CA LEU B 336 39.89 -13.50 21.94
C LEU B 336 38.91 -12.45 22.38
N VAL B 337 38.74 -11.44 21.57
CA VAL B 337 37.76 -10.43 21.77
C VAL B 337 36.98 -10.31 20.48
N GLU B 338 35.67 -10.13 20.59
CA GLU B 338 34.83 -9.86 19.42
C GLU B 338 34.08 -8.58 19.71
N VAL B 339 34.11 -7.64 18.78
CA VAL B 339 33.35 -6.37 18.87
C VAL B 339 32.65 -6.29 17.56
N ASN B 340 31.33 -6.41 17.57
CA ASN B 340 30.54 -6.50 16.36
C ASN B 340 30.88 -5.29 15.46
N GLU B 341 31.12 -5.57 14.20
CA GLU B 341 31.57 -4.55 13.23
C GLU B 341 30.41 -3.77 12.63
N ALA B 342 29.70 -2.98 13.41
CA ALA B 342 28.54 -2.27 12.87
C ALA B 342 29.01 -1.29 11.79
N PHE B 343 30.08 -0.55 12.08
CA PHE B 343 30.73 0.39 11.11
C PHE B 343 32.21 0.43 11.44
N ALA B 344 33.07 0.49 10.43
CA ALA B 344 34.49 0.49 10.71
C ALA B 344 34.90 1.57 11.71
N PRO B 345 34.46 2.83 11.51
CA PRO B 345 34.93 3.86 12.46
C PRO B 345 34.38 3.62 13.90
N GLN B 346 33.19 2.99 14.01
CA GLN B 346 32.68 2.61 15.29
C GLN B 346 33.56 1.56 15.97
N TYR B 347 33.85 0.49 15.27
CA TYR B 347 34.81 -0.48 15.76
C TYR B 347 36.16 0.13 16.16
N LEU B 348 36.76 0.93 15.27
CA LEU B 348 38.05 1.54 15.56
C LEU B 348 38.06 2.44 16.81
N ALA B 349 36.96 3.18 17.04
CA ALA B 349 36.80 3.95 18.29
C ALA B 349 36.84 3.06 19.52
N VAL B 350 36.24 1.86 19.44
CA VAL B 350 36.29 0.87 20.54
C VAL B 350 37.70 0.30 20.73
N GLU B 351 38.33 -0.06 19.64
CA GLU B 351 39.69 -0.57 19.67
C GLU B 351 40.62 0.44 20.36
N ARG B 352 40.53 1.72 19.98
CA ARG B 352 41.37 2.76 20.56
C ARG B 352 41.05 2.97 22.02
N SER B 353 39.76 2.99 22.39
CA SER B 353 39.42 3.32 23.77
C SER B 353 39.90 2.24 24.73
N LEU B 354 39.88 0.99 24.32
CA LEU B 354 40.27 -0.11 25.18
C LEU B 354 41.70 -0.61 24.91
N ASP B 355 42.36 -0.05 23.88
CA ASP B 355 43.69 -0.49 23.41
C ASP B 355 43.71 -1.99 23.07
N LEU B 356 42.72 -2.44 22.30
CA LEU B 356 42.60 -3.85 21.95
C LEU B 356 43.76 -4.24 21.04
N ASP B 357 44.21 -5.47 21.19
CA ASP B 357 45.20 -6.08 20.30
C ASP B 357 44.50 -6.66 19.09
N ILE B 358 44.80 -6.11 17.91
CA ILE B 358 44.10 -6.46 16.68
C ILE B 358 44.35 -7.91 16.29
N SER B 359 45.44 -8.49 16.76
CA SER B 359 45.74 -9.88 16.46
C SER B 359 44.84 -10.85 17.25
N LYS B 360 44.15 -10.36 18.29
CA LYS B 360 43.23 -11.22 19.08
C LYS B 360 41.77 -10.73 19.00
N THR B 361 41.51 -9.72 18.14
CA THR B 361 40.20 -9.06 18.05
C THR B 361 39.62 -9.28 16.67
N ASN B 362 38.38 -9.76 16.63
CA ASN B 362 37.66 -10.03 15.37
C ASN B 362 38.58 -10.77 14.43
N VAL B 363 39.16 -11.87 14.94
CA VAL B 363 40.24 -12.58 14.25
C VAL B 363 39.82 -13.24 12.94
N ASN B 364 38.55 -13.59 12.84
CA ASN B 364 38.04 -14.25 11.68
C ASN B 364 37.03 -13.43 10.87
N GLY B 365 37.16 -12.11 10.92
CA GLY B 365 36.28 -11.20 10.23
C GLY B 365 35.03 -10.93 11.08
N GLY B 366 34.07 -10.24 10.51
CA GLY B 366 32.87 -9.79 11.22
C GLY B 366 31.83 -9.28 10.25
N ALA B 367 30.90 -8.51 10.81
CA ALA B 367 29.73 -8.05 10.13
C ALA B 367 29.97 -7.23 8.87
N ILE B 368 31.10 -6.55 8.74
CA ILE B 368 31.42 -5.89 7.45
C ILE B 368 31.44 -6.96 6.38
N ALA B 369 32.04 -8.10 6.66
CA ALA B 369 32.13 -9.22 5.69
C ALA B 369 30.86 -9.99 5.60
N LEU B 370 30.34 -10.48 6.73
CA LEU B 370 29.24 -11.45 6.64
C LEU B 370 27.85 -10.87 7.02
N GLY B 371 27.81 -9.57 7.32
CA GLY B 371 26.53 -8.89 7.54
C GLY B 371 26.11 -8.88 9.02
N HIS B 372 25.09 -8.09 9.30
CA HIS B 372 24.60 -7.89 10.65
C HIS B 372 23.08 -8.12 10.71
N PRO B 373 22.62 -9.41 10.70
CA PRO B 373 21.24 -9.65 10.99
C PRO B 373 20.98 -9.34 12.48
N LEU B 374 20.24 -8.27 12.73
CA LEU B 374 20.23 -7.60 14.05
C LEU B 374 20.19 -8.54 15.22
N GLY B 375 19.16 -9.40 15.29
CA GLY B 375 19.02 -10.33 16.38
C GLY B 375 19.93 -11.53 16.39
N GLY B 376 20.46 -11.88 15.21
CA GLY B 376 21.35 -13.00 15.04
C GLY B 376 22.83 -12.80 15.33
N SER B 377 23.38 -11.62 15.14
CA SER B 377 24.82 -11.40 15.27
C SER B 377 25.37 -11.84 16.62
N GLY B 378 24.70 -11.49 17.71
CA GLY B 378 25.22 -11.92 19.02
C GLY B 378 25.24 -13.41 19.28
N SER B 379 24.29 -14.15 18.70
CA SER B 379 24.30 -15.57 18.75
C SER B 379 25.45 -16.15 17.92
N ARG B 380 25.64 -15.64 16.70
CA ARG B 380 26.81 -16.07 15.87
C ARG B 380 28.15 -15.80 16.56
N ILE B 381 28.34 -14.60 17.08
CA ILE B 381 29.55 -14.25 17.78
C ILE B 381 29.86 -15.18 18.91
N THR B 382 28.87 -15.40 19.80
CA THR B 382 29.04 -16.37 20.86
C THR B 382 29.40 -17.74 20.37
N ALA B 383 28.64 -18.25 19.41
CA ALA B 383 28.91 -19.56 18.90
C ALA B 383 30.32 -19.61 18.25
N HIS B 384 30.72 -18.55 17.56
CA HIS B 384 32.05 -18.51 16.98
C HIS B 384 33.18 -18.53 18.07
N LEU B 385 32.99 -17.76 19.13
CA LEU B 385 33.93 -17.74 20.21
C LEU B 385 34.06 -19.10 20.90
N VAL B 386 32.96 -19.78 21.09
CA VAL B 386 32.95 -21.08 21.78
C VAL B 386 33.89 -22.01 21.00
N HIS B 387 33.69 -22.08 19.69
CA HIS B 387 34.44 -23.03 18.87
C HIS B 387 35.85 -22.57 18.55
N GLU B 388 36.02 -21.27 18.28
CA GLU B 388 37.32 -20.75 17.91
C GLU B 388 38.26 -20.75 19.14
N LEU B 389 37.72 -20.51 20.34
CA LEU B 389 38.51 -20.50 21.54
C LEU B 389 39.05 -21.89 21.77
N ARG B 390 38.21 -22.92 21.56
CA ARG B 390 38.62 -24.29 21.72
C ARG B 390 39.68 -24.67 20.64
N ARG B 391 39.49 -24.20 19.40
CA ARG B 391 40.42 -24.49 18.31
C ARG B 391 41.82 -23.91 18.60
N ARG B 392 41.87 -22.72 19.20
CA ARG B 392 43.11 -22.09 19.53
C ARG B 392 43.75 -22.62 20.81
N GLY B 393 43.01 -23.39 21.61
CA GLY B 393 43.50 -23.83 22.90
C GLY B 393 43.60 -22.72 23.91
N GLY B 394 42.71 -21.73 23.78
CA GLY B 394 42.74 -20.61 24.66
C GLY B 394 41.85 -20.84 25.88
N LYS B 395 41.89 -19.92 26.81
CA LYS B 395 41.12 -20.05 28.07
C LYS B 395 39.87 -19.17 28.15
N TYR B 396 39.99 -17.88 27.80
CA TYR B 396 38.90 -16.90 27.93
C TYR B 396 38.64 -16.13 26.62
N ALA B 397 37.39 -15.74 26.41
CA ALA B 397 37.01 -14.87 25.28
C ALA B 397 35.85 -13.98 25.71
N VAL B 398 35.75 -12.80 25.10
CA VAL B 398 34.63 -11.89 25.37
C VAL B 398 34.04 -11.44 24.03
N GLY B 399 32.71 -11.54 23.91
CA GLY B 399 32.02 -11.06 22.74
C GLY B 399 31.15 -9.91 23.10
N SER B 400 31.01 -8.94 22.20
CA SER B 400 30.28 -7.72 22.54
C SER B 400 29.65 -7.12 21.30
N ALA B 401 28.72 -6.20 21.52
CA ALA B 401 28.11 -5.46 20.46
C ALA B 401 27.63 -4.12 20.98
N CYS B 402 27.76 -3.09 20.16
CA CYS B 402 27.06 -1.84 20.36
C CYS B 402 25.62 -2.06 19.97
N ILE B 403 24.77 -1.20 20.50
CA ILE B 403 23.32 -1.36 20.41
C ILE B 403 22.70 -0.01 20.05
N GLY B 404 21.97 0.03 18.94
CA GLY B 404 21.26 1.23 18.52
C GLY B 404 20.43 1.78 19.66
N GLY B 405 20.44 3.11 19.80
CA GLY B 405 19.77 3.74 20.88
C GLY B 405 20.70 4.02 22.05
N GLY B 406 21.92 3.47 22.00
CA GLY B 406 22.93 3.74 23.03
C GLY B 406 23.06 2.77 24.19
N GLN B 407 23.38 1.54 23.88
CA GLN B 407 23.71 0.49 24.84
C GLN B 407 24.88 -0.32 24.33
N GLY B 408 25.42 -1.13 25.22
CA GLY B 408 26.40 -2.13 24.89
C GLY B 408 26.19 -3.37 25.73
N ILE B 409 26.60 -4.50 25.19
CA ILE B 409 26.54 -5.77 25.89
C ILE B 409 27.84 -6.55 25.65
N ALA B 410 28.24 -7.30 26.67
CA ALA B 410 29.36 -8.19 26.58
C ALA B 410 29.09 -9.43 27.38
N VAL B 411 29.62 -10.52 26.88
CA VAL B 411 29.54 -11.85 27.54
C VAL B 411 30.93 -12.49 27.50
N ILE B 412 31.42 -12.94 28.66
CA ILE B 412 32.69 -13.63 28.75
C ILE B 412 32.51 -15.14 28.93
N ILE B 413 33.24 -15.91 28.13
CA ILE B 413 33.24 -17.34 28.27
C ILE B 413 34.62 -17.84 28.70
N GLN B 414 34.61 -19.01 29.33
CA GLN B 414 35.81 -19.77 29.64
C GLN B 414 35.72 -21.15 29.01
N SER B 415 36.76 -21.55 28.28
CA SER B 415 36.82 -22.90 27.72
C SER B 415 36.78 -23.94 28.86
N THR B 416 36.11 -25.08 28.64
CA THR B 416 36.04 -26.10 29.64
C THR B 416 36.48 -27.47 29.11
N ALA B 417 37.33 -28.12 29.89
CA ALA B 417 37.69 -29.54 29.62
C ALA B 417 36.53 -30.47 29.86
N ALA C 22 -23.34 25.93 -39.19
CA ALA C 22 -24.44 25.06 -38.66
C ALA C 22 -24.04 23.57 -38.61
N LEU C 23 -24.58 22.84 -37.64
CA LEU C 23 -24.45 21.38 -37.63
C LEU C 23 -24.99 20.88 -38.95
N LEU C 24 -24.29 19.94 -39.56
CA LEU C 24 -24.68 19.33 -40.83
C LEU C 24 -26.06 18.69 -40.84
N ARG C 25 -26.52 18.16 -39.71
CA ARG C 25 -27.90 17.69 -39.60
C ARG C 25 -28.41 18.27 -38.32
N GLY C 26 -29.74 18.32 -38.19
CA GLY C 26 -30.35 18.64 -36.94
C GLY C 26 -30.06 17.58 -35.88
N VAL C 27 -29.64 18.01 -34.68
CA VAL C 27 -29.41 17.08 -33.56
C VAL C 27 -30.25 17.56 -32.40
N PHE C 28 -31.10 16.68 -31.88
CA PHE C 28 -32.03 17.01 -30.84
C PHE C 28 -31.72 16.23 -29.58
N VAL C 29 -31.79 16.93 -28.45
CA VAL C 29 -31.85 16.30 -27.17
C VAL C 29 -33.29 15.75 -26.97
N VAL C 30 -33.36 14.44 -26.71
CA VAL C 30 -34.63 13.74 -26.47
C VAL C 30 -34.80 13.21 -25.05
N ALA C 31 -33.73 13.34 -24.24
CA ALA C 31 -33.77 13.02 -22.83
C ALA C 31 -32.54 13.57 -22.17
N ALA C 32 -32.69 14.01 -20.95
CA ALA C 32 -31.57 14.56 -20.15
C ALA C 32 -31.83 14.41 -18.66
N LYS C 33 -30.99 13.60 -18.02
CA LYS C 33 -31.09 13.34 -16.63
C LYS C 33 -29.73 13.35 -15.94
N ARG C 34 -29.74 13.52 -14.66
CA ARG C 34 -28.53 13.47 -13.86
C ARG C 34 -28.81 13.05 -12.46
N THR C 35 -27.84 12.38 -11.86
CA THR C 35 -28.03 11.83 -10.51
C THR C 35 -27.92 12.96 -9.48
N PRO C 36 -28.48 12.77 -8.30
CA PRO C 36 -28.01 13.65 -7.22
C PRO C 36 -26.50 13.51 -7.11
N PHE C 37 -25.83 14.59 -6.70
CA PHE C 37 -24.40 14.57 -6.52
C PHE C 37 -24.08 14.28 -5.04
N GLY C 38 -23.24 13.26 -4.85
CA GLY C 38 -22.86 12.88 -3.51
C GLY C 38 -21.61 13.57 -3.02
N ALA C 39 -21.52 13.74 -1.72
CA ALA C 39 -20.32 14.31 -1.10
C ALA C 39 -19.21 13.26 -1.12
N TYR C 40 -17.97 13.74 -1.03
CA TYR C 40 -16.79 12.91 -0.89
C TYR C 40 -16.90 12.05 0.36
N GLY C 41 -16.88 10.72 0.19
CA GLY C 41 -17.07 9.81 1.29
C GLY C 41 -18.51 9.80 1.79
N GLY C 42 -19.44 10.32 1.00
CA GLY C 42 -20.85 10.40 1.37
C GLY C 42 -21.76 9.28 0.86
N LEU C 43 -23.00 9.66 0.57
CA LEU C 43 -24.10 8.72 0.34
C LEU C 43 -23.92 7.85 -0.92
N LEU C 44 -23.09 8.28 -1.87
CA LEU C 44 -22.88 7.47 -3.10
C LEU C 44 -21.50 6.79 -3.17
N LYS C 45 -20.72 6.85 -2.11
CA LYS C 45 -19.34 6.42 -2.16
C LYS C 45 -19.14 5.00 -2.62
N ASP C 46 -20.08 4.09 -2.35
CA ASP C 46 -19.92 2.72 -2.75
C ASP C 46 -20.36 2.39 -4.20
N PHE C 47 -20.89 3.36 -4.92
CA PHE C 47 -21.27 3.13 -6.29
C PHE C 47 -20.07 3.55 -7.17
N THR C 48 -19.72 2.69 -8.10
CA THR C 48 -18.62 3.00 -9.05
C THR C 48 -19.09 4.05 -10.05
N ALA C 49 -18.13 4.65 -10.78
CA ALA C 49 -18.51 5.56 -11.84
C ALA C 49 -19.40 4.86 -12.91
N THR C 50 -19.12 3.61 -13.15
CA THR C 50 -19.96 2.78 -14.02
C THR C 50 -21.43 2.69 -13.51
N ASP C 51 -21.59 2.34 -12.26
CA ASP C 51 -22.90 2.34 -11.59
C ASP C 51 -23.64 3.68 -11.73
N LEU C 52 -22.98 4.81 -11.42
CA LEU C 52 -23.64 6.07 -11.48
C LEU C 52 -24.09 6.43 -12.86
N SER C 53 -23.26 6.11 -13.86
CA SER C 53 -23.60 6.30 -15.22
C SER C 53 -24.77 5.42 -15.69
N GLU C 54 -24.74 4.16 -15.30
CA GLU C 54 -25.89 3.29 -15.51
C GLU C 54 -27.17 3.92 -14.97
N PHE C 55 -27.13 4.44 -13.75
CA PHE C 55 -28.34 4.98 -13.12
C PHE C 55 -28.88 6.17 -13.92
N ALA C 56 -28.01 7.09 -14.28
CA ALA C 56 -28.43 8.24 -15.08
C ALA C 56 -28.97 7.80 -16.45
N ALA C 57 -28.27 6.92 -17.13
CA ALA C 57 -28.66 6.44 -18.44
C ALA C 57 -30.03 5.73 -18.43
N LYS C 58 -30.23 4.89 -17.45
CA LYS C 58 -31.55 4.21 -17.23
C LYS C 58 -32.66 5.21 -17.01
N ALA C 59 -32.39 6.24 -16.20
CA ALA C 59 -33.33 7.33 -16.01
C ALA C 59 -33.65 8.11 -17.27
N ALA C 60 -32.64 8.39 -18.08
CA ALA C 60 -32.83 9.10 -19.33
C ALA C 60 -33.66 8.29 -20.32
N LEU C 61 -33.29 7.03 -20.50
CA LEU C 61 -34.07 6.13 -21.35
C LEU C 61 -35.54 6.17 -20.94
N SER C 62 -35.80 6.03 -19.65
CA SER C 62 -37.18 6.06 -19.11
C SER C 62 -37.88 7.37 -19.32
N ALA C 63 -37.22 8.47 -18.98
CA ALA C 63 -37.80 9.77 -19.13
C ALA C 63 -38.11 10.17 -20.53
N GLY C 64 -37.26 9.81 -21.49
CA GLY C 64 -37.53 10.13 -22.87
C GLY C 64 -38.41 9.11 -23.58
N LYS C 65 -38.75 8.02 -22.90
CA LYS C 65 -39.41 6.83 -23.48
C LYS C 65 -38.65 6.42 -24.70
N VAL C 66 -37.31 6.35 -24.54
CA VAL C 66 -36.40 5.93 -25.62
C VAL C 66 -36.14 4.46 -25.41
N SER C 67 -36.48 3.64 -26.39
CA SER C 67 -36.11 2.26 -26.31
C SER C 67 -34.60 2.09 -26.46
N PRO C 68 -33.95 1.27 -25.58
CA PRO C 68 -32.52 1.01 -25.72
C PRO C 68 -32.11 0.48 -27.06
N GLU C 69 -33.02 -0.23 -27.71
CA GLU C 69 -32.77 -0.81 -29.02
C GLU C 69 -32.53 0.25 -30.07
N THR C 70 -32.95 1.49 -29.84
CA THR C 70 -32.76 2.51 -30.86
C THR C 70 -31.33 3.12 -30.79
N VAL C 71 -30.61 2.88 -29.71
CA VAL C 71 -29.34 3.58 -29.47
C VAL C 71 -28.24 2.92 -30.31
N ASP C 72 -27.63 3.71 -31.18
CA ASP C 72 -26.56 3.26 -32.15
C ASP C 72 -25.14 3.44 -31.66
N SER C 73 -24.94 4.23 -30.62
CA SER C 73 -23.60 4.55 -30.09
C SER C 73 -23.72 5.00 -28.63
N VAL C 74 -22.77 4.53 -27.79
CA VAL C 74 -22.67 4.94 -26.42
C VAL C 74 -21.30 5.66 -26.27
N ILE C 75 -21.35 6.86 -25.71
CA ILE C 75 -20.15 7.67 -25.47
C ILE C 75 -20.25 8.22 -24.06
N MET C 76 -19.28 7.86 -23.22
CA MET C 76 -19.23 8.31 -21.85
C MET C 76 -17.94 9.12 -21.54
N GLY C 77 -18.12 10.24 -20.88
CA GLY C 77 -17.03 10.98 -20.25
C GLY C 77 -16.71 10.52 -18.84
N ASN C 78 -15.44 10.25 -18.60
CA ASN C 78 -14.94 9.82 -17.31
C ASN C 78 -13.48 10.18 -17.21
N VAL C 79 -13.07 10.85 -16.13
CA VAL C 79 -11.69 11.40 -16.08
C VAL C 79 -10.70 10.51 -15.36
N LEU C 80 -11.01 10.20 -14.12
CA LEU C 80 -10.08 9.45 -13.30
C LEU C 80 -10.59 8.02 -13.13
N GLN C 81 -9.86 7.02 -13.66
CA GLN C 81 -10.31 5.58 -13.58
C GLN C 81 -10.30 5.16 -12.13
N SER C 82 -11.45 4.87 -11.54
CA SER C 82 -11.51 4.71 -10.09
C SER C 82 -12.16 3.39 -9.63
N SER C 83 -12.23 2.41 -10.50
CA SER C 83 -12.72 1.09 -10.16
C SER C 83 -11.98 0.04 -10.98
N SER C 84 -12.03 -1.21 -10.53
CA SER C 84 -11.27 -2.31 -11.21
C SER C 84 -11.80 -2.60 -12.62
N ASP C 85 -13.04 -2.19 -12.87
CA ASP C 85 -13.65 -2.36 -14.19
C ASP C 85 -13.62 -1.09 -15.09
N ALA C 86 -12.92 -0.04 -14.65
CA ALA C 86 -13.02 1.28 -15.24
C ALA C 86 -12.74 1.34 -16.73
N ILE C 87 -11.80 0.54 -17.25
CA ILE C 87 -11.45 0.67 -18.66
C ILE C 87 -12.55 0.18 -19.62
N TYR C 88 -13.55 -0.51 -19.06
CA TYR C 88 -14.70 -1.03 -19.77
C TYR C 88 -15.98 -0.15 -19.59
N LEU C 89 -15.87 0.99 -18.89
CA LEU C 89 -17.04 1.75 -18.44
C LEU C 89 -18.19 1.92 -19.45
N ALA C 90 -17.92 2.53 -20.63
CA ALA C 90 -18.98 2.84 -21.53
C ALA C 90 -19.65 1.56 -22.05
N ARG C 91 -18.85 0.54 -22.34
CA ARG C 91 -19.36 -0.79 -22.78
C ARG C 91 -20.30 -1.42 -21.75
N HIS C 92 -19.87 -1.44 -20.50
CA HIS C 92 -20.68 -1.99 -19.44
C HIS C 92 -21.95 -1.23 -19.19
N VAL C 93 -21.88 0.08 -19.21
CA VAL C 93 -23.09 0.89 -19.10
C VAL C 93 -24.10 0.51 -20.20
N GLY C 94 -23.64 0.47 -21.45
CA GLY C 94 -24.51 0.16 -22.60
C GLY C 94 -25.18 -1.20 -22.44
N LEU C 95 -24.39 -2.22 -22.08
CA LEU C 95 -24.92 -3.56 -21.90
C LEU C 95 -25.89 -3.62 -20.71
N ARG C 96 -25.56 -2.97 -19.60
CA ARG C 96 -26.42 -3.04 -18.40
C ARG C 96 -27.80 -2.43 -18.61
N VAL C 97 -27.89 -1.41 -19.46
CA VAL C 97 -29.15 -0.71 -19.66
C VAL C 97 -29.94 -1.27 -20.86
N GLY C 98 -29.48 -2.37 -21.45
CA GLY C 98 -30.25 -3.11 -22.45
C GLY C 98 -30.02 -2.68 -23.88
N ILE C 99 -29.06 -1.80 -24.10
CA ILE C 99 -28.68 -1.44 -25.46
C ILE C 99 -28.06 -2.65 -26.12
N PRO C 100 -28.37 -2.92 -27.40
CA PRO C 100 -27.90 -4.17 -28.05
C PRO C 100 -26.38 -4.29 -28.07
N LYS C 101 -25.88 -5.52 -28.06
CA LYS C 101 -24.46 -5.78 -27.97
C LYS C 101 -23.71 -5.33 -29.25
N GLU C 102 -24.43 -5.17 -30.35
CA GLU C 102 -23.85 -4.66 -31.60
C GLU C 102 -23.50 -3.15 -31.55
N THR C 103 -24.11 -2.42 -30.65
CA THR C 103 -23.85 -1.00 -30.50
C THR C 103 -22.47 -0.78 -29.86
N PRO C 104 -21.63 0.00 -30.50
CA PRO C 104 -20.34 0.20 -29.88
C PRO C 104 -20.34 1.18 -28.70
N ALA C 105 -19.23 1.21 -27.96
CA ALA C 105 -19.12 2.03 -26.77
C ALA C 105 -17.73 2.60 -26.56
N LEU C 106 -17.70 3.90 -26.29
CA LEU C 106 -16.45 4.68 -26.22
C LEU C 106 -16.39 5.49 -24.93
N THR C 107 -15.23 5.49 -24.24
CA THR C 107 -15.01 6.37 -23.07
C THR C 107 -14.07 7.48 -23.50
N ILE C 108 -14.39 8.73 -23.14
CA ILE C 108 -13.50 9.84 -23.53
C ILE C 108 -13.06 10.57 -22.28
N ASN C 109 -11.95 11.30 -22.40
CA ASN C 109 -11.45 12.10 -21.33
C ASN C 109 -10.99 13.47 -21.83
N ARG C 110 -11.78 14.47 -21.61
CA ARG C 110 -11.32 15.86 -21.76
C ARG C 110 -11.44 16.58 -20.39
N LEU C 111 -10.94 15.88 -19.38
CA LEU C 111 -10.97 16.27 -17.99
C LEU C 111 -12.32 16.88 -17.58
N CYS C 112 -12.33 18.07 -16.98
CA CYS C 112 -13.59 18.77 -16.53
C CYS C 112 -14.70 18.99 -17.59
N GLY C 113 -14.31 18.96 -18.85
CA GLY C 113 -15.20 19.16 -19.92
C GLY C 113 -15.78 17.87 -20.50
N SER C 114 -15.46 16.73 -19.92
CA SER C 114 -15.82 15.44 -20.46
C SER C 114 -17.30 15.19 -20.67
N GLY C 115 -18.11 15.63 -19.71
CA GLY C 115 -19.53 15.54 -19.82
C GLY C 115 -20.13 16.29 -21.00
N PHE C 116 -19.55 17.44 -21.37
CA PHE C 116 -19.95 18.15 -22.55
C PHE C 116 -19.34 17.49 -23.80
N GLN C 117 -18.11 17.03 -23.68
CA GLN C 117 -17.38 16.45 -24.85
C GLN C 117 -18.07 15.14 -25.39
N SER C 118 -18.69 14.35 -24.51
CA SER C 118 -19.42 13.14 -24.96
C SER C 118 -20.50 13.55 -25.96
N ILE C 119 -21.16 14.66 -25.67
CA ILE C 119 -22.25 15.17 -26.47
C ILE C 119 -21.66 15.67 -27.81
N VAL C 120 -20.54 16.36 -27.75
CA VAL C 120 -19.85 16.80 -28.96
C VAL C 120 -19.53 15.64 -29.89
N ASN C 121 -18.91 14.59 -29.36
CA ASN C 121 -18.64 13.37 -30.12
C ASN C 121 -19.88 12.77 -30.72
N GLY C 122 -20.95 12.72 -29.94
CA GLY C 122 -22.23 12.20 -30.40
C GLY C 122 -22.80 13.01 -31.55
N CYS C 123 -22.67 14.33 -31.44
CA CYS C 123 -23.09 15.23 -32.54
C CYS C 123 -22.31 14.93 -33.81
N GLN C 124 -20.99 14.79 -33.69
CA GLN C 124 -20.16 14.52 -34.86
C GLN C 124 -20.59 13.21 -35.55
N GLU C 125 -20.78 12.16 -34.74
CA GLU C 125 -21.22 10.83 -35.27
C GLU C 125 -22.54 10.89 -36.01
N ILE C 126 -23.51 11.63 -35.49
CA ILE C 126 -24.78 11.81 -36.16
C ILE C 126 -24.57 12.56 -37.48
N CYS C 127 -23.81 13.64 -37.40
CA CYS C 127 -23.64 14.54 -38.51
C CYS C 127 -22.93 13.88 -39.66
N VAL C 128 -22.03 12.94 -39.41
CA VAL C 128 -21.41 12.22 -40.53
C VAL C 128 -22.21 10.92 -40.84
N LYS C 129 -23.40 10.80 -40.23
CA LYS C 129 -24.32 9.66 -40.47
C LYS C 129 -23.79 8.28 -40.07
N GLU C 130 -22.95 8.25 -39.04
CA GLU C 130 -22.50 6.99 -38.49
C GLU C 130 -23.37 6.56 -37.31
N ALA C 131 -24.26 7.42 -36.89
CA ALA C 131 -25.21 7.11 -35.83
C ALA C 131 -26.46 7.92 -36.04
N GLU C 132 -27.57 7.46 -35.48
CA GLU C 132 -28.81 8.18 -35.52
C GLU C 132 -29.29 8.61 -34.12
N VAL C 133 -28.97 7.79 -33.12
CA VAL C 133 -29.31 8.02 -31.73
C VAL C 133 -28.07 7.70 -30.89
N VAL C 134 -27.61 8.65 -30.09
CA VAL C 134 -26.40 8.43 -29.25
C VAL C 134 -26.73 8.66 -27.76
N LEU C 135 -26.32 7.72 -26.90
CA LEU C 135 -26.36 7.96 -25.48
C LEU C 135 -25.00 8.63 -25.11
N CYS C 136 -25.07 9.85 -24.66
CA CYS C 136 -23.89 10.63 -24.28
C CYS C 136 -23.92 10.95 -22.78
N GLY C 137 -23.05 10.33 -22.01
CA GLY C 137 -23.07 10.57 -20.54
C GLY C 137 -21.77 11.13 -20.05
N GLY C 138 -21.78 11.41 -18.78
CA GLY C 138 -20.64 11.90 -18.04
C GLY C 138 -20.73 11.36 -16.65
N THR C 139 -19.60 10.88 -16.11
CA THR C 139 -19.62 10.32 -14.77
C THR C 139 -18.29 10.43 -14.03
N GLU C 140 -18.37 10.52 -12.70
CA GLU C 140 -17.15 10.45 -11.88
C GLU C 140 -17.49 9.94 -10.47
N SER C 141 -16.69 9.00 -9.98
CA SER C 141 -16.67 8.68 -8.56
C SER C 141 -15.32 9.08 -8.03
N MET C 142 -15.31 10.21 -7.37
CA MET C 142 -14.06 10.72 -6.78
C MET C 142 -13.79 10.07 -5.45
N SER C 143 -14.86 9.70 -4.73
CA SER C 143 -14.76 8.90 -3.50
C SER C 143 -13.99 7.58 -3.69
N GLN C 144 -14.07 7.01 -4.87
CA GLN C 144 -13.39 5.75 -5.21
C GLN C 144 -12.01 5.90 -5.86
N ALA C 145 -11.53 7.13 -6.00
CA ALA C 145 -10.19 7.33 -6.55
C ALA C 145 -9.19 6.53 -5.70
N PRO C 146 -8.38 5.68 -6.31
CA PRO C 146 -7.52 4.82 -5.50
C PRO C 146 -6.26 5.54 -5.00
N TYR C 147 -5.53 4.86 -4.12
CA TYR C 147 -4.15 5.15 -3.87
C TYR C 147 -3.34 4.24 -4.80
N CYS C 148 -2.30 4.77 -5.39
CA CYS C 148 -1.44 4.00 -6.32
C CYS C 148 -0.07 3.78 -5.77
N VAL C 149 0.37 2.54 -5.82
CA VAL C 149 1.77 2.24 -5.52
C VAL C 149 2.53 2.02 -6.85
N ARG C 150 3.49 2.89 -7.09
CA ARG C 150 4.24 2.89 -8.34
C ARG C 150 5.67 2.42 -8.12
N ASN C 151 6.31 2.02 -9.22
CA ASN C 151 7.72 1.54 -9.25
C ASN C 151 8.09 0.37 -8.35
N VAL C 152 7.21 -0.60 -8.08
CA VAL C 152 7.59 -1.74 -7.29
C VAL C 152 7.46 -3.09 -7.99
N ARG C 153 7.02 -3.12 -9.24
CA ARG C 153 6.96 -4.38 -10.00
C ARG C 153 8.31 -5.07 -10.23
N PHE C 154 9.37 -4.30 -10.33
CA PHE C 154 10.66 -4.79 -10.81
C PHE C 154 11.81 -4.53 -9.82
N GLY C 155 11.46 -4.45 -8.52
CA GLY C 155 12.46 -4.29 -7.47
C GLY C 155 12.47 -2.88 -6.92
N THR C 156 12.99 -2.74 -5.71
CA THR C 156 13.10 -1.43 -5.06
C THR C 156 14.52 -1.24 -4.59
N LYS C 157 14.88 -0.02 -4.24
CA LYS C 157 16.16 0.26 -3.58
C LYS C 157 15.90 0.56 -2.13
N LEU C 158 16.65 -0.09 -1.25
CA LEU C 158 16.59 0.19 0.16
C LEU C 158 16.77 1.68 0.36
N GLY C 159 15.83 2.31 1.06
CA GLY C 159 15.94 3.71 1.35
C GLY C 159 15.20 4.61 0.38
N SER C 160 14.46 4.00 -0.55
CA SER C 160 13.67 4.81 -1.45
C SER C 160 12.36 5.14 -0.75
N ASP C 161 11.76 6.23 -1.21
CA ASP C 161 10.63 6.81 -0.54
C ASP C 161 9.35 6.53 -1.32
N ILE C 162 8.85 5.30 -1.23
CA ILE C 162 7.67 4.87 -1.95
C ILE C 162 6.40 5.45 -1.33
N LYS C 163 5.54 6.04 -2.16
CA LYS C 163 4.31 6.61 -1.67
C LYS C 163 3.12 5.70 -1.95
N LEU C 164 2.13 5.77 -1.09
CA LEU C 164 0.77 5.40 -1.42
C LEU C 164 0.21 6.70 -2.01
N GLU C 165 0.38 6.87 -3.31
CA GLU C 165 0.04 8.11 -3.96
C GLU C 165 -1.45 8.29 -4.08
N ASP C 166 -1.95 9.41 -3.61
CA ASP C 166 -3.38 9.72 -3.73
C ASP C 166 -3.64 10.17 -5.20
N SER C 167 -4.23 9.29 -6.02
CA SER C 167 -4.40 9.53 -7.44
C SER C 167 -5.24 10.75 -7.68
N LEU C 168 -6.19 11.03 -6.80
CA LEU C 168 -7.00 12.20 -6.94
C LEU C 168 -6.20 13.46 -6.69
N TRP C 169 -5.54 13.52 -5.52
CA TRP C 169 -4.74 14.70 -5.19
C TRP C 169 -3.70 15.03 -6.26
N VAL C 170 -2.92 14.06 -6.67
CA VAL C 170 -1.89 14.32 -7.72
C VAL C 170 -2.51 14.73 -9.06
N SER C 171 -3.68 14.19 -9.43
CA SER C 171 -4.35 14.63 -10.64
C SER C 171 -4.84 16.08 -10.64
N LEU C 172 -4.99 16.67 -9.45
CA LEU C 172 -5.42 18.03 -9.31
C LEU C 172 -4.24 19.01 -9.35
N THR C 173 -3.05 18.53 -9.78
CA THR C 173 -1.91 19.36 -10.15
C THR C 173 -1.56 19.08 -11.63
N ASP C 174 -1.38 20.13 -12.39
CA ASP C 174 -0.98 20.04 -13.78
C ASP C 174 0.55 20.08 -13.77
N GLN C 175 1.16 18.93 -13.99
CA GLN C 175 2.59 18.83 -13.89
C GLN C 175 3.34 19.51 -15.02
N HIS C 176 2.67 19.86 -16.12
CA HIS C 176 3.30 20.64 -17.17
C HIS C 176 3.73 22.04 -16.66
N VAL C 177 2.91 22.66 -15.82
CA VAL C 177 3.24 23.98 -15.25
C VAL C 177 3.51 23.93 -13.74
N GLN C 178 3.44 22.74 -13.19
CA GLN C 178 3.57 22.47 -11.76
C GLN C 178 2.67 23.33 -10.88
N LEU C 179 1.40 23.38 -11.22
CA LEU C 179 0.46 24.16 -10.43
C LEU C 179 -0.75 23.36 -10.03
N PRO C 180 -1.11 23.38 -8.74
CA PRO C 180 -2.44 22.93 -8.42
C PRO C 180 -3.47 23.69 -9.19
N MET C 181 -4.61 23.08 -9.46
CA MET C 181 -5.74 23.78 -10.07
C MET C 181 -6.12 25.07 -9.32
N ALA C 182 -6.17 25.02 -8.00
CA ALA C 182 -6.51 26.19 -7.19
C ALA C 182 -5.52 27.33 -7.43
N MET C 183 -4.27 27.02 -7.74
CA MET C 183 -3.25 28.08 -7.96
C MET C 183 -3.43 28.73 -9.32
N THR C 184 -3.99 27.99 -10.28
CA THR C 184 -4.32 28.60 -11.56
C THR C 184 -5.46 29.59 -11.35
N ALA C 185 -6.34 29.28 -10.42
CA ALA C 185 -7.42 30.20 -10.05
C ALA C 185 -6.91 31.44 -9.32
N GLU C 186 -5.94 31.27 -8.43
CA GLU C 186 -5.32 32.44 -7.78
C GLU C 186 -4.68 33.33 -8.84
N ASN C 187 -4.02 32.74 -9.85
CA ASN C 187 -3.47 33.52 -10.98
C ASN C 187 -4.52 34.38 -11.64
N LEU C 188 -5.73 33.83 -11.78
CA LEU C 188 -6.80 34.61 -12.38
C LEU C 188 -7.31 35.68 -11.45
N ALA C 189 -7.34 35.40 -10.17
CA ALA C 189 -7.76 36.40 -9.15
C ALA C 189 -6.82 37.64 -9.26
N VAL C 190 -5.54 37.36 -9.43
CA VAL C 190 -4.50 38.44 -9.50
C VAL C 190 -4.66 39.19 -10.81
N LYS C 191 -4.69 38.45 -11.91
CA LYS C 191 -4.82 39.04 -13.22
C LYS C 191 -6.06 39.93 -13.37
N HIS C 192 -7.20 39.46 -12.85
CA HIS C 192 -8.47 40.16 -13.06
C HIS C 192 -8.93 40.98 -11.87
N LYS C 193 -8.05 41.13 -10.87
CA LYS C 193 -8.30 41.97 -9.73
C LYS C 193 -9.51 41.55 -8.96
N ILE C 194 -9.60 40.24 -8.69
CA ILE C 194 -10.71 39.72 -7.94
C ILE C 194 -10.32 39.55 -6.48
N SER C 195 -11.10 40.15 -5.57
CA SER C 195 -10.80 40.09 -4.14
C SER C 195 -11.40 38.86 -3.48
N ARG C 196 -10.83 38.53 -2.32
CA ARG C 196 -11.29 37.47 -1.46
C ARG C 196 -12.77 37.69 -1.13
N GLU C 197 -13.12 38.93 -0.80
CA GLU C 197 -14.47 39.30 -0.41
C GLU C 197 -15.50 39.04 -1.57
N GLU C 198 -15.14 39.42 -2.79
CA GLU C 198 -15.95 39.15 -3.97
C GLU C 198 -16.11 37.61 -4.21
N CYS C 199 -15.06 36.83 -3.95
CA CYS C 199 -15.14 35.36 -4.02
C CYS C 199 -16.16 34.76 -3.03
N ASP C 200 -16.11 35.20 -1.78
CA ASP C 200 -17.01 34.69 -0.76
C ASP C 200 -18.46 35.07 -1.00
N LYS C 201 -18.70 36.28 -1.49
CA LYS C 201 -20.05 36.68 -1.88
C LYS C 201 -20.55 35.83 -3.05
N TYR C 202 -19.69 35.49 -4.00
CA TYR C 202 -20.11 34.63 -5.09
C TYR C 202 -20.48 33.25 -4.54
N ALA C 203 -19.65 32.72 -3.65
CA ALA C 203 -19.89 31.42 -3.06
C ALA C 203 -21.25 31.40 -2.31
N LEU C 204 -21.51 32.43 -1.52
CA LEU C 204 -22.82 32.54 -0.79
C LEU C 204 -23.98 32.55 -1.76
N GLN C 205 -23.85 33.33 -2.81
CA GLN C 205 -24.89 33.34 -3.82
C GLN C 205 -25.15 31.94 -4.46
N SER C 206 -24.10 31.17 -4.72
CA SER C 206 -24.28 29.82 -5.27
C SER C 206 -25.05 28.95 -4.30
N GLN C 207 -24.72 28.98 -3.02
CA GLN C 207 -25.48 28.28 -1.97
C GLN C 207 -26.96 28.68 -1.92
N GLN C 208 -27.19 29.98 -1.95
CA GLN C 208 -28.58 30.53 -1.95
C GLN C 208 -29.37 30.14 -3.18
N ARG C 209 -28.76 30.25 -4.36
CA ARG C 209 -29.44 29.91 -5.58
C ARG C 209 -29.75 28.41 -5.64
N TRP C 210 -28.80 27.57 -5.23
CA TRP C 210 -29.00 26.15 -5.19
C TRP C 210 -30.24 25.84 -4.30
N LYS C 211 -30.21 26.40 -3.10
CA LYS C 211 -31.27 26.18 -2.11
C LYS C 211 -32.66 26.60 -2.64
N ALA C 212 -32.77 27.82 -3.14
CA ALA C 212 -34.04 28.31 -3.74
C ALA C 212 -34.56 27.41 -4.86
N ALA C 213 -33.67 27.04 -5.78
CA ALA C 213 -34.03 26.20 -6.90
C ALA C 213 -34.48 24.81 -6.41
N ASN C 214 -33.75 24.22 -5.48
CA ASN C 214 -34.03 22.87 -5.05
C ASN C 214 -35.45 22.84 -4.40
N ASP C 215 -35.65 23.77 -3.48
CA ASP C 215 -36.96 23.89 -2.80
C ASP C 215 -38.10 24.28 -3.74
N ALA C 216 -37.79 25.02 -4.82
CA ALA C 216 -38.82 25.35 -5.81
C ALA C 216 -39.16 24.23 -6.80
N GLY C 217 -38.40 23.14 -6.81
CA GLY C 217 -38.64 22.06 -7.74
C GLY C 217 -37.89 22.14 -9.07
N TYR C 218 -36.90 23.03 -9.17
CA TYR C 218 -36.27 23.30 -10.45
C TYR C 218 -35.25 22.21 -10.84
N PHE C 219 -34.97 21.29 -9.92
CA PHE C 219 -34.14 20.12 -10.18
C PHE C 219 -34.99 18.84 -10.36
N ASN C 220 -36.30 18.96 -10.26
CA ASN C 220 -37.16 17.76 -10.34
C ASN C 220 -37.10 17.05 -11.68
N ASP C 221 -37.23 17.76 -12.77
CA ASP C 221 -37.29 17.10 -14.06
C ASP C 221 -35.94 16.41 -14.43
N GLU C 222 -34.82 17.00 -14.02
CA GLU C 222 -33.52 16.45 -14.36
C GLU C 222 -33.07 15.28 -13.45
N MET C 223 -33.64 15.19 -12.26
CA MET C 223 -33.09 14.33 -11.20
C MET C 223 -33.43 12.86 -11.43
N ALA C 224 -32.40 12.03 -11.25
CA ALA C 224 -32.45 10.57 -11.37
C ALA C 224 -32.16 10.05 -10.01
N PRO C 225 -33.19 9.90 -9.20
CA PRO C 225 -32.97 9.46 -7.83
C PRO C 225 -32.31 8.07 -7.71
N ILE C 226 -31.59 7.87 -6.62
CA ILE C 226 -30.84 6.66 -6.35
C ILE C 226 -31.15 6.17 -4.94
N GLU C 227 -31.41 4.88 -4.84
CA GLU C 227 -31.63 4.20 -3.55
C GLU C 227 -30.29 4.00 -2.84
N VAL C 228 -30.20 4.46 -1.60
CA VAL C 228 -28.93 4.42 -0.86
C VAL C 228 -29.12 3.81 0.54
N LYS C 229 -28.01 3.54 1.22
CA LYS C 229 -28.05 3.06 2.60
C LYS C 229 -27.82 4.17 3.59
N THR C 230 -28.53 4.10 4.72
CA THR C 230 -28.38 5.06 5.80
C THR C 230 -28.49 4.31 7.11
N GLY C 233 -31.87 2.69 7.42
CA GLY C 233 -32.04 1.70 6.34
C GLY C 233 -32.02 2.32 4.95
N LYS C 234 -32.58 1.59 3.97
CA LYS C 234 -32.67 2.07 2.59
C LYS C 234 -33.50 3.34 2.47
N GLN C 235 -33.02 4.30 1.70
CA GLN C 235 -33.75 5.52 1.42
C GLN C 235 -33.45 6.00 0.00
N THR C 236 -34.34 6.84 -0.52
CA THR C 236 -34.20 7.40 -1.82
C THR C 236 -33.42 8.71 -1.71
N MET C 237 -32.30 8.81 -2.44
CA MET C 237 -31.55 10.08 -2.50
C MET C 237 -31.97 10.85 -3.71
N GLN C 238 -32.44 12.07 -3.50
CA GLN C 238 -32.84 12.94 -4.56
C GLN C 238 -32.46 14.39 -4.36
N VAL C 239 -31.58 14.65 -3.41
CA VAL C 239 -31.13 15.98 -3.12
C VAL C 239 -29.60 15.96 -3.11
N ASP C 240 -29.00 16.98 -3.69
CA ASP C 240 -27.55 17.11 -3.68
C ASP C 240 -26.97 17.18 -2.27
N GLU C 241 -26.03 16.30 -1.96
CA GLU C 241 -25.53 16.21 -0.59
C GLU C 241 -24.52 17.31 -0.21
N HIS C 242 -23.72 17.81 -1.17
CA HIS C 242 -22.60 18.72 -0.83
C HIS C 242 -23.06 20.11 -0.39
N ALA C 243 -24.28 20.46 -0.76
CA ALA C 243 -24.79 21.80 -0.51
C ALA C 243 -24.82 22.14 0.97
N ARG C 244 -24.55 23.42 1.29
CA ARG C 244 -24.45 23.90 2.67
C ARG C 244 -25.43 25.09 2.82
N PRO C 245 -26.75 24.80 2.86
CA PRO C 245 -27.78 25.82 2.82
C PRO C 245 -27.92 26.73 4.09
N GLN C 246 -27.16 26.47 5.13
CA GLN C 246 -27.09 27.39 6.27
C GLN C 246 -25.84 28.29 6.19
N THR C 247 -25.19 28.34 5.04
CA THR C 247 -24.00 29.12 4.89
C THR C 247 -24.28 30.60 5.10
N THR C 248 -23.38 31.28 5.80
CA THR C 248 -23.43 32.74 5.85
C THR C 248 -22.11 33.33 5.35
N LEU C 249 -22.14 34.57 4.91
CA LEU C 249 -20.95 35.32 4.60
C LEU C 249 -19.93 35.36 5.75
N GLU C 250 -20.42 35.50 6.97
CA GLU C 250 -19.57 35.50 8.17
C GLU C 250 -18.79 34.21 8.31
N GLN C 251 -19.44 33.08 8.09
CA GLN C 251 -18.74 31.79 8.15
C GLN C 251 -17.65 31.71 7.07
N LEU C 252 -17.97 32.16 5.86
CA LEU C 252 -17.03 32.12 4.74
C LEU C 252 -15.84 33.04 5.01
N GLN C 253 -16.13 34.24 5.53
CA GLN C 253 -15.07 35.22 5.88
C GLN C 253 -14.05 34.67 6.87
N LYS C 254 -14.46 33.73 7.72
CA LYS C 254 -13.55 33.14 8.70
C LYS C 254 -12.64 32.05 8.18
N LEU C 255 -12.92 31.50 7.01
CA LEU C 255 -12.12 30.40 6.52
C LEU C 255 -10.75 30.89 6.06
N PRO C 256 -9.71 30.13 6.29
CA PRO C 256 -8.40 30.52 5.83
C PRO C 256 -8.16 30.17 4.34
N PRO C 257 -7.36 30.98 3.66
CA PRO C 257 -6.96 30.50 2.31
C PRO C 257 -6.18 29.23 2.38
N VAL C 258 -6.44 28.32 1.46
CA VAL C 258 -5.86 26.98 1.52
C VAL C 258 -4.48 26.85 0.85
N PHE C 259 -4.28 27.54 -0.25
CA PHE C 259 -3.14 27.26 -1.13
C PHE C 259 -2.13 28.40 -1.12
N LYS C 260 -2.57 29.60 -0.73
CA LYS C 260 -1.77 30.80 -0.89
C LYS C 260 -2.01 31.77 0.27
N LYS C 261 -0.93 32.30 0.82
CA LYS C 261 -1.03 33.28 1.88
C LYS C 261 -1.79 34.48 1.36
N ASP C 262 -2.77 34.93 2.12
CA ASP C 262 -3.67 35.99 1.66
C ASP C 262 -4.38 35.69 0.33
N GLY C 263 -4.59 34.41 0.03
CA GLY C 263 -5.17 34.04 -1.26
C GLY C 263 -6.66 34.15 -1.24
N THR C 264 -7.27 33.98 -2.40
CA THR C 264 -8.69 34.06 -2.50
C THR C 264 -9.38 32.71 -2.29
N VAL C 265 -8.68 31.60 -2.51
CA VAL C 265 -9.32 30.28 -2.49
C VAL C 265 -9.36 29.65 -1.13
N THR C 266 -10.56 29.34 -0.63
CA THR C 266 -10.74 28.63 0.60
C THR C 266 -11.50 27.30 0.34
N ALA C 267 -11.76 26.55 1.43
CA ALA C 267 -12.61 25.36 1.36
C ALA C 267 -14.06 25.75 1.12
N GLY C 268 -14.38 27.00 1.39
CA GLY C 268 -15.75 27.45 1.27
C GLY C 268 -16.11 28.04 -0.09
N ASN C 269 -15.13 28.41 -0.89
CA ASN C 269 -15.45 29.07 -2.16
C ASN C 269 -14.83 28.37 -3.40
N ALA C 270 -14.33 27.16 -3.20
CA ALA C 270 -13.94 26.23 -4.29
C ALA C 270 -15.02 25.16 -4.41
N SER C 271 -15.18 24.58 -5.59
CA SER C 271 -16.10 23.42 -5.75
C SER C 271 -15.59 22.28 -4.90
N GLY C 272 -16.49 21.45 -4.40
CA GLY C 272 -16.11 20.27 -3.65
C GLY C 272 -15.89 19.10 -4.59
N VAL C 273 -15.03 18.21 -4.16
CA VAL C 273 -14.86 16.88 -4.71
C VAL C 273 -16.20 16.16 -4.53
N ALA C 274 -16.67 15.43 -5.53
CA ALA C 274 -18.00 14.84 -5.43
C ALA C 274 -18.19 13.64 -6.34
N ASP C 275 -19.31 12.93 -6.14
CA ASP C 275 -19.65 11.78 -6.94
C ASP C 275 -20.95 12.02 -7.70
N GLY C 276 -21.00 11.66 -8.98
CA GLY C 276 -22.22 11.92 -9.78
C GLY C 276 -22.08 11.67 -11.26
N ALA C 277 -23.24 11.62 -11.92
CA ALA C 277 -23.28 11.34 -13.36
C ALA C 277 -24.50 11.98 -14.00
N GLY C 278 -24.44 12.08 -15.28
CA GLY C 278 -25.59 12.46 -16.11
C GLY C 278 -25.61 11.73 -17.44
N ALA C 279 -26.73 11.84 -18.13
CA ALA C 279 -26.91 11.18 -19.40
C ALA C 279 -27.81 12.07 -20.23
N VAL C 280 -27.35 12.29 -21.47
CA VAL C 280 -28.10 13.04 -22.43
C VAL C 280 -28.22 12.19 -23.67
N ILE C 281 -29.44 11.98 -24.13
CA ILE C 281 -29.69 11.19 -25.34
C ILE C 281 -30.02 12.14 -26.43
N ILE C 282 -29.25 12.04 -27.53
CA ILE C 282 -29.45 12.88 -28.67
C ILE C 282 -29.85 12.05 -29.89
N ALA C 283 -30.54 12.70 -30.83
CA ALA C 283 -31.07 12.02 -32.01
C ALA C 283 -31.16 12.93 -33.24
N SER C 284 -30.90 12.36 -34.40
CA SER C 284 -31.15 13.03 -35.68
C SER C 284 -32.63 13.35 -35.82
N GLU C 285 -32.93 14.31 -36.68
CA GLU C 285 -34.32 14.61 -37.01
C GLU C 285 -35.04 13.38 -37.54
N ASP C 286 -34.37 12.60 -38.38
CA ASP C 286 -34.96 11.39 -38.92
C ASP C 286 -35.37 10.42 -37.79
N ALA C 287 -34.50 10.30 -36.77
CA ALA C 287 -34.75 9.35 -35.71
C ALA C 287 -35.92 9.86 -34.84
N VAL C 288 -35.96 11.15 -34.60
CA VAL C 288 -37.04 11.74 -33.81
C VAL C 288 -38.39 11.38 -34.48
N LYS C 289 -38.43 11.43 -35.79
CA LYS C 289 -39.65 11.22 -36.56
C LYS C 289 -39.97 9.75 -36.64
N LYS C 290 -38.98 8.95 -36.95
CA LYS C 290 -39.15 7.52 -37.01
C LYS C 290 -39.60 6.94 -35.68
N HIS C 291 -39.05 7.42 -34.57
CA HIS C 291 -39.38 6.83 -33.27
C HIS C 291 -40.37 7.60 -32.43
N ASN C 292 -40.88 8.72 -32.97
CA ASN C 292 -41.78 9.58 -32.24
C ASN C 292 -41.20 10.06 -30.89
N PHE C 293 -39.92 10.41 -30.89
CA PHE C 293 -39.28 11.00 -29.71
C PHE C 293 -39.81 12.41 -29.48
N THR C 294 -39.64 12.87 -28.25
CA THR C 294 -40.05 14.19 -27.86
C THR C 294 -38.81 15.05 -27.73
N PRO C 295 -38.55 15.91 -28.71
CA PRO C 295 -37.33 16.75 -28.60
C PRO C 295 -37.51 17.86 -27.60
N LEU C 296 -36.50 18.02 -26.77
CA LEU C 296 -36.56 19.01 -25.70
C LEU C 296 -35.73 20.25 -26.07
N ALA C 297 -34.74 20.07 -26.93
CA ALA C 297 -33.86 21.11 -27.35
C ALA C 297 -33.14 20.64 -28.58
N ARG C 298 -32.60 21.59 -29.33
CA ARG C 298 -31.74 21.29 -30.45
C ARG C 298 -30.33 21.78 -30.12
N ILE C 299 -29.33 21.02 -30.51
CA ILE C 299 -27.94 21.43 -30.31
C ILE C 299 -27.63 22.33 -31.49
N VAL C 300 -27.26 23.57 -31.24
CA VAL C 300 -27.02 24.49 -32.36
C VAL C 300 -25.58 24.82 -32.56
N GLY C 301 -24.74 24.58 -31.55
CA GLY C 301 -23.32 24.70 -31.78
C GLY C 301 -22.48 24.29 -30.60
N TYR C 302 -21.20 24.19 -30.81
CA TYR C 302 -20.25 23.93 -29.73
C TYR C 302 -18.89 24.29 -30.16
N PHE C 303 -17.96 24.33 -29.22
CA PHE C 303 -16.57 24.70 -29.58
C PHE C 303 -15.69 24.31 -28.44
N VAL C 304 -14.50 23.85 -28.78
CA VAL C 304 -13.49 23.52 -27.81
C VAL C 304 -12.27 24.34 -28.16
N SER C 305 -11.69 24.97 -27.15
CA SER C 305 -10.43 25.72 -27.34
C SER C 305 -9.38 25.40 -26.30
N GLY C 306 -8.11 25.51 -26.68
CA GLY C 306 -7.05 25.46 -25.74
C GLY C 306 -6.78 26.84 -25.21
N CYS C 307 -6.10 26.91 -24.08
CA CYS C 307 -5.69 28.20 -23.52
C CYS C 307 -4.43 27.96 -22.69
N ASP C 308 -3.91 29.02 -22.09
CA ASP C 308 -2.76 28.91 -21.20
C ASP C 308 -3.07 28.05 -19.97
N PRO C 309 -2.32 26.96 -19.78
CA PRO C 309 -2.52 26.05 -18.62
C PRO C 309 -2.39 26.73 -17.27
N SER C 310 -1.52 27.76 -17.18
CA SER C 310 -1.36 28.48 -15.91
C SER C 310 -2.62 29.25 -15.49
N ILE C 311 -3.50 29.52 -16.44
CA ILE C 311 -4.78 30.18 -16.18
C ILE C 311 -5.92 29.39 -16.88
N MET C 312 -5.92 28.09 -16.67
CA MET C 312 -6.85 27.19 -17.36
C MET C 312 -8.31 27.57 -17.16
N GLY C 313 -8.62 28.13 -15.99
CA GLY C 313 -9.97 28.52 -15.67
C GLY C 313 -10.62 29.53 -16.60
N ILE C 314 -9.83 30.19 -17.47
CA ILE C 314 -10.33 31.10 -18.47
C ILE C 314 -10.87 30.40 -19.71
N GLY C 315 -10.75 29.07 -19.76
CA GLY C 315 -11.21 28.30 -20.93
C GLY C 315 -12.53 28.69 -21.52
N PRO C 316 -13.53 28.91 -20.67
CA PRO C 316 -14.80 29.25 -21.20
C PRO C 316 -14.85 30.49 -22.05
N VAL C 317 -13.91 31.42 -21.91
CA VAL C 317 -13.97 32.63 -22.68
C VAL C 317 -13.80 32.41 -24.17
N PRO C 318 -12.68 31.81 -24.63
CA PRO C 318 -12.66 31.51 -26.06
C PRO C 318 -13.65 30.41 -26.49
N ALA C 319 -13.99 29.49 -25.61
CA ALA C 319 -14.95 28.43 -25.97
C ALA C 319 -16.32 28.98 -26.24
N ILE C 320 -16.84 29.78 -25.32
CA ILE C 320 -18.15 30.42 -25.54
C ILE C 320 -18.16 31.35 -26.78
N SER C 321 -17.15 32.19 -26.90
CA SER C 321 -17.01 33.10 -28.07
C SER C 321 -16.96 32.37 -29.40
N GLY C 322 -16.16 31.32 -29.47
CA GLY C 322 -16.08 30.53 -30.66
C GLY C 322 -17.37 29.81 -31.02
N ALA C 323 -18.08 29.32 -30.00
CA ALA C 323 -19.35 28.60 -30.25
C ALA C 323 -20.42 29.56 -30.76
N LEU C 324 -20.50 30.72 -30.12
CA LEU C 324 -21.41 31.80 -30.57
C LEU C 324 -21.13 32.21 -32.02
N LYS C 325 -19.86 32.44 -32.32
CA LYS C 325 -19.45 32.79 -33.66
C LYS C 325 -19.93 31.79 -34.70
N LYS C 326 -19.73 30.49 -34.43
CA LYS C 326 -20.12 29.44 -35.37
C LYS C 326 -21.61 29.38 -35.55
N ALA C 327 -22.35 29.60 -34.45
CA ALA C 327 -23.78 29.57 -34.51
C ALA C 327 -24.39 30.85 -35.13
N GLY C 328 -23.60 31.89 -35.33
CA GLY C 328 -24.13 33.19 -35.80
C GLY C 328 -24.92 33.92 -34.73
N LEU C 329 -24.58 33.69 -33.47
CA LEU C 329 -25.30 34.30 -32.36
C LEU C 329 -24.35 35.17 -31.55
N SER C 330 -24.89 36.00 -30.67
CA SER C 330 -24.08 36.78 -29.77
C SER C 330 -24.50 36.44 -28.33
N LEU C 331 -23.69 36.86 -27.38
CA LEU C 331 -23.96 36.59 -25.97
C LEU C 331 -25.28 37.11 -25.56
N LYS C 332 -25.65 38.26 -26.12
CA LYS C 332 -26.93 38.90 -25.82
C LYS C 332 -28.12 38.00 -26.22
N ASP C 333 -27.92 37.10 -27.18
CA ASP C 333 -28.98 36.15 -27.58
C ASP C 333 -29.18 35.02 -26.57
N MET C 334 -28.22 34.83 -25.65
CA MET C 334 -28.35 33.75 -24.67
C MET C 334 -29.33 34.14 -23.57
N ASP C 335 -30.32 33.30 -23.29
CA ASP C 335 -31.21 33.49 -22.13
C ASP C 335 -30.58 32.98 -20.83
N LEU C 336 -29.66 32.01 -20.97
CA LEU C 336 -29.02 31.37 -19.82
C LEU C 336 -27.63 31.02 -20.17
N VAL C 337 -26.74 31.24 -19.23
CA VAL C 337 -25.35 30.85 -19.38
C VAL C 337 -25.00 30.03 -18.18
N GLU C 338 -24.20 29.01 -18.38
CA GLU C 338 -23.63 28.25 -17.27
C GLU C 338 -22.15 28.21 -17.48
N VAL C 339 -21.42 28.54 -16.41
CA VAL C 339 -19.93 28.43 -16.41
C VAL C 339 -19.67 27.65 -15.15
N ASN C 340 -19.10 26.46 -15.33
CA ASN C 340 -18.90 25.58 -14.21
C ASN C 340 -18.10 26.33 -13.14
N GLU C 341 -18.55 26.22 -11.89
CA GLU C 341 -17.94 26.92 -10.74
C GLU C 341 -16.79 26.16 -10.13
N ALA C 342 -15.68 25.97 -10.87
CA ALA C 342 -14.56 25.25 -10.32
C ALA C 342 -13.99 25.92 -9.08
N PHE C 343 -13.83 27.24 -9.16
CA PHE C 343 -13.38 28.06 -8.04
C PHE C 343 -14.01 29.45 -8.21
N ALA C 344 -14.45 30.06 -7.13
CA ALA C 344 -15.14 31.36 -7.25
C ALA C 344 -14.34 32.36 -8.07
N PRO C 345 -13.04 32.51 -7.77
CA PRO C 345 -12.29 33.53 -8.56
C PRO C 345 -12.14 33.14 -10.04
N GLN C 346 -12.10 31.85 -10.31
CA GLN C 346 -12.07 31.37 -11.72
C GLN C 346 -13.35 31.77 -12.45
N TYR C 347 -14.51 31.45 -11.85
CA TYR C 347 -15.77 31.88 -12.40
C TYR C 347 -15.79 33.41 -12.60
N LEU C 348 -15.37 34.17 -11.59
CA LEU C 348 -15.48 35.62 -11.64
C LEU C 348 -14.62 36.24 -12.76
N ALA C 349 -13.46 35.64 -13.02
CA ALA C 349 -12.64 36.04 -14.15
C ALA C 349 -13.35 35.87 -15.45
N VAL C 350 -14.07 34.73 -15.60
CA VAL C 350 -14.85 34.54 -16.81
C VAL C 350 -15.95 35.57 -16.91
N GLU C 351 -16.65 35.80 -15.79
CA GLU C 351 -17.76 36.73 -15.79
C GLU C 351 -17.31 38.14 -16.21
N ARG C 352 -16.19 38.56 -15.69
CA ARG C 352 -15.60 39.83 -16.10
C ARG C 352 -15.10 39.87 -17.52
N SER C 353 -14.44 38.82 -18.00
CA SER C 353 -13.93 38.88 -19.35
C SER C 353 -15.05 38.98 -20.40
N LEU C 354 -16.18 38.34 -20.14
CA LEU C 354 -17.27 38.27 -21.12
C LEU C 354 -18.37 39.22 -20.80
N ASP C 355 -18.27 39.89 -19.64
CA ASP C 355 -19.28 40.81 -19.14
C ASP C 355 -20.63 40.10 -19.00
N LEU C 356 -20.63 38.93 -18.36
CA LEU C 356 -21.83 38.12 -18.24
C LEU C 356 -22.80 38.79 -17.28
N ASP C 357 -24.08 38.65 -17.54
CA ASP C 357 -25.15 39.16 -16.67
C ASP C 357 -25.45 38.10 -15.61
N ILE C 358 -25.21 38.45 -14.37
CA ILE C 358 -25.29 37.48 -13.28
C ILE C 358 -26.73 37.01 -13.03
N SER C 359 -27.71 37.79 -13.51
CA SER C 359 -29.10 37.37 -13.39
C SER C 359 -29.48 36.25 -14.39
N LYS C 360 -28.63 36.01 -15.40
CA LYS C 360 -28.85 34.94 -16.35
C LYS C 360 -27.74 33.84 -16.31
N THR C 361 -26.80 33.94 -15.36
CA THR C 361 -25.61 33.06 -15.31
C THR C 361 -25.61 32.26 -14.02
N ASN C 362 -25.45 30.94 -14.15
CA ASN C 362 -25.46 30.03 -13.04
C ASN C 362 -26.65 30.30 -12.09
N VAL C 363 -27.83 30.40 -12.69
CA VAL C 363 -29.02 30.92 -12.00
C VAL C 363 -29.53 30.06 -10.88
N ASN C 364 -29.24 28.74 -10.94
CA ASN C 364 -29.64 27.82 -9.92
C ASN C 364 -28.47 27.20 -9.16
N GLY C 365 -27.38 27.94 -9.01
CA GLY C 365 -26.23 27.48 -8.21
C GLY C 365 -25.33 26.68 -9.10
N GLY C 366 -24.32 26.07 -8.50
CA GLY C 366 -23.32 25.36 -9.24
C GLY C 366 -22.48 24.57 -8.31
N ALA C 367 -21.33 24.22 -8.85
CA ALA C 367 -20.42 23.31 -8.21
C ALA C 367 -19.90 23.69 -6.86
N ILE C 368 -19.88 24.99 -6.52
CA ILE C 368 -19.54 25.35 -5.18
C ILE C 368 -20.59 24.76 -4.23
N ALA C 369 -21.84 24.81 -4.62
CA ALA C 369 -22.95 24.25 -3.79
C ALA C 369 -23.02 22.72 -3.92
N LEU C 370 -23.06 22.20 -5.14
CA LEU C 370 -23.38 20.78 -5.30
C LEU C 370 -22.19 19.91 -5.76
N GLY C 371 -21.00 20.50 -5.84
CA GLY C 371 -19.77 19.75 -6.10
C GLY C 371 -19.45 19.61 -7.56
N HIS C 372 -18.23 19.15 -7.83
CA HIS C 372 -17.68 19.01 -9.19
C HIS C 372 -17.14 17.58 -9.38
N PRO C 373 -18.06 16.59 -9.61
CA PRO C 373 -17.56 15.31 -10.09
C PRO C 373 -17.07 15.47 -11.53
N LEU C 374 -15.76 15.33 -11.73
CA LEU C 374 -15.08 15.83 -12.94
C LEU C 374 -15.84 15.52 -14.23
N GLY C 375 -16.03 14.24 -14.53
CA GLY C 375 -16.75 13.82 -15.74
C GLY C 375 -18.20 14.10 -15.81
N GLY C 376 -18.84 14.21 -14.64
CA GLY C 376 -20.25 14.39 -14.56
C GLY C 376 -20.78 15.81 -14.70
N SER C 377 -20.01 16.81 -14.32
CA SER C 377 -20.53 18.18 -14.28
C SER C 377 -21.08 18.65 -15.58
N GLY C 378 -20.36 18.42 -16.70
CA GLY C 378 -20.86 18.88 -17.94
C GLY C 378 -22.22 18.27 -18.35
N SER C 379 -22.40 17.02 -17.99
CA SER C 379 -23.61 16.31 -18.28
C SER C 379 -24.76 16.92 -17.41
N ARG C 380 -24.47 17.18 -16.16
CA ARG C 380 -25.49 17.85 -15.26
C ARG C 380 -25.85 19.27 -15.78
N ILE C 381 -24.84 20.05 -16.14
CA ILE C 381 -25.07 21.38 -16.65
C ILE C 381 -25.97 21.34 -17.90
N THR C 382 -25.62 20.49 -18.86
CA THR C 382 -26.44 20.36 -20.08
C THR C 382 -27.87 19.96 -19.74
N ALA C 383 -28.02 18.94 -18.90
CA ALA C 383 -29.35 18.51 -18.49
C ALA C 383 -30.11 19.60 -17.75
N HIS C 384 -29.43 20.35 -16.89
CA HIS C 384 -30.09 21.45 -16.23
C HIS C 384 -30.56 22.59 -17.19
N LEU C 385 -29.70 22.97 -18.13
CA LEU C 385 -30.01 23.97 -19.11
C LEU C 385 -31.20 23.55 -19.99
N VAL C 386 -31.23 22.29 -20.41
CA VAL C 386 -32.33 21.77 -21.20
C VAL C 386 -33.69 22.03 -20.45
N HIS C 387 -33.77 21.59 -19.21
CA HIS C 387 -35.04 21.72 -18.45
C HIS C 387 -35.33 23.12 -17.96
N GLU C 388 -34.30 23.85 -17.50
CA GLU C 388 -34.52 25.18 -17.01
C GLU C 388 -34.85 26.16 -18.12
N LEU C 389 -34.23 26.01 -19.30
CA LEU C 389 -34.52 26.86 -20.42
C LEU C 389 -35.98 26.73 -20.83
N ARG C 390 -36.48 25.48 -20.86
CA ARG C 390 -37.90 25.22 -21.11
C ARG C 390 -38.82 25.80 -20.02
N ARG C 391 -38.45 25.65 -18.76
CA ARG C 391 -39.24 26.14 -17.64
C ARG C 391 -39.38 27.68 -17.73
N ARG C 392 -38.31 28.36 -18.18
CA ARG C 392 -38.34 29.82 -18.32
C ARG C 392 -39.02 30.31 -19.58
N GLY C 393 -39.30 29.42 -20.52
CA GLY C 393 -39.75 29.80 -21.85
C GLY C 393 -38.71 30.55 -22.70
N GLY C 394 -37.44 30.26 -22.47
CA GLY C 394 -36.37 30.98 -23.18
C GLY C 394 -36.05 30.30 -24.48
N LYS C 395 -35.21 30.92 -25.29
CA LYS C 395 -34.86 30.39 -26.59
C LYS C 395 -33.49 29.70 -26.65
N TYR C 396 -32.46 30.32 -26.09
CA TYR C 396 -31.09 29.83 -26.22
C TYR C 396 -30.39 29.77 -24.88
N ALA C 397 -29.46 28.79 -24.73
CA ALA C 397 -28.62 28.71 -23.56
C ALA C 397 -27.27 28.15 -23.99
N VAL C 398 -26.23 28.49 -23.22
CA VAL C 398 -24.90 27.95 -23.45
C VAL C 398 -24.36 27.44 -22.12
N GLY C 399 -23.80 26.23 -22.14
CA GLY C 399 -23.11 25.66 -21.00
C GLY C 399 -21.65 25.48 -21.30
N SER C 400 -20.80 25.68 -20.28
CA SER C 400 -19.38 25.67 -20.49
C SER C 400 -18.63 25.27 -19.27
N ALA C 401 -17.38 24.88 -19.47
CA ALA C 401 -16.50 24.52 -18.40
C ALA C 401 -15.07 24.80 -18.79
N CYS C 402 -14.29 25.23 -17.80
CA CYS C 402 -12.86 25.21 -17.89
C CYS C 402 -12.38 23.81 -17.70
N ILE C 403 -11.18 23.55 -18.20
CA ILE C 403 -10.62 22.21 -18.30
C ILE C 403 -9.14 22.23 -17.82
N GLY C 404 -8.85 21.51 -16.75
CA GLY C 404 -7.51 21.38 -16.25
C GLY C 404 -6.54 21.10 -17.39
N GLY C 405 -5.36 21.72 -17.33
CA GLY C 405 -4.41 21.59 -18.40
C GLY C 405 -4.53 22.68 -19.43
N GLY C 406 -5.60 23.45 -19.38
CA GLY C 406 -5.79 24.60 -20.25
C GLY C 406 -6.64 24.44 -21.51
N GLN C 407 -7.89 24.09 -21.32
CA GLN C 407 -8.88 24.03 -22.37
C GLN C 407 -10.17 24.58 -21.87
N GLY C 408 -11.06 24.82 -22.82
CA GLY C 408 -12.45 25.17 -22.48
C GLY C 408 -13.39 24.54 -23.48
N ILE C 409 -14.63 24.34 -23.05
CA ILE C 409 -15.66 23.76 -23.88
C ILE C 409 -16.99 24.46 -23.65
N ALA C 410 -17.74 24.65 -24.74
CA ALA C 410 -19.08 25.23 -24.69
C ALA C 410 -19.99 24.57 -25.69
N VAL C 411 -21.23 24.42 -25.28
CA VAL C 411 -22.30 23.83 -26.08
C VAL C 411 -23.51 24.74 -26.01
N ILE C 412 -24.03 25.09 -27.16
CA ILE C 412 -25.24 25.95 -27.23
C ILE C 412 -26.47 25.11 -27.61
N ILE C 413 -27.55 25.25 -26.83
CA ILE C 413 -28.80 24.63 -27.14
C ILE C 413 -29.85 25.71 -27.53
N GLN C 414 -30.84 25.27 -28.29
CA GLN C 414 -32.05 26.04 -28.58
C GLN C 414 -33.30 25.24 -28.13
N SER C 415 -34.21 25.87 -27.39
CA SER C 415 -35.43 25.19 -26.95
C SER C 415 -36.30 24.86 -28.15
N THR C 416 -36.99 23.71 -28.10
CA THR C 416 -37.88 23.30 -29.19
C THR C 416 -39.27 23.80 -28.92
N ALA C 417 -39.42 24.48 -27.78
CA ALA C 417 -40.32 25.63 -27.60
C ALA C 417 -41.24 25.37 -26.44
N GLY D 18 -29.25 3.05 -48.24
CA GLY D 18 -28.24 2.12 -48.83
C GLY D 18 -27.09 1.89 -47.89
N SER D 19 -26.24 0.94 -48.19
CA SER D 19 -25.10 0.61 -47.35
C SER D 19 -23.82 1.36 -47.64
N HIS D 20 -23.75 2.12 -48.73
CA HIS D 20 -22.47 2.74 -49.07
C HIS D 20 -22.34 4.07 -48.36
N MET D 21 -21.14 4.39 -47.93
CA MET D 21 -20.86 5.69 -47.36
C MET D 21 -19.42 6.03 -47.62
N ALA D 22 -19.16 7.28 -47.95
CA ALA D 22 -17.83 7.76 -48.22
C ALA D 22 -17.55 8.80 -47.13
N LEU D 23 -16.27 9.04 -46.86
CA LEU D 23 -15.92 10.17 -45.98
C LEU D 23 -16.40 11.46 -46.65
N LEU D 24 -17.03 12.35 -45.87
CA LEU D 24 -17.52 13.64 -46.38
C LEU D 24 -16.46 14.54 -47.01
N ARG D 25 -15.21 14.45 -46.58
CA ARG D 25 -14.08 15.12 -47.26
C ARG D 25 -12.96 14.13 -47.41
N GLY D 26 -12.05 14.37 -48.33
CA GLY D 26 -10.83 13.58 -48.46
C GLY D 26 -9.92 13.74 -47.23
N VAL D 27 -9.46 12.63 -46.67
CA VAL D 27 -8.61 12.67 -45.48
C VAL D 27 -7.39 11.88 -45.80
N PHE D 28 -6.26 12.51 -45.70
CA PHE D 28 -4.97 11.93 -46.14
C PHE D 28 -4.01 11.77 -44.98
N VAL D 29 -3.37 10.60 -44.92
CA VAL D 29 -2.24 10.39 -44.03
C VAL D 29 -1.04 11.08 -44.62
N VAL D 30 -0.46 11.99 -43.85
CA VAL D 30 0.72 12.76 -44.27
C VAL D 30 1.95 12.42 -43.46
N ALA D 31 1.80 11.55 -42.46
CA ALA D 31 2.89 11.03 -41.66
C ALA D 31 2.40 9.87 -40.80
N ALA D 32 3.24 8.87 -40.60
CA ALA D 32 2.94 7.73 -39.79
C ALA D 32 4.16 7.08 -39.23
N LYS D 33 4.29 7.14 -37.90
CA LYS D 33 5.45 6.63 -37.19
C LYS D 33 5.04 5.86 -35.92
N ARG D 34 5.91 4.96 -35.48
CA ARG D 34 5.65 4.24 -34.25
C ARG D 34 6.95 3.87 -33.60
N THR D 35 6.95 3.84 -32.26
CA THR D 35 8.16 3.54 -31.50
C THR D 35 8.49 2.04 -31.60
N PRO D 36 9.75 1.64 -31.34
CA PRO D 36 9.96 0.24 -31.00
C PRO D 36 9.09 -0.12 -29.82
N PHE D 37 8.61 -1.36 -29.77
CA PHE D 37 7.82 -1.82 -28.65
C PHE D 37 8.74 -2.47 -27.61
N GLY D 38 8.61 -2.03 -26.36
CA GLY D 38 9.37 -2.60 -25.26
C GLY D 38 8.70 -3.75 -24.55
N ALA D 39 9.51 -4.67 -24.02
CA ALA D 39 9.00 -5.76 -23.24
C ALA D 39 8.52 -5.22 -21.88
N TYR D 40 7.67 -5.99 -21.23
CA TYR D 40 7.19 -5.73 -19.85
C TYR D 40 8.38 -5.72 -18.88
N GLY D 41 8.60 -4.59 -18.21
CA GLY D 41 9.78 -4.40 -17.36
C GLY D 41 11.09 -4.26 -18.13
N GLY D 42 10.98 -3.96 -19.43
CA GLY D 42 12.14 -3.90 -20.31
C GLY D 42 12.70 -2.51 -20.54
N LEU D 43 13.20 -2.28 -21.76
CA LEU D 43 13.97 -1.10 -22.09
C LEU D 43 13.21 0.22 -22.02
N LEU D 44 11.89 0.20 -22.13
CA LEU D 44 11.14 1.45 -22.12
C LEU D 44 10.32 1.60 -20.81
N LYS D 45 10.57 0.75 -19.82
CA LYS D 45 9.75 0.76 -18.58
C LYS D 45 9.68 2.06 -17.82
N ASP D 46 10.73 2.87 -17.88
CA ASP D 46 10.74 4.13 -17.19
C ASP D 46 10.10 5.31 -17.93
N PHE D 47 9.72 5.10 -19.18
CA PHE D 47 9.04 6.15 -19.94
C PHE D 47 7.55 5.99 -19.73
N THR D 48 6.89 7.11 -19.46
CA THR D 48 5.42 7.11 -19.28
C THR D 48 4.73 6.99 -20.65
N ALA D 49 3.44 6.64 -20.64
CA ALA D 49 2.68 6.62 -21.89
C ALA D 49 2.74 8.01 -22.57
N THR D 50 2.75 9.07 -21.78
CA THR D 50 2.89 10.43 -22.30
C THR D 50 4.24 10.61 -23.06
N ASP D 51 5.32 10.23 -22.42
CA ASP D 51 6.66 10.20 -23.06
C ASP D 51 6.68 9.42 -24.38
N LEU D 52 6.16 8.20 -24.40
CA LEU D 52 6.21 7.39 -25.60
C LEU D 52 5.42 8.05 -26.73
N SER D 53 4.27 8.61 -26.40
CA SER D 53 3.48 9.30 -27.37
C SER D 53 4.17 10.54 -27.91
N GLU D 54 4.83 11.29 -27.01
CA GLU D 54 5.63 12.43 -27.43
C GLU D 54 6.70 12.01 -28.48
N PHE D 55 7.40 10.91 -28.22
CA PHE D 55 8.45 10.46 -29.13
C PHE D 55 7.90 10.10 -30.50
N ALA D 56 6.79 9.35 -30.54
CA ALA D 56 6.17 9.02 -31.82
C ALA D 56 5.67 10.25 -32.53
N ALA D 57 4.98 11.14 -31.81
CA ALA D 57 4.49 12.40 -32.42
C ALA D 57 5.60 13.29 -33.02
N LYS D 58 6.68 13.48 -32.27
CA LYS D 58 7.80 14.30 -32.71
C LYS D 58 8.37 13.71 -33.99
N ALA D 59 8.50 12.38 -34.03
CA ALA D 59 8.98 11.67 -35.20
C ALA D 59 8.07 11.86 -36.41
N ALA D 60 6.75 11.82 -36.19
CA ALA D 60 5.78 11.98 -37.26
C ALA D 60 5.80 13.39 -37.83
N LEU D 61 5.82 14.38 -36.95
CA LEU D 61 5.96 15.78 -37.37
C LEU D 61 7.20 15.96 -38.28
N SER D 62 8.31 15.42 -37.84
CA SER D 62 9.56 15.50 -38.58
C SER D 62 9.44 14.76 -39.92
N ALA D 63 8.97 13.51 -39.89
CA ALA D 63 8.92 12.67 -41.09
C ALA D 63 8.00 13.25 -42.15
N GLY D 64 6.88 13.85 -41.74
CA GLY D 64 5.98 14.47 -42.70
C GLY D 64 6.27 15.93 -43.06
N LYS D 65 7.30 16.49 -42.44
CA LYS D 65 7.65 17.92 -42.52
C LYS D 65 6.43 18.75 -42.24
N VAL D 66 5.70 18.34 -41.19
CA VAL D 66 4.49 19.01 -40.76
C VAL D 66 4.86 19.96 -39.65
N SER D 67 4.64 21.25 -39.85
CA SER D 67 4.89 22.20 -38.80
C SER D 67 3.86 22.01 -37.69
N PRO D 68 4.29 21.99 -36.41
CA PRO D 68 3.33 21.84 -35.26
C PRO D 68 2.28 22.89 -35.26
N GLU D 69 2.60 24.06 -35.82
CA GLU D 69 1.65 25.17 -35.89
C GLU D 69 0.47 24.87 -36.81
N THR D 70 0.54 23.85 -37.67
CA THR D 70 -0.59 23.54 -38.54
C THR D 70 -1.57 22.57 -37.89
N VAL D 71 -1.19 21.98 -36.75
CA VAL D 71 -2.07 20.99 -36.11
C VAL D 71 -3.19 21.69 -35.34
N ASP D 72 -4.42 21.38 -35.71
CA ASP D 72 -5.66 21.94 -35.14
C ASP D 72 -6.29 21.12 -34.02
N SER D 73 -5.90 19.86 -33.88
CA SER D 73 -6.50 18.98 -32.87
C SER D 73 -5.51 17.84 -32.56
N VAL D 74 -5.43 17.49 -31.29
CA VAL D 74 -4.65 16.33 -30.82
C VAL D 74 -5.63 15.32 -30.21
N ILE D 75 -5.52 14.08 -30.66
CA ILE D 75 -6.36 13.00 -30.16
C ILE D 75 -5.45 11.81 -29.91
N MET D 76 -5.45 11.32 -28.67
CA MET D 76 -4.61 10.19 -28.28
C MET D 76 -5.44 9.05 -27.71
N GLY D 77 -5.18 7.84 -28.21
CA GLY D 77 -5.68 6.64 -27.56
C GLY D 77 -4.76 6.14 -26.44
N ASN D 78 -5.38 5.92 -25.26
CA ASN D 78 -4.66 5.38 -24.13
C ASN D 78 -5.67 4.65 -23.28
N VAL D 79 -5.37 3.42 -22.86
CA VAL D 79 -6.38 2.63 -22.15
C VAL D 79 -6.26 2.69 -20.63
N LEU D 80 -5.10 2.31 -20.12
CA LEU D 80 -4.95 2.13 -18.67
C LEU D 80 -4.09 3.28 -18.19
N GLN D 81 -4.66 4.15 -17.37
CA GLN D 81 -3.93 5.32 -16.85
C GLN D 81 -2.79 4.82 -15.94
N SER D 82 -1.55 5.02 -16.33
CA SER D 82 -0.45 4.34 -15.64
C SER D 82 0.65 5.33 -15.17
N SER D 83 0.36 6.60 -15.09
CA SER D 83 1.31 7.58 -14.53
C SER D 83 0.53 8.65 -13.78
N SER D 84 1.22 9.39 -12.91
CA SER D 84 0.56 10.41 -12.08
C SER D 84 0.02 11.57 -12.93
N ASP D 85 0.56 11.72 -14.16
CA ASP D 85 0.09 12.77 -15.09
C ASP D 85 -0.89 12.26 -16.16
N ALA D 86 -1.31 11.03 -16.05
CA ALA D 86 -2.10 10.37 -17.09
C ALA D 86 -3.30 11.11 -17.63
N ILE D 87 -4.09 11.72 -16.78
CA ILE D 87 -5.35 12.31 -17.25
C ILE D 87 -5.14 13.50 -18.15
N TYR D 88 -3.91 14.03 -18.17
CA TYR D 88 -3.54 15.17 -19.01
C TYR D 88 -2.81 14.74 -20.32
N LEU D 89 -2.69 13.43 -20.56
CA LEU D 89 -1.84 12.88 -21.62
C LEU D 89 -1.86 13.59 -22.96
N ALA D 90 -3.00 13.68 -23.64
CA ALA D 90 -3.03 14.26 -24.95
C ALA D 90 -2.58 15.74 -24.94
N ARG D 91 -3.03 16.49 -23.95
CA ARG D 91 -2.64 17.91 -23.77
C ARG D 91 -1.14 18.11 -23.57
N HIS D 92 -0.53 17.32 -22.70
CA HIS D 92 0.88 17.38 -22.47
C HIS D 92 1.68 16.97 -23.74
N VAL D 93 1.23 15.96 -24.45
CA VAL D 93 1.92 15.57 -25.72
C VAL D 93 1.91 16.74 -26.72
N GLY D 94 0.74 17.33 -26.94
CA GLY D 94 0.58 18.47 -27.82
C GLY D 94 1.52 19.60 -27.45
N LEU D 95 1.52 20.01 -26.18
CA LEU D 95 2.38 21.11 -25.72
C LEU D 95 3.87 20.77 -25.82
N ARG D 96 4.27 19.54 -25.46
CA ARG D 96 5.67 19.16 -25.51
C ARG D 96 6.26 19.17 -26.91
N VAL D 97 5.44 18.89 -27.92
CA VAL D 97 5.92 18.83 -29.31
C VAL D 97 5.75 20.15 -30.07
N GLY D 98 5.34 21.21 -29.37
CA GLY D 98 5.33 22.56 -29.92
C GLY D 98 4.03 22.98 -30.58
N ILE D 99 2.99 22.17 -30.47
CA ILE D 99 1.70 22.53 -31.05
C ILE D 99 1.15 23.67 -30.21
N PRO D 100 0.53 24.69 -30.83
CA PRO D 100 0.14 25.89 -30.11
C PRO D 100 -0.80 25.55 -28.99
N LYS D 101 -0.79 26.37 -27.97
CA LYS D 101 -1.63 26.13 -26.79
C LYS D 101 -3.09 26.24 -27.11
N GLU D 102 -3.43 27.00 -28.16
CA GLU D 102 -4.84 27.13 -28.61
C GLU D 102 -5.46 25.82 -29.15
N THR D 103 -4.61 24.90 -29.59
CA THR D 103 -5.06 23.62 -30.13
C THR D 103 -5.57 22.73 -28.96
N PRO D 104 -6.80 22.26 -29.08
CA PRO D 104 -7.29 21.37 -28.02
C PRO D 104 -6.77 19.95 -28.07
N ALA D 105 -6.97 19.21 -26.99
CA ALA D 105 -6.40 17.85 -26.85
C ALA D 105 -7.36 16.89 -26.13
N LEU D 106 -7.57 15.73 -26.75
CA LEU D 106 -8.52 14.72 -26.25
C LEU D 106 -7.86 13.37 -26.06
N THR D 107 -8.14 12.70 -24.94
CA THR D 107 -7.74 11.29 -24.77
C THR D 107 -8.99 10.41 -24.91
N ILE D 108 -8.87 9.30 -25.63
CA ILE D 108 -10.01 8.39 -25.83
C ILE D 108 -9.62 7.02 -25.41
N ASN D 109 -10.63 6.22 -25.07
CA ASN D 109 -10.41 4.82 -24.71
C ASN D 109 -11.46 3.93 -25.38
N ARG D 110 -11.04 3.23 -26.42
CA ARG D 110 -11.84 2.08 -26.93
C ARG D 110 -10.98 0.81 -26.79
N LEU D 111 -10.38 0.68 -25.59
CA LEU D 111 -9.49 -0.41 -25.22
C LEU D 111 -8.50 -0.74 -26.37
N CYS D 112 -8.38 -2.02 -26.76
CA CYS D 112 -7.40 -2.47 -27.81
C CYS D 112 -7.49 -1.80 -29.17
N GLY D 113 -8.62 -1.20 -29.46
CA GLY D 113 -8.83 -0.50 -30.71
C GLY D 113 -8.48 0.97 -30.65
N SER D 114 -7.96 1.44 -29.53
CA SER D 114 -7.81 2.90 -29.29
C SER D 114 -6.95 3.60 -30.33
N GLY D 115 -5.86 2.94 -30.67
CA GLY D 115 -4.94 3.46 -31.72
C GLY D 115 -5.58 3.69 -33.08
N PHE D 116 -6.54 2.82 -33.46
CA PHE D 116 -7.34 3.05 -34.63
C PHE D 116 -8.40 4.10 -34.37
N GLN D 117 -9.00 4.11 -33.16
CA GLN D 117 -10.08 5.00 -32.87
C GLN D 117 -9.68 6.47 -32.89
N SER D 118 -8.47 6.78 -32.44
CA SER D 118 -8.00 8.18 -32.49
C SER D 118 -8.09 8.73 -33.90
N ILE D 119 -7.77 7.87 -34.86
CA ILE D 119 -7.77 8.22 -36.28
C ILE D 119 -9.21 8.40 -36.73
N VAL D 120 -10.09 7.52 -36.28
CA VAL D 120 -11.51 7.65 -36.59
C VAL D 120 -12.10 8.98 -36.07
N ASN D 121 -11.80 9.33 -34.82
CA ASN D 121 -12.24 10.62 -34.25
C ASN D 121 -11.68 11.79 -35.05
N GLY D 122 -10.42 11.67 -35.50
CA GLY D 122 -9.77 12.70 -36.29
C GLY D 122 -10.48 12.89 -37.63
N CYS D 123 -10.82 11.77 -38.26
CA CYS D 123 -11.56 11.77 -39.52
C CYS D 123 -12.87 12.49 -39.37
N GLN D 124 -13.60 12.17 -38.29
CA GLN D 124 -14.87 12.81 -38.01
C GLN D 124 -14.75 14.35 -37.85
N GLU D 125 -13.80 14.78 -37.04
CA GLU D 125 -13.54 16.20 -36.85
C GLU D 125 -13.25 16.90 -38.17
N ILE D 126 -12.41 16.30 -39.03
CA ILE D 126 -12.10 16.90 -40.31
C ILE D 126 -13.34 16.98 -41.19
N CYS D 127 -14.08 15.87 -41.23
CA CYS D 127 -15.28 15.79 -42.04
C CYS D 127 -16.40 16.75 -41.64
N VAL D 128 -16.53 17.12 -40.38
CA VAL D 128 -17.53 18.13 -40.00
C VAL D 128 -16.89 19.57 -39.98
N LYS D 129 -15.67 19.69 -40.52
CA LYS D 129 -14.91 20.94 -40.58
C LYS D 129 -14.58 21.58 -39.24
N GLU D 130 -14.38 20.78 -38.21
CA GLU D 130 -13.92 21.30 -36.93
C GLU D 130 -12.41 21.20 -36.82
N ALA D 131 -11.77 20.58 -37.79
CA ALA D 131 -10.30 20.53 -37.83
C ALA D 131 -9.85 20.35 -39.25
N GLU D 132 -8.61 20.70 -39.52
CA GLU D 132 -8.02 20.51 -40.85
C GLU D 132 -6.88 19.54 -40.81
N VAL D 133 -6.13 19.54 -39.70
CA VAL D 133 -4.98 18.71 -39.51
C VAL D 133 -5.01 18.14 -38.08
N VAL D 134 -5.03 16.80 -37.93
CA VAL D 134 -5.17 16.16 -36.61
C VAL D 134 -4.00 15.24 -36.35
N LEU D 135 -3.37 15.39 -35.18
CA LEU D 135 -2.40 14.42 -34.70
C LEU D 135 -3.18 13.32 -33.95
N CYS D 136 -3.15 12.11 -34.48
CA CYS D 136 -3.86 10.99 -33.96
C CYS D 136 -2.89 9.91 -33.50
N GLY D 137 -2.78 9.70 -32.21
CA GLY D 137 -1.83 8.74 -31.72
C GLY D 137 -2.45 7.66 -30.90
N GLY D 138 -1.62 6.74 -30.49
CA GLY D 138 -2.02 5.68 -29.59
C GLY D 138 -0.82 5.33 -28.74
N THR D 139 -1.05 5.06 -27.46
CA THR D 139 0.09 4.78 -26.57
C THR D 139 -0.29 3.94 -25.40
N GLU D 140 0.67 3.17 -24.89
CA GLU D 140 0.44 2.46 -23.64
C GLU D 140 1.78 2.18 -22.96
N SER D 141 1.84 2.43 -21.65
CA SER D 141 2.94 1.85 -20.82
C SER D 141 2.30 0.88 -19.86
N MET D 142 2.46 -0.41 -20.17
CA MET D 142 1.91 -1.44 -19.35
C MET D 142 2.85 -1.77 -18.17
N SER D 143 4.15 -1.59 -18.38
CA SER D 143 5.16 -1.66 -17.29
C SER D 143 4.80 -0.74 -16.11
N GLN D 144 4.19 0.41 -16.39
CA GLN D 144 3.89 1.40 -15.36
C GLN D 144 2.54 1.23 -14.71
N ALA D 145 1.78 0.24 -15.12
CA ALA D 145 0.49 0.07 -14.54
C ALA D 145 0.67 -0.07 -13.02
N PRO D 146 -0.05 0.74 -12.24
CA PRO D 146 0.19 0.70 -10.82
C PRO D 146 -0.48 -0.48 -10.09
N TYR D 147 -0.14 -0.62 -8.78
CA TYR D 147 -0.98 -1.34 -7.85
C TYR D 147 -1.94 -0.33 -7.24
N CYS D 148 -3.20 -0.71 -7.07
CA CYS D 148 -4.18 0.19 -6.47
C CYS D 148 -4.69 -0.27 -5.12
N VAL D 149 -4.76 0.65 -4.17
CA VAL D 149 -5.37 0.36 -2.87
C VAL D 149 -6.70 1.07 -2.84
N ARG D 150 -7.74 0.27 -2.72
CA ARG D 150 -9.11 0.74 -2.78
C ARG D 150 -9.77 0.65 -1.40
N ASN D 151 -10.81 1.43 -1.24
CA ASN D 151 -11.65 1.45 -0.05
C ASN D 151 -10.97 1.81 1.26
N VAL D 152 -9.91 2.65 1.26
CA VAL D 152 -9.29 3.03 2.53
C VAL D 152 -9.32 4.51 2.85
N ARG D 153 -9.97 5.33 2.02
CA ARG D 153 -10.11 6.76 2.32
C ARG D 153 -10.92 7.11 3.53
N PHE D 154 -11.91 6.28 3.85
CA PHE D 154 -12.93 6.65 4.84
C PHE D 154 -13.00 5.67 6.04
N GLY D 155 -11.88 5.01 6.33
CA GLY D 155 -11.81 4.07 7.45
C GLY D 155 -11.90 2.66 6.94
N THR D 156 -11.42 1.73 7.77
CA THR D 156 -11.47 0.30 7.45
C THR D 156 -12.14 -0.45 8.57
N LYS D 157 -12.61 -1.64 8.27
CA LYS D 157 -13.19 -2.49 9.25
C LYS D 157 -12.12 -3.48 9.66
N LEU D 158 -11.93 -3.66 10.97
CA LEU D 158 -10.96 -4.61 11.49
C LEU D 158 -11.27 -5.96 10.90
N GLY D 159 -10.29 -6.57 10.25
CA GLY D 159 -10.49 -7.90 9.72
C GLY D 159 -10.90 -7.91 8.27
N SER D 160 -10.87 -6.77 7.62
CA SER D 160 -11.17 -6.78 6.17
C SER D 160 -9.92 -7.15 5.36
N ASP D 161 -10.14 -7.61 4.14
CA ASP D 161 -9.08 -8.18 3.29
C ASP D 161 -8.69 -7.23 2.13
N ILE D 162 -7.95 -6.19 2.48
CA ILE D 162 -7.55 -5.16 1.54
C ILE D 162 -6.41 -5.66 0.62
N LYS D 163 -6.54 -5.42 -0.68
CA LYS D 163 -5.49 -5.83 -1.65
C LYS D 163 -4.67 -4.68 -2.15
N LEU D 164 -3.41 -4.95 -2.49
CA LEU D 164 -2.66 -4.15 -3.43
C LEU D 164 -3.07 -4.73 -4.77
N GLU D 165 -4.13 -4.16 -5.35
CA GLU D 165 -4.68 -4.75 -6.56
C GLU D 165 -3.78 -4.44 -7.77
N ASP D 166 -3.40 -5.47 -8.50
CA ASP D 166 -2.63 -5.26 -9.74
C ASP D 166 -3.60 -4.72 -10.82
N SER D 167 -3.54 -3.42 -11.10
CA SER D 167 -4.49 -2.81 -12.02
C SER D 167 -4.45 -3.43 -13.40
N LEU D 168 -3.28 -3.82 -13.85
CA LEU D 168 -3.19 -4.43 -15.15
C LEU D 168 -3.90 -5.79 -15.18
N TRP D 169 -3.50 -6.69 -14.28
CA TRP D 169 -4.07 -8.00 -14.22
C TRP D 169 -5.59 -7.96 -14.13
N VAL D 170 -6.15 -7.13 -13.23
CA VAL D 170 -7.61 -7.10 -13.12
C VAL D 170 -8.28 -6.49 -14.39
N SER D 171 -7.61 -5.57 -15.06
CA SER D 171 -8.13 -5.02 -16.33
C SER D 171 -8.17 -6.01 -17.51
N LEU D 172 -7.45 -7.13 -17.40
CA LEU D 172 -7.47 -8.16 -18.40
C LEU D 172 -8.55 -9.23 -18.18
N THR D 173 -9.48 -8.96 -17.25
CA THR D 173 -10.71 -9.71 -17.09
C THR D 173 -11.90 -8.77 -17.33
N ASP D 174 -12.83 -9.22 -18.15
CA ASP D 174 -14.05 -8.48 -18.40
C ASP D 174 -15.01 -8.95 -17.34
N GLN D 175 -15.24 -8.09 -16.35
CA GLN D 175 -16.10 -8.45 -15.24
C GLN D 175 -17.56 -8.59 -15.62
N HIS D 176 -17.99 -8.03 -16.76
CA HIS D 176 -19.38 -8.23 -17.19
C HIS D 176 -19.71 -9.71 -17.49
N VAL D 177 -18.76 -10.44 -18.08
CA VAL D 177 -18.94 -11.89 -18.32
C VAL D 177 -18.02 -12.76 -17.42
N GLN D 178 -17.21 -12.11 -16.59
CA GLN D 178 -16.24 -12.74 -15.71
C GLN D 178 -15.32 -13.68 -16.45
N LEU D 179 -14.71 -13.18 -17.51
CA LEU D 179 -13.76 -13.97 -18.26
C LEU D 179 -12.46 -13.23 -18.47
N PRO D 180 -11.33 -13.82 -18.08
CA PRO D 180 -10.10 -13.32 -18.67
C PRO D 180 -10.16 -13.24 -20.20
N MET D 181 -9.42 -12.31 -20.77
CA MET D 181 -9.36 -12.19 -22.24
C MET D 181 -8.96 -13.52 -22.90
N ALA D 182 -7.97 -14.20 -22.33
CA ALA D 182 -7.51 -15.49 -22.88
C ALA D 182 -8.65 -16.52 -22.94
N MET D 183 -9.56 -16.48 -21.98
CA MET D 183 -10.67 -17.44 -21.93
C MET D 183 -11.70 -17.14 -23.04
N THR D 184 -11.82 -15.88 -23.43
CA THR D 184 -12.65 -15.55 -24.58
C THR D 184 -12.02 -16.14 -25.85
N ALA D 185 -10.70 -16.18 -25.89
CA ALA D 185 -10.03 -16.82 -27.00
C ALA D 185 -10.23 -18.35 -26.99
N GLU D 186 -10.20 -18.95 -25.82
CA GLU D 186 -10.47 -20.40 -25.72
C GLU D 186 -11.86 -20.71 -26.22
N ASN D 187 -12.83 -19.86 -25.86
CA ASN D 187 -14.20 -19.97 -26.41
C ASN D 187 -14.22 -20.01 -27.95
N LEU D 188 -13.40 -19.18 -28.57
CA LEU D 188 -13.30 -19.20 -30.04
C LEU D 188 -12.62 -20.47 -30.53
N ALA D 189 -11.62 -20.96 -29.80
CA ALA D 189 -10.90 -22.18 -30.20
C ALA D 189 -11.87 -23.37 -30.24
N VAL D 190 -12.75 -23.43 -29.23
CA VAL D 190 -13.80 -24.45 -29.15
C VAL D 190 -14.85 -24.29 -30.24
N LYS D 191 -15.42 -23.08 -30.36
CA LYS D 191 -16.39 -22.78 -31.40
C LYS D 191 -15.89 -23.10 -32.83
N HIS D 192 -14.67 -22.74 -33.15
CA HIS D 192 -14.17 -22.87 -34.53
C HIS D 192 -13.27 -24.07 -34.79
N LYS D 193 -13.15 -24.94 -33.79
CA LYS D 193 -12.37 -26.18 -33.85
C LYS D 193 -10.91 -25.94 -34.15
N ILE D 194 -10.32 -25.01 -33.41
CA ILE D 194 -8.92 -24.66 -33.67
C ILE D 194 -8.10 -25.44 -32.67
N SER D 195 -7.11 -26.17 -33.15
CA SER D 195 -6.28 -26.96 -32.27
C SER D 195 -5.12 -26.18 -31.70
N ARG D 196 -4.58 -26.70 -30.61
CA ARG D 196 -3.36 -26.21 -30.00
C ARG D 196 -2.20 -26.17 -31.03
N GLU D 197 -2.08 -27.26 -31.80
CA GLU D 197 -1.01 -27.39 -32.79
C GLU D 197 -1.09 -26.27 -33.88
N GLU D 198 -2.30 -26.00 -34.37
CA GLU D 198 -2.52 -24.88 -35.33
C GLU D 198 -2.17 -23.50 -34.70
N CYS D 199 -2.47 -23.30 -33.42
CA CYS D 199 -2.09 -22.07 -32.71
C CYS D 199 -0.56 -21.87 -32.62
N ASP D 200 0.19 -22.93 -32.27
CA ASP D 200 1.64 -22.83 -32.14
C ASP D 200 2.31 -22.59 -33.50
N LYS D 201 1.76 -23.20 -34.55
CA LYS D 201 2.31 -22.96 -35.88
C LYS D 201 2.04 -21.51 -36.31
N TYR D 202 0.87 -20.97 -35.98
CA TYR D 202 0.58 -19.56 -36.27
C TYR D 202 1.62 -18.69 -35.49
N ALA D 203 1.84 -19.00 -34.20
CA ALA D 203 2.79 -18.24 -33.37
C ALA D 203 4.22 -18.24 -33.94
N LEU D 204 4.70 -19.42 -34.33
CA LEU D 204 6.01 -19.53 -34.99
C LEU D 204 6.10 -18.66 -36.25
N GLN D 205 5.08 -18.76 -37.08
CA GLN D 205 5.03 -17.92 -38.29
C GLN D 205 5.11 -16.43 -37.99
N SER D 206 4.43 -15.97 -36.93
CA SER D 206 4.52 -14.57 -36.57
C SER D 206 5.96 -14.19 -36.22
N GLN D 207 6.64 -15.01 -35.46
CA GLN D 207 8.02 -14.73 -35.08
C GLN D 207 8.90 -14.67 -36.33
N GLN D 208 8.72 -15.65 -37.20
CA GLN D 208 9.52 -15.72 -38.47
C GLN D 208 9.26 -14.53 -39.35
N ARG D 209 8.00 -14.16 -39.51
CA ARG D 209 7.66 -12.99 -40.33
C ARG D 209 8.22 -11.70 -39.74
N TRP D 210 8.12 -11.54 -38.41
CA TRP D 210 8.70 -10.37 -37.72
C TRP D 210 10.21 -10.27 -38.03
N LYS D 211 10.89 -11.38 -37.83
CA LYS D 211 12.34 -11.47 -37.98
C LYS D 211 12.76 -11.15 -39.43
N ALA D 212 12.12 -11.80 -40.40
CA ALA D 212 12.42 -11.52 -41.83
C ALA D 212 12.22 -10.03 -42.21
N ALA D 213 11.08 -9.48 -41.79
CA ALA D 213 10.76 -8.08 -42.09
C ALA D 213 11.73 -7.13 -41.42
N ASN D 214 12.05 -7.37 -40.16
CA ASN D 214 12.94 -6.49 -39.42
C ASN D 214 14.30 -6.45 -40.14
N ASP D 215 14.84 -7.62 -40.39
CA ASP D 215 16.14 -7.73 -41.06
C ASP D 215 16.14 -7.21 -42.48
N ALA D 216 15.01 -7.29 -43.16
CA ALA D 216 14.92 -6.73 -44.52
C ALA D 216 14.72 -5.22 -44.58
N GLY D 217 14.47 -4.57 -43.43
CA GLY D 217 14.30 -3.10 -43.42
C GLY D 217 12.85 -2.65 -43.56
N TYR D 218 11.89 -3.57 -43.42
CA TYR D 218 10.49 -3.25 -43.67
C TYR D 218 9.85 -2.44 -42.53
N PHE D 219 10.58 -2.28 -41.43
CA PHE D 219 10.12 -1.45 -40.31
C PHE D 219 10.86 -0.11 -40.28
N ASN D 220 11.79 0.10 -41.22
CA ASN D 220 12.65 1.28 -41.16
C ASN D 220 11.90 2.60 -41.32
N ASP D 221 11.02 2.70 -42.31
CA ASP D 221 10.32 3.95 -42.56
C ASP D 221 9.35 4.32 -41.40
N GLU D 222 8.75 3.31 -40.77
CA GLU D 222 7.79 3.57 -39.64
C GLU D 222 8.42 3.83 -38.27
N MET D 223 9.67 3.38 -38.09
CA MET D 223 10.31 3.35 -36.77
C MET D 223 10.76 4.73 -36.28
N ALA D 224 10.43 5.00 -35.02
CA ALA D 224 10.76 6.23 -34.32
C ALA D 224 11.69 5.81 -33.18
N PRO D 225 13.00 5.77 -33.46
CA PRO D 225 13.90 5.25 -32.47
C PRO D 225 13.91 6.05 -31.20
N ILE D 226 14.26 5.40 -30.10
CA ILE D 226 14.31 6.02 -28.78
C ILE D 226 15.65 5.73 -28.13
N GLU D 227 16.23 6.78 -27.53
CA GLU D 227 17.44 6.63 -26.72
C GLU D 227 17.14 6.02 -25.37
N VAL D 228 17.85 4.95 -25.00
CA VAL D 228 17.54 4.23 -23.75
C VAL D 228 18.82 4.01 -22.93
N LYS D 229 18.65 3.60 -21.69
CA LYS D 229 19.76 3.27 -20.80
C LYS D 229 20.00 1.79 -20.79
N THR D 230 21.26 1.42 -20.72
CA THR D 230 21.67 0.03 -20.62
C THR D 230 22.83 -0.02 -19.66
N LYS D 231 23.25 -1.22 -19.28
CA LYS D 231 24.41 -1.37 -18.41
C LYS D 231 25.66 -0.85 -19.13
N LYS D 232 25.57 -0.80 -20.46
CA LYS D 232 26.62 -0.24 -21.31
C LYS D 232 26.45 1.27 -21.60
N GLY D 233 25.53 1.95 -20.92
CA GLY D 233 25.31 3.37 -21.14
C GLY D 233 24.21 3.61 -22.18
N LYS D 234 24.13 4.84 -22.69
CA LYS D 234 23.08 5.24 -23.62
C LYS D 234 23.17 4.48 -24.92
N GLN D 235 22.03 4.01 -25.41
CA GLN D 235 21.98 3.38 -26.71
C GLN D 235 20.66 3.70 -27.40
N THR D 236 20.67 3.59 -28.73
CA THR D 236 19.49 3.84 -29.53
C THR D 236 18.69 2.53 -29.67
N MET D 237 17.45 2.55 -29.22
CA MET D 237 16.57 1.39 -29.39
C MET D 237 15.74 1.58 -30.67
N GLN D 238 15.86 0.64 -31.59
CA GLN D 238 15.14 0.69 -32.85
C GLN D 238 14.67 -0.66 -33.29
N VAL D 239 14.72 -1.63 -32.39
CA VAL D 239 14.24 -2.97 -32.67
C VAL D 239 13.26 -3.35 -31.57
N ASP D 240 12.17 -4.01 -31.95
CA ASP D 240 11.22 -4.51 -30.99
C ASP D 240 11.83 -5.50 -30.02
N GLU D 241 11.61 -5.28 -28.72
CA GLU D 241 12.26 -6.10 -27.70
C GLU D 241 11.56 -7.43 -27.41
N HIS D 242 10.25 -7.52 -27.58
CA HIS D 242 9.50 -8.73 -27.17
C HIS D 242 9.74 -9.93 -28.09
N ALA D 243 10.22 -9.68 -29.29
CA ALA D 243 10.34 -10.72 -30.30
C ALA D 243 11.32 -11.79 -29.84
N ARG D 244 11.05 -13.04 -30.26
CA ARG D 244 11.82 -14.20 -29.86
C ARG D 244 12.24 -14.93 -31.13
N PRO D 245 13.20 -14.35 -31.86
CA PRO D 245 13.64 -14.86 -33.17
C PRO D 245 14.39 -16.23 -33.18
N GLN D 246 14.63 -16.82 -32.02
CA GLN D 246 15.16 -18.20 -31.98
C GLN D 246 14.03 -19.19 -31.68
N THR D 247 12.78 -18.76 -31.75
CA THR D 247 11.66 -19.62 -31.40
C THR D 247 11.61 -20.83 -32.32
N THR D 248 11.33 -22.00 -31.76
CA THR D 248 11.05 -23.17 -32.58
C THR D 248 9.69 -23.73 -32.21
N LEU D 249 9.09 -24.47 -33.12
CA LEU D 249 7.87 -25.19 -32.84
C LEU D 249 8.02 -26.13 -31.63
N GLU D 250 9.18 -26.77 -31.50
CA GLU D 250 9.47 -27.67 -30.36
C GLU D 250 9.38 -26.95 -29.04
N GLN D 251 9.96 -25.75 -28.97
CA GLN D 251 9.84 -24.95 -27.74
C GLN D 251 8.39 -24.61 -27.42
N LEU D 252 7.62 -24.22 -28.45
CA LEU D 252 6.22 -23.84 -28.28
C LEU D 252 5.38 -25.02 -27.84
N GLN D 253 5.64 -26.18 -28.46
CA GLN D 253 4.95 -27.42 -28.08
C GLN D 253 5.13 -27.81 -26.60
N LYS D 254 6.25 -27.41 -26.00
CA LYS D 254 6.53 -27.75 -24.60
C LYS D 254 5.85 -26.85 -23.58
N LEU D 255 5.33 -25.70 -24.01
CA LEU D 255 4.72 -24.76 -23.08
C LEU D 255 3.37 -25.26 -22.61
N PRO D 256 3.05 -25.05 -21.34
CA PRO D 256 1.76 -25.48 -20.83
C PRO D 256 0.64 -24.47 -21.13
N PRO D 257 -0.60 -24.93 -21.30
CA PRO D 257 -1.67 -23.95 -21.39
C PRO D 257 -1.80 -23.18 -20.10
N VAL D 258 -2.04 -21.87 -20.18
CA VAL D 258 -1.98 -20.98 -19.00
C VAL D 258 -3.33 -20.82 -18.27
N PHE D 259 -4.42 -20.83 -19.01
CA PHE D 259 -5.71 -20.51 -18.43
C PHE D 259 -6.67 -21.70 -18.35
N LYS D 260 -6.43 -22.75 -19.14
CA LYS D 260 -7.40 -23.83 -19.30
C LYS D 260 -6.70 -25.17 -19.50
N LYS D 261 -7.17 -26.17 -18.78
CA LYS D 261 -6.62 -27.51 -18.90
C LYS D 261 -6.78 -27.98 -20.35
N ASP D 262 -5.70 -28.45 -20.94
CA ASP D 262 -5.70 -28.85 -22.36
C ASP D 262 -6.14 -27.72 -23.30
N GLY D 263 -5.93 -26.47 -22.89
CA GLY D 263 -6.37 -25.35 -23.69
C GLY D 263 -5.40 -25.08 -24.83
N THR D 264 -5.74 -24.10 -25.67
CA THR D 264 -4.88 -23.69 -26.75
C THR D 264 -3.92 -22.58 -26.36
N VAL D 265 -4.27 -21.76 -25.36
CA VAL D 265 -3.49 -20.54 -25.09
C VAL D 265 -2.31 -20.80 -24.16
N THR D 266 -1.11 -20.47 -24.62
CA THR D 266 0.09 -20.54 -23.80
C THR D 266 0.75 -19.16 -23.74
N ALA D 267 1.86 -19.07 -23.00
CA ALA D 267 2.64 -17.84 -22.97
C ALA D 267 3.32 -17.62 -24.30
N GLY D 268 3.44 -18.67 -25.10
CA GLY D 268 4.16 -18.61 -26.38
C GLY D 268 3.27 -18.28 -27.58
N ASN D 269 1.96 -18.39 -27.45
CA ASN D 269 1.07 -18.11 -28.57
C ASN D 269 0.04 -16.98 -28.32
N ALA D 270 0.22 -16.25 -27.23
CA ALA D 270 -0.56 -15.05 -26.91
C ALA D 270 0.33 -13.85 -27.08
N SER D 271 -0.25 -12.69 -27.34
CA SER D 271 0.51 -11.48 -27.38
C SER D 271 1.08 -11.16 -26.00
N GLY D 272 2.21 -10.52 -25.96
CA GLY D 272 2.81 -10.12 -24.70
C GLY D 272 2.29 -8.75 -24.30
N VAL D 273 2.26 -8.53 -22.99
CA VAL D 273 2.16 -7.22 -22.36
C VAL D 273 3.37 -6.40 -22.82
N ALA D 274 3.17 -5.15 -23.22
CA ALA D 274 4.30 -4.38 -23.80
C ALA D 274 4.07 -2.87 -23.67
N ASP D 275 5.11 -2.11 -23.96
CA ASP D 275 5.09 -0.65 -23.92
C ASP D 275 5.36 -0.11 -25.31
N GLY D 276 4.61 0.90 -25.74
CA GLY D 276 4.81 1.47 -27.08
C GLY D 276 3.76 2.46 -27.51
N ALA D 277 4.07 3.20 -28.58
CA ALA D 277 3.19 4.23 -29.11
C ALA D 277 3.36 4.42 -30.60
N GLY D 278 2.37 5.05 -31.19
CA GLY D 278 2.44 5.49 -32.55
C GLY D 278 1.75 6.81 -32.76
N ALA D 279 2.02 7.41 -33.93
CA ALA D 279 1.40 8.68 -34.27
C ALA D 279 1.13 8.74 -35.76
N VAL D 280 -0.10 9.09 -36.09
CA VAL D 280 -0.52 9.25 -37.47
C VAL D 280 -1.09 10.66 -37.63
N ILE D 281 -0.50 11.43 -38.56
CA ILE D 281 -1.00 12.77 -38.84
C ILE D 281 -1.88 12.71 -40.08
N ILE D 282 -3.12 13.19 -39.95
CA ILE D 282 -4.07 13.23 -41.05
C ILE D 282 -4.49 14.66 -41.35
N ALA D 283 -4.88 14.89 -42.60
CA ALA D 283 -5.19 16.22 -43.08
C ALA D 283 -6.26 16.16 -44.15
N SER D 284 -7.09 17.21 -44.18
CA SER D 284 -8.00 17.45 -45.24
C SER D 284 -7.25 17.65 -46.58
N GLU D 285 -7.95 17.42 -47.66
CA GLU D 285 -7.44 17.78 -48.99
C GLU D 285 -7.04 19.25 -49.01
N ASP D 286 -7.88 20.12 -48.46
CA ASP D 286 -7.61 21.58 -48.45
C ASP D 286 -6.32 21.88 -47.70
N ALA D 287 -6.06 21.17 -46.60
CA ALA D 287 -4.81 21.38 -45.84
C ALA D 287 -3.60 20.85 -46.61
N VAL D 288 -3.74 19.70 -47.26
CA VAL D 288 -2.63 19.13 -48.01
C VAL D 288 -2.19 20.14 -49.08
N LYS D 289 -3.17 20.76 -49.72
CA LYS D 289 -2.95 21.71 -50.81
C LYS D 289 -2.43 23.02 -50.28
N LYS D 290 -3.06 23.54 -49.21
CA LYS D 290 -2.60 24.76 -48.57
C LYS D 290 -1.18 24.65 -48.07
N HIS D 291 -0.83 23.53 -47.43
CA HIS D 291 0.50 23.44 -46.76
C HIS D 291 1.53 22.66 -47.55
N ASN D 292 1.16 22.21 -48.74
CA ASN D 292 2.06 21.38 -49.56
C ASN D 292 2.55 20.13 -48.84
N PHE D 293 1.67 19.46 -48.10
CA PHE D 293 1.99 18.18 -47.48
C PHE D 293 2.16 17.08 -48.51
N THR D 294 2.86 16.01 -48.12
CA THR D 294 3.06 14.86 -48.98
C THR D 294 2.19 13.68 -48.49
N PRO D 295 1.05 13.46 -49.15
CA PRO D 295 0.17 12.37 -48.71
C PRO D 295 0.76 11.01 -48.99
N LEU D 296 0.66 10.10 -48.02
CA LEU D 296 1.11 8.73 -48.16
C LEU D 296 -0.03 7.75 -48.45
N ALA D 297 -1.24 8.09 -48.02
CA ALA D 297 -2.42 7.26 -48.15
C ALA D 297 -3.62 8.14 -47.93
N ARG D 298 -4.76 7.66 -48.39
CA ARG D 298 -6.03 8.28 -48.13
C ARG D 298 -6.82 7.33 -47.28
N ILE D 299 -7.58 7.88 -46.30
CA ILE D 299 -8.48 7.03 -45.52
C ILE D 299 -9.73 6.89 -46.34
N VAL D 300 -10.13 5.67 -46.65
CA VAL D 300 -11.30 5.50 -47.48
C VAL D 300 -12.48 4.98 -46.72
N GLY D 301 -12.25 4.40 -45.54
CA GLY D 301 -13.36 3.97 -44.73
C GLY D 301 -12.96 3.34 -43.38
N TYR D 302 -13.96 3.17 -42.50
CA TYR D 302 -13.73 2.53 -41.22
C TYR D 302 -15.04 2.14 -40.65
N PHE D 303 -15.01 1.33 -39.61
CA PHE D 303 -16.22 0.86 -38.98
C PHE D 303 -15.88 0.33 -37.63
N VAL D 304 -16.77 0.60 -36.68
CA VAL D 304 -16.70 0.02 -35.38
C VAL D 304 -17.95 -0.81 -35.18
N SER D 305 -17.81 -2.04 -34.69
CA SER D 305 -18.97 -2.82 -34.24
C SER D 305 -18.83 -3.38 -32.81
N GLY D 306 -19.96 -3.59 -32.15
CA GLY D 306 -19.98 -4.41 -30.96
C GLY D 306 -20.17 -5.88 -31.33
N CYS D 307 -19.79 -6.77 -30.42
CA CYS D 307 -20.02 -8.23 -30.60
C CYS D 307 -20.10 -8.85 -29.22
N ASP D 308 -20.33 -10.16 -29.16
CA ASP D 308 -20.51 -10.85 -27.89
C ASP D 308 -19.20 -10.76 -27.06
N PRO D 309 -19.27 -10.20 -25.86
CA PRO D 309 -18.07 -10.06 -24.98
C PRO D 309 -17.39 -11.40 -24.66
N SER D 310 -18.19 -12.50 -24.58
CA SER D 310 -17.62 -13.82 -24.32
C SER D 310 -16.74 -14.34 -25.47
N ILE D 311 -16.91 -13.78 -26.65
CA ILE D 311 -16.05 -14.08 -27.80
C ILE D 311 -15.56 -12.77 -28.45
N MET D 312 -15.07 -11.85 -27.60
CA MET D 312 -14.65 -10.50 -28.05
C MET D 312 -13.65 -10.51 -29.22
N GLY D 313 -12.82 -11.53 -29.26
CA GLY D 313 -11.83 -11.70 -30.31
C GLY D 313 -12.32 -11.76 -31.73
N ILE D 314 -13.61 -12.05 -31.93
CA ILE D 314 -14.24 -12.06 -33.25
C ILE D 314 -14.62 -10.64 -33.76
N GLY D 315 -14.38 -9.60 -32.96
CA GLY D 315 -14.69 -8.22 -33.39
C GLY D 315 -14.28 -7.79 -34.79
N PRO D 316 -13.10 -8.23 -35.24
CA PRO D 316 -12.70 -7.82 -36.57
C PRO D 316 -13.64 -8.30 -37.69
N VAL D 317 -14.40 -9.38 -37.46
CA VAL D 317 -15.28 -9.92 -38.52
C VAL D 317 -16.37 -8.95 -38.93
N PRO D 318 -17.27 -8.50 -37.99
CA PRO D 318 -18.17 -7.49 -38.42
C PRO D 318 -17.50 -6.13 -38.73
N ALA D 319 -16.39 -5.79 -38.08
CA ALA D 319 -15.75 -4.52 -38.32
C ALA D 319 -15.17 -4.43 -39.74
N ILE D 320 -14.41 -5.44 -40.16
CA ILE D 320 -13.88 -5.49 -41.54
C ILE D 320 -14.99 -5.56 -42.58
N SER D 321 -15.98 -6.44 -42.37
CA SER D 321 -17.11 -6.58 -43.27
C SER D 321 -17.85 -5.26 -43.43
N GLY D 322 -18.16 -4.59 -42.31
CA GLY D 322 -18.91 -3.31 -42.34
C GLY D 322 -18.13 -2.23 -43.03
N ALA D 323 -16.83 -2.15 -42.78
CA ALA D 323 -15.99 -1.14 -43.42
C ALA D 323 -15.92 -1.37 -44.94
N LEU D 324 -15.68 -2.61 -45.35
CA LEU D 324 -15.65 -2.95 -46.80
C LEU D 324 -16.99 -2.62 -47.49
N LYS D 325 -18.10 -2.99 -46.85
CA LYS D 325 -19.41 -2.71 -47.34
C LYS D 325 -19.62 -1.22 -47.58
N LYS D 326 -19.24 -0.39 -46.60
CA LYS D 326 -19.39 1.05 -46.69
C LYS D 326 -18.58 1.60 -47.83
N ALA D 327 -17.37 1.07 -48.00
CA ALA D 327 -16.46 1.54 -49.02
C ALA D 327 -16.75 0.98 -50.42
N GLY D 328 -17.67 0.01 -50.53
CA GLY D 328 -17.99 -0.60 -51.82
C GLY D 328 -16.90 -1.50 -52.31
N LEU D 329 -16.15 -2.10 -51.38
CA LEU D 329 -15.00 -2.93 -51.71
C LEU D 329 -15.21 -4.32 -51.17
N SER D 330 -14.42 -5.26 -51.65
CA SER D 330 -14.51 -6.61 -51.13
C SER D 330 -13.15 -6.95 -50.57
N LEU D 331 -13.09 -8.04 -49.82
CA LEU D 331 -11.86 -8.53 -49.24
C LEU D 331 -10.84 -8.80 -50.32
N LYS D 332 -11.30 -9.26 -51.49
CA LYS D 332 -10.41 -9.52 -52.66
C LYS D 332 -9.71 -8.28 -53.13
N ASP D 333 -10.27 -7.11 -52.90
CA ASP D 333 -9.62 -5.84 -53.25
C ASP D 333 -8.49 -5.45 -52.31
N MET D 334 -8.40 -6.09 -51.15
CA MET D 334 -7.37 -5.75 -50.19
C MET D 334 -6.05 -6.37 -50.57
N ASP D 335 -5.01 -5.56 -50.75
CA ASP D 335 -3.66 -6.09 -50.95
C ASP D 335 -3.04 -6.60 -49.65
N LEU D 336 -3.47 -5.99 -48.53
CA LEU D 336 -2.95 -6.36 -47.20
C LEU D 336 -4.08 -6.30 -46.20
N VAL D 337 -4.08 -7.24 -45.28
CA VAL D 337 -4.99 -7.21 -44.13
C VAL D 337 -4.13 -7.34 -42.88
N GLU D 338 -4.53 -6.63 -41.82
CA GLU D 338 -3.92 -6.80 -40.51
C GLU D 338 -5.03 -7.04 -39.51
N VAL D 339 -4.87 -8.08 -38.71
CA VAL D 339 -5.79 -8.46 -37.66
C VAL D 339 -4.87 -8.62 -36.45
N ASN D 340 -5.04 -7.76 -35.47
CA ASN D 340 -4.13 -7.72 -34.33
C ASN D 340 -4.09 -9.12 -33.69
N GLU D 341 -2.89 -9.60 -33.43
CA GLU D 341 -2.68 -10.97 -32.90
C GLU D 341 -2.83 -11.01 -31.38
N ALA D 342 -4.02 -10.75 -30.83
CA ALA D 342 -4.18 -10.80 -29.42
C ALA D 342 -3.87 -12.19 -28.87
N PHE D 343 -4.45 -13.22 -29.49
CA PHE D 343 -4.15 -14.64 -29.18
C PHE D 343 -4.20 -15.44 -30.50
N ALA D 344 -3.32 -16.40 -30.69
CA ALA D 344 -3.31 -17.21 -31.92
C ALA D 344 -4.67 -17.79 -32.29
N PRO D 345 -5.37 -18.46 -31.33
CA PRO D 345 -6.71 -18.97 -31.65
C PRO D 345 -7.73 -17.88 -31.99
N GLN D 346 -7.58 -16.70 -31.38
CA GLN D 346 -8.47 -15.57 -31.71
C GLN D 346 -8.24 -15.14 -33.16
N TYR D 347 -6.99 -14.87 -33.49
CA TYR D 347 -6.65 -14.55 -34.88
C TYR D 347 -7.22 -15.64 -35.84
N LEU D 348 -6.93 -16.90 -35.57
CA LEU D 348 -7.35 -17.98 -36.47
C LEU D 348 -8.85 -18.07 -36.68
N ALA D 349 -9.64 -17.81 -35.63
CA ALA D 349 -11.08 -17.75 -35.75
C ALA D 349 -11.47 -16.68 -36.74
N VAL D 350 -10.78 -15.53 -36.71
CA VAL D 350 -11.10 -14.45 -37.64
C VAL D 350 -10.68 -14.86 -39.08
N GLU D 351 -9.52 -15.45 -39.22
CA GLU D 351 -9.00 -15.92 -40.53
C GLU D 351 -10.02 -16.87 -41.16
N ARG D 352 -10.54 -17.80 -40.36
CA ARG D 352 -11.53 -18.76 -40.84
C ARG D 352 -12.87 -18.10 -41.14
N SER D 353 -13.34 -17.18 -40.30
CA SER D 353 -14.66 -16.60 -40.53
C SER D 353 -14.72 -15.76 -41.78
N LEU D 354 -13.62 -15.10 -42.12
CA LEU D 354 -13.53 -14.22 -43.30
C LEU D 354 -12.81 -14.84 -44.47
N ASP D 355 -12.26 -16.05 -44.28
CA ASP D 355 -11.48 -16.75 -45.31
C ASP D 355 -10.32 -15.90 -45.80
N LEU D 356 -9.54 -15.35 -44.87
CA LEU D 356 -8.43 -14.48 -45.19
C LEU D 356 -7.31 -15.27 -45.83
N ASP D 357 -6.63 -14.65 -46.77
CA ASP D 357 -5.45 -15.21 -47.40
C ASP D 357 -4.24 -14.88 -46.55
N ILE D 358 -3.63 -15.91 -45.97
CA ILE D 358 -2.52 -15.75 -45.04
C ILE D 358 -1.28 -15.15 -45.69
N SER D 359 -1.17 -15.24 -47.02
CA SER D 359 -0.05 -14.63 -47.72
C SER D 359 -0.19 -13.10 -47.81
N LYS D 360 -1.38 -12.57 -47.53
CA LYS D 360 -1.61 -11.12 -47.51
C LYS D 360 -2.06 -10.58 -46.14
N THR D 361 -2.03 -11.44 -45.11
CA THR D 361 -2.53 -11.11 -43.77
C THR D 361 -1.39 -11.20 -42.74
N ASN D 362 -1.26 -10.15 -41.92
CA ASN D 362 -0.21 -10.04 -40.90
C ASN D 362 1.13 -10.46 -41.49
N VAL D 363 1.44 -9.87 -42.62
CA VAL D 363 2.61 -10.36 -43.48
C VAL D 363 3.97 -10.18 -42.85
N ASN D 364 4.08 -9.23 -41.94
CA ASN D 364 5.34 -8.95 -41.29
C ASN D 364 5.32 -9.21 -39.75
N GLY D 365 4.49 -10.16 -39.33
CA GLY D 365 4.37 -10.51 -37.94
C GLY D 365 3.39 -9.59 -37.25
N GLY D 366 3.29 -9.74 -35.93
CA GLY D 366 2.27 -9.06 -35.14
C GLY D 366 2.55 -9.16 -33.67
N ALA D 367 1.50 -8.90 -32.89
CA ALA D 367 1.60 -8.79 -31.46
C ALA D 367 2.15 -10.02 -30.74
N ILE D 368 1.99 -11.23 -31.28
CA ILE D 368 2.66 -12.39 -30.67
C ILE D 368 4.18 -12.17 -30.66
N ALA D 369 4.75 -11.62 -31.73
CA ALA D 369 6.16 -11.32 -31.81
C ALA D 369 6.51 -10.04 -31.09
N LEU D 370 5.84 -8.93 -31.41
CA LEU D 370 6.34 -7.66 -30.87
C LEU D 370 5.50 -7.09 -29.70
N GLY D 371 4.47 -7.80 -29.28
CA GLY D 371 3.65 -7.38 -28.10
C GLY D 371 2.44 -6.52 -28.44
N HIS D 372 1.55 -6.34 -27.45
CA HIS D 372 0.30 -5.61 -27.59
C HIS D 372 0.18 -4.49 -26.51
N PRO D 373 0.87 -3.35 -26.70
CA PRO D 373 0.61 -2.23 -25.84
C PRO D 373 -0.74 -1.69 -26.20
N LEU D 374 -1.69 -1.80 -25.28
CA LEU D 374 -3.11 -1.71 -25.62
C LEU D 374 -3.43 -0.58 -26.56
N GLY D 375 -3.15 0.66 -26.13
CA GLY D 375 -3.47 1.84 -26.90
C GLY D 375 -2.61 2.08 -28.13
N GLY D 376 -1.41 1.51 -28.11
CA GLY D 376 -0.46 1.66 -29.22
C GLY D 376 -0.62 0.77 -30.44
N SER D 377 -1.13 -0.44 -30.28
CA SER D 377 -1.13 -1.40 -31.35
C SER D 377 -1.82 -0.88 -32.59
N GLY D 378 -2.97 -0.23 -32.45
CA GLY D 378 -3.67 0.26 -33.65
C GLY D 378 -2.94 1.33 -34.42
N SER D 379 -2.19 2.17 -33.70
CA SER D 379 -1.34 3.15 -34.35
C SER D 379 -0.21 2.48 -35.10
N ARG D 380 0.46 1.50 -34.47
CA ARG D 380 1.51 0.75 -35.16
C ARG D 380 1.01 0.04 -36.42
N ILE D 381 -0.10 -0.66 -36.30
CA ILE D 381 -0.70 -1.36 -37.44
C ILE D 381 -0.98 -0.43 -38.61
N THR D 382 -1.66 0.68 -38.33
CA THR D 382 -1.89 1.68 -39.35
C THR D 382 -0.59 2.19 -39.98
N ALA D 383 0.39 2.56 -39.15
CA ALA D 383 1.63 3.09 -39.65
C ALA D 383 2.35 2.02 -40.48
N HIS D 384 2.34 0.76 -40.04
CA HIS D 384 2.92 -0.31 -40.81
C HIS D 384 2.21 -0.52 -42.19
N LEU D 385 0.88 -0.49 -42.20
CA LEU D 385 0.11 -0.66 -43.43
C LEU D 385 0.36 0.48 -44.42
N VAL D 386 0.45 1.70 -43.93
CA VAL D 386 0.75 2.86 -44.77
C VAL D 386 2.10 2.61 -45.52
N HIS D 387 3.13 2.22 -44.78
CA HIS D 387 4.46 2.08 -45.39
C HIS D 387 4.62 0.77 -46.19
N GLU D 388 4.04 -0.32 -45.68
CA GLU D 388 4.22 -1.60 -46.32
C GLU D 388 3.37 -1.69 -47.60
N LEU D 389 2.21 -1.04 -47.60
CA LEU D 389 1.39 -0.95 -48.80
C LEU D 389 2.13 -0.25 -49.92
N ARG D 390 2.78 0.86 -49.60
CA ARG D 390 3.59 1.61 -50.54
C ARG D 390 4.80 0.80 -51.03
N ARG D 391 5.47 0.08 -50.13
CA ARG D 391 6.60 -0.76 -50.49
C ARG D 391 6.23 -1.86 -51.46
N ARG D 392 5.05 -2.44 -51.30
CA ARG D 392 4.57 -3.46 -52.19
C ARG D 392 3.97 -2.94 -53.50
N GLY D 393 3.73 -1.63 -53.60
CA GLY D 393 3.04 -1.03 -54.73
C GLY D 393 1.57 -1.39 -54.81
N GLY D 394 0.97 -1.66 -53.65
CA GLY D 394 -0.39 -2.10 -53.61
C GLY D 394 -1.32 -0.91 -53.57
N LYS D 395 -2.60 -1.19 -53.69
CA LYS D 395 -3.62 -0.17 -53.75
C LYS D 395 -4.40 0.03 -52.40
N TYR D 396 -4.86 -1.06 -51.79
CA TYR D 396 -5.73 -0.98 -50.61
C TYR D 396 -5.21 -1.88 -49.47
N ALA D 397 -5.44 -1.46 -48.21
CA ALA D 397 -5.15 -2.29 -47.05
C ALA D 397 -6.21 -2.00 -45.97
N VAL D 398 -6.48 -2.98 -45.12
CA VAL D 398 -7.38 -2.81 -43.96
C VAL D 398 -6.72 -3.31 -42.69
N GLY D 399 -6.76 -2.50 -41.63
CA GLY D 399 -6.20 -2.88 -40.37
C GLY D 399 -7.32 -2.98 -39.38
N SER D 400 -7.23 -3.92 -38.43
CA SER D 400 -8.30 -4.15 -37.49
C SER D 400 -7.80 -4.68 -36.19
N ALA D 401 -8.69 -4.63 -35.18
CA ALA D 401 -8.38 -5.22 -33.90
C ALA D 401 -9.67 -5.61 -33.23
N CYS D 402 -9.63 -6.72 -32.49
CA CYS D 402 -10.62 -7.05 -31.51
C CYS D 402 -10.40 -6.20 -30.32
N ILE D 403 -11.46 -6.06 -29.52
CA ILE D 403 -11.49 -5.09 -28.42
C ILE D 403 -12.14 -5.76 -27.20
N GLY D 404 -11.38 -5.89 -26.11
CA GLY D 404 -11.87 -6.40 -24.86
C GLY D 404 -13.22 -5.80 -24.56
N GLY D 405 -14.12 -6.62 -24.03
CA GLY D 405 -15.45 -6.14 -23.70
C GLY D 405 -16.40 -6.41 -24.90
N GLY D 406 -15.84 -6.77 -26.05
CA GLY D 406 -16.66 -7.18 -27.22
C GLY D 406 -16.96 -6.12 -28.25
N GLN D 407 -15.92 -5.63 -28.90
CA GLN D 407 -16.04 -4.72 -30.02
C GLN D 407 -14.96 -5.08 -31.03
N GLY D 408 -15.09 -4.45 -32.19
CA GLY D 408 -14.07 -4.53 -33.24
C GLY D 408 -13.99 -3.22 -33.98
N ILE D 409 -12.85 -2.97 -34.57
CA ILE D 409 -12.60 -1.78 -35.32
C ILE D 409 -11.73 -2.12 -36.52
N ALA D 410 -12.06 -1.49 -37.65
CA ALA D 410 -11.30 -1.58 -38.86
C ALA D 410 -11.22 -0.23 -39.56
N VAL D 411 -10.07 0.01 -40.19
CA VAL D 411 -9.80 1.19 -40.98
C VAL D 411 -9.20 0.76 -42.32
N ILE D 412 -9.78 1.26 -43.42
CA ILE D 412 -9.25 0.98 -44.77
C ILE D 412 -8.50 2.17 -45.34
N ILE D 413 -7.32 1.90 -45.90
CA ILE D 413 -6.51 2.93 -46.54
C ILE D 413 -6.30 2.60 -48.02
N GLN D 414 -6.04 3.67 -48.78
CA GLN D 414 -5.68 3.57 -50.19
C GLN D 414 -4.33 4.28 -50.40
N SER D 415 -3.39 3.63 -51.05
CA SER D 415 -2.11 4.27 -51.38
C SER D 415 -2.33 5.46 -52.33
N THR D 416 -1.53 6.51 -52.22
CA THR D 416 -1.58 7.66 -53.13
C THR D 416 -0.39 7.63 -54.17
C1 EDO E . -8.42 -13.10 13.29
O1 EDO E . -7.04 -13.49 13.40
C2 EDO E . -9.14 -12.77 14.60
O2 EDO E . -8.63 -13.55 15.67
C1 EDO F . -9.83 -16.59 46.18
O1 EDO F . -9.21 -17.51 47.08
C2 EDO F . -10.14 -17.24 44.88
O2 EDO F . -10.85 -18.42 45.13
C1 EDO G . 0.16 13.66 28.65
O1 EDO G . -1.00 14.17 29.29
C2 EDO G . 0.56 14.53 27.49
O2 EDO G . -0.42 14.34 26.49
S1 DTT H . -15.46 -5.94 49.70
C1 DTT H . -15.55 -4.78 51.09
C2 DTT H . -14.41 -3.79 50.89
O2 DTT H . -13.24 -4.56 50.68
C3 DTT H . -14.21 -2.91 52.09
O3 DTT H . -12.97 -3.14 52.75
C4 DTT H . -14.15 -1.53 51.56
S4 DTT H . -13.85 -0.27 52.81
O1 MES I . -12.60 -4.47 19.78
C2 MES I . -12.87 -3.10 19.48
C3 MES I . -13.42 -2.75 18.11
N4 MES I . -13.06 -3.79 17.16
C5 MES I . -13.73 -5.00 17.65
C6 MES I . -13.12 -5.50 18.94
C7 MES I . -13.46 -3.57 15.73
C8 MES I . -13.88 -2.13 15.38
S MES I . -14.32 -2.01 13.76
O1S MES I . -15.07 -3.25 13.36
O2S MES I . -13.14 -1.96 12.88
O3S MES I . -15.13 -0.77 13.68
C1 EDO J . 19.45 4.67 7.40
O1 EDO J . 20.28 4.84 8.57
C2 EDO J . 18.10 5.36 7.59
O2 EDO J . 17.54 5.23 8.92
C1 EDO K . 42.85 -8.28 23.16
O1 EDO K . 43.36 -6.99 23.51
C2 EDO K . 43.01 -9.31 24.28
O2 EDO K . 44.06 -8.93 25.15
C1 EDO L . 26.73 -11.75 36.93
O1 EDO L . 26.07 -10.49 36.85
C2 EDO L . 27.20 -12.06 35.50
O2 EDO L . 28.39 -11.35 35.23
C1 EDO M . -4.55 6.57 13.15
O1 EDO M . -4.11 7.76 12.46
C2 EDO M . -3.58 6.15 14.25
O2 EDO M . -2.24 6.58 13.92
C1 EDO N . 10.17 -12.66 1.34
O1 EDO N . 9.03 -11.95 1.83
C2 EDO N . 11.07 -11.79 0.48
O2 EDO N . 11.47 -10.65 1.24
O1 MES O . 23.26 -3.75 3.20
C2 MES O . 22.86 -4.77 2.26
C3 MES O . 22.52 -4.26 0.85
N4 MES O . 21.55 -3.18 0.86
C5 MES O . 21.84 -2.24 1.99
C6 MES O . 23.20 -2.43 2.66
C7 MES O . 21.46 -2.43 -0.43
C8 MES O . 20.61 -3.13 -1.52
S MES O . 19.73 -2.05 -2.50
O1S MES O . 18.32 -2.00 -2.06
O2S MES O . 19.66 -2.54 -3.89
O3S MES O . 20.32 -0.69 -2.46
O1 MES P . -14.28 18.51 -1.34
C2 MES P . -13.10 19.22 -1.05
C3 MES P . -12.14 18.37 -0.23
N4 MES P . -12.80 17.90 1.01
C5 MES P . -14.07 17.22 0.67
C6 MES P . -14.96 18.16 -0.15
C7 MES P . -11.87 16.97 1.70
C8 MES P . -12.35 16.59 3.08
S MES P . -11.12 15.83 3.95
O1S MES P . -11.78 15.30 5.18
O2S MES P . -10.08 16.82 4.25
O3S MES P . -10.55 14.66 3.26
C1 EDO Q . -2.96 19.18 -5.32
O1 EDO Q . -2.63 18.70 -6.63
C2 EDO Q . -4.30 19.87 -5.19
O2 EDO Q . -4.65 20.69 -6.32
C1 EDO R . 1.04 37.35 -7.05
O1 EDO R . 1.01 36.00 -6.59
C2 EDO R . 0.42 38.34 -6.07
O2 EDO R . -0.58 37.65 -5.32
C1 EDO S . -26.01 35.79 -21.33
O1 EDO S . -26.42 37.00 -21.98
C2 EDO S . -24.90 36.07 -20.35
O2 EDO S . -24.78 37.45 -20.19
C1 EDO T . -25.09 3.73 -0.51
O1 EDO T . -24.94 4.71 0.54
C2 EDO T . -23.97 3.76 -1.58
O2 EDO T . -22.75 4.37 -1.16
C1 EDO U . 7.26 1.41 -13.45
O1 EDO U . 7.33 2.74 -12.91
C2 EDO U . 8.58 0.94 -14.02
O2 EDO U . 9.32 0.36 -12.95
C1 EDO V . -21.79 37.59 -9.43
O1 EDO V . -20.46 38.06 -9.51
C2 EDO V . -22.39 38.00 -8.08
O2 EDO V . -21.45 37.63 -7.07
C1 EDO W . -15.96 2.70 -1.88
O1 EDO W . -14.65 2.54 -2.42
C2 EDO W . -15.96 3.73 -0.76
O2 EDO W . -14.78 4.50 -0.86
C1 EDO X . -5.61 -12.12 -16.90
O1 EDO X . -6.36 -12.22 -18.12
C2 EDO X . -6.53 -11.88 -15.68
O2 EDO X . -7.38 -10.73 -15.83
C1 EDO Y . -7.40 -10.06 -48.78
O1 EDO Y . -7.73 -10.48 -50.11
C2 EDO Y . -6.73 -11.16 -47.97
O2 EDO Y . -7.73 -12.06 -47.56
C1 EDO Z . -11.33 20.20 -31.53
O1 EDO Z . -11.84 20.00 -32.86
C2 EDO Z . -11.77 19.15 -30.54
O2 EDO Z . -10.97 17.95 -30.57
C1 EDO AA . -17.17 6.51 -42.65
O1 EDO AA . -18.51 6.29 -42.97
C2 EDO AA . -16.28 5.91 -43.71
O2 EDO AA . -16.35 4.51 -43.74
C1 EDO BA . -2.64 -9.91 -23.07
O1 EDO BA . -1.44 -9.59 -23.80
C2 EDO BA . -3.84 -9.36 -23.82
O2 EDO BA . -3.94 -7.93 -23.72
C1 EDO CA . 16.82 -9.13 -34.20
O1 EDO CA . 16.62 -10.55 -34.24
C2 EDO CA . 17.04 -8.70 -35.64
O2 EDO CA . 18.16 -9.42 -36.21
O1 MES DA . 3.31 -10.62 -21.28
C2 MES DA . 2.83 -11.82 -20.71
C3 MES DA . 2.99 -11.70 -19.21
N4 MES DA . 4.41 -11.56 -18.83
C5 MES DA . 4.97 -10.35 -19.48
C6 MES DA . 4.69 -10.37 -21.00
C7 MES DA . 4.53 -11.53 -17.34
C8 MES DA . 5.99 -11.47 -16.86
S MES DA . 6.19 -12.00 -15.27
O1S MES DA . 7.65 -12.20 -15.08
O2S MES DA . 5.42 -13.27 -15.17
O3S MES DA . 5.68 -11.08 -14.23
#